data_1I0K
# 
_entry.id   1I0K 
# 
_audit_conform.dict_name       mmcif_pdbx.dic 
_audit_conform.dict_version    5.386 
_audit_conform.dict_location   http://mmcif.pdb.org/dictionaries/ascii/mmcif_pdbx.dic 
# 
loop_
_database_2.database_id 
_database_2.database_code 
_database_2.pdbx_database_accession 
_database_2.pdbx_DOI 
PDB   1I0K         pdb_00001i0k 10.2210/pdb1i0k/pdb 
NDB   AD0014       ?            ?                   
RCSB  RCSB012755   ?            ?                   
WWPDB D_1000012755 ?            ?                   
# 
loop_
_pdbx_audit_revision_history.ordinal 
_pdbx_audit_revision_history.data_content_type 
_pdbx_audit_revision_history.major_revision 
_pdbx_audit_revision_history.minor_revision 
_pdbx_audit_revision_history.revision_date 
1 'Structure model' 1 0 2001-04-04 
2 'Structure model' 1 1 2008-04-27 
3 'Structure model' 1 2 2011-07-13 
4 'Structure model' 1 3 2024-02-07 
# 
_pdbx_audit_revision_details.ordinal             1 
_pdbx_audit_revision_details.revision_ordinal    1 
_pdbx_audit_revision_details.data_content_type   'Structure model' 
_pdbx_audit_revision_details.provider            repository 
_pdbx_audit_revision_details.type                'Initial release' 
_pdbx_audit_revision_details.description         ? 
_pdbx_audit_revision_details.details             ? 
# 
loop_
_pdbx_audit_revision_group.ordinal 
_pdbx_audit_revision_group.revision_ordinal 
_pdbx_audit_revision_group.data_content_type 
_pdbx_audit_revision_group.group 
1 2 'Structure model' 'Version format compliance' 
2 3 'Structure model' 'Version format compliance' 
3 4 'Structure model' 'Data collection'           
4 4 'Structure model' 'Database references'       
5 4 'Structure model' 'Derived calculations'      
# 
loop_
_pdbx_audit_revision_category.ordinal 
_pdbx_audit_revision_category.revision_ordinal 
_pdbx_audit_revision_category.data_content_type 
_pdbx_audit_revision_category.category 
1 4 'Structure model' chem_comp_atom         
2 4 'Structure model' chem_comp_bond         
3 4 'Structure model' database_2             
4 4 'Structure model' pdbx_struct_conn_angle 
5 4 'Structure model' struct_conn            
6 4 'Structure model' struct_site            
# 
loop_
_pdbx_audit_revision_item.ordinal 
_pdbx_audit_revision_item.revision_ordinal 
_pdbx_audit_revision_item.data_content_type 
_pdbx_audit_revision_item.item 
1  4 'Structure model' '_database_2.pdbx_DOI'                        
2  4 'Structure model' '_database_2.pdbx_database_accession'         
3  4 'Structure model' '_pdbx_struct_conn_angle.ptnr1_auth_asym_id'  
4  4 'Structure model' '_pdbx_struct_conn_angle.ptnr1_auth_comp_id'  
5  4 'Structure model' '_pdbx_struct_conn_angle.ptnr1_auth_seq_id'   
6  4 'Structure model' '_pdbx_struct_conn_angle.ptnr1_label_asym_id' 
7  4 'Structure model' '_pdbx_struct_conn_angle.ptnr1_label_atom_id' 
8  4 'Structure model' '_pdbx_struct_conn_angle.ptnr1_label_comp_id' 
9  4 'Structure model' '_pdbx_struct_conn_angle.ptnr1_label_seq_id'  
10 4 'Structure model' '_pdbx_struct_conn_angle.ptnr1_symmetry'      
11 4 'Structure model' '_pdbx_struct_conn_angle.ptnr2_auth_seq_id'   
12 4 'Structure model' '_pdbx_struct_conn_angle.ptnr2_label_asym_id' 
13 4 'Structure model' '_pdbx_struct_conn_angle.ptnr3_auth_asym_id'  
14 4 'Structure model' '_pdbx_struct_conn_angle.ptnr3_auth_comp_id'  
15 4 'Structure model' '_pdbx_struct_conn_angle.ptnr3_auth_seq_id'   
16 4 'Structure model' '_pdbx_struct_conn_angle.ptnr3_label_asym_id' 
17 4 'Structure model' '_pdbx_struct_conn_angle.ptnr3_label_atom_id' 
18 4 'Structure model' '_pdbx_struct_conn_angle.ptnr3_label_comp_id' 
19 4 'Structure model' '_pdbx_struct_conn_angle.ptnr3_label_seq_id'  
20 4 'Structure model' '_pdbx_struct_conn_angle.ptnr3_symmetry'      
21 4 'Structure model' '_pdbx_struct_conn_angle.value'               
22 4 'Structure model' '_struct_conn.conn_type_id'                   
23 4 'Structure model' '_struct_conn.id'                             
24 4 'Structure model' '_struct_conn.pdbx_dist_value'                
25 4 'Structure model' '_struct_conn.pdbx_leaving_atom_flag'         
26 4 'Structure model' '_struct_conn.ptnr1_auth_asym_id'             
27 4 'Structure model' '_struct_conn.ptnr1_auth_comp_id'             
28 4 'Structure model' '_struct_conn.ptnr1_auth_seq_id'              
29 4 'Structure model' '_struct_conn.ptnr1_label_asym_id'            
30 4 'Structure model' '_struct_conn.ptnr1_label_atom_id'            
31 4 'Structure model' '_struct_conn.ptnr1_label_comp_id'            
32 4 'Structure model' '_struct_conn.ptnr1_label_seq_id'             
33 4 'Structure model' '_struct_conn.ptnr1_symmetry'                 
34 4 'Structure model' '_struct_conn.ptnr2_auth_asym_id'             
35 4 'Structure model' '_struct_conn.ptnr2_auth_comp_id'             
36 4 'Structure model' '_struct_conn.ptnr2_auth_seq_id'              
37 4 'Structure model' '_struct_conn.ptnr2_label_asym_id'            
38 4 'Structure model' '_struct_conn.ptnr2_label_atom_id'            
39 4 'Structure model' '_struct_conn.ptnr2_label_comp_id'            
40 4 'Structure model' '_struct_conn.ptnr2_label_seq_id'             
41 4 'Structure model' '_struct_conn.ptnr2_symmetry'                 
42 4 'Structure model' '_struct_site.pdbx_auth_asym_id'              
43 4 'Structure model' '_struct_site.pdbx_auth_comp_id'              
44 4 'Structure model' '_struct_site.pdbx_auth_seq_id'               
# 
_pdbx_database_status.status_code                     REL 
_pdbx_database_status.entry_id                        1I0K 
_pdbx_database_status.recvd_initial_deposition_date   2001-01-29 
_pdbx_database_status.deposit_site                    RCSB 
_pdbx_database_status.process_site                    RCSB 
_pdbx_database_status.status_code_sf                  REL 
_pdbx_database_status.SG_entry                        . 
_pdbx_database_status.pdb_format_compatible           Y 
_pdbx_database_status.status_code_mr                  ? 
_pdbx_database_status.status_code_cs                  ? 
_pdbx_database_status.status_code_nmr_data            ? 
_pdbx_database_status.methods_development_category    ? 
# 
loop_
_audit_author.name 
_audit_author.pdbx_ordinal 
'Tereshko, V.'  1 
'Wilds, C.J.'   2 
'Minasov, G.'   3 
'Prakash, T.P.' 4 
'Maier, M.A.'   5 
'Howard, A.'    6 
'Wawrzak, Z.'   7 
'Manoharan, M.' 8 
'Egli, M.'      9 
# 
_citation.id                        primary 
_citation.title                     
'Detection of alkali metal ions in DNA crystals using state-of-the-art X-ray diffraction experiments.' 
_citation.journal_abbrev            'Nucleic Acids Res.' 
_citation.journal_volume            29 
_citation.page_first                1208 
_citation.page_last                 1215 
_citation.year                      2001 
_citation.journal_id_ASTM           NARHAD 
_citation.country                   UK 
_citation.journal_id_ISSN           0305-1048 
_citation.journal_id_CSD            0389 
_citation.book_publisher            ? 
_citation.pdbx_database_id_PubMed   11222771 
_citation.pdbx_database_id_DOI      10.1093/nar/29.5.1208 
# 
loop_
_citation_author.citation_id 
_citation_author.name 
_citation_author.ordinal 
_citation_author.identifier_ORCID 
primary 'Tereshko, V.'  1 ? 
primary 'Wilds, C.J.'   2 ? 
primary 'Minasov, G.'   3 ? 
primary 'Prakash, T.P.' 4 ? 
primary 'Maier, M.A.'   5 ? 
primary 'Howard, A.'    6 ? 
primary 'Wawrzak, Z.'   7 ? 
primary 'Manoharan, M.' 8 ? 
primary 'Egli, M.'      9 ? 
# 
loop_
_entity.id 
_entity.type 
_entity.src_method 
_entity.pdbx_description 
_entity.formula_weight 
_entity.pdbx_number_of_molecules 
_entity.pdbx_ec 
_entity.pdbx_mutation 
_entity.pdbx_fragment 
_entity.details 
1 polymer     syn "5'-D(*GP*CP*GP*TP*AP*(126)P*AP*CP*GP*C)-3'" 3207.189 2   ? ? ? ? 
2 non-polymer syn 'CESIUM ION'                                 132.905  3   ? ? ? ? 
3 water       nat water                                        18.015   190 ? ? ? ? 
# 
_entity_poly.entity_id                      1 
_entity_poly.type                           polydeoxyribonucleotide 
_entity_poly.nstd_linkage                   no 
_entity_poly.nstd_monomer                   yes 
_entity_poly.pdbx_seq_one_letter_code       '(DG)(DC)(DG)(DT)(DA)(126)(DA)(DC)(DG)(DC)' 
_entity_poly.pdbx_seq_one_letter_code_can   GCGTAUACGC 
_entity_poly.pdbx_strand_id                 A,B 
_entity_poly.pdbx_target_identifier         ? 
# 
loop_
_pdbx_entity_nonpoly.entity_id 
_pdbx_entity_nonpoly.name 
_pdbx_entity_nonpoly.comp_id 
2 'CESIUM ION' CS  
3 water        HOH 
# 
loop_
_entity_poly_seq.entity_id 
_entity_poly_seq.num 
_entity_poly_seq.mon_id 
_entity_poly_seq.hetero 
1 1  DG  n 
1 2  DC  n 
1 3  DG  n 
1 4  DT  n 
1 5  DA  n 
1 6  126 n 
1 7  DA  n 
1 8  DC  n 
1 9  DG  n 
1 10 DC  n 
# 
loop_
_chem_comp.id 
_chem_comp.type 
_chem_comp.mon_nstd_flag 
_chem_comp.name 
_chem_comp.pdbx_synonyms 
_chem_comp.formula 
_chem_comp.formula_weight 
126 'RNA linking' n "2'-O-METHYL-[TRI(OXYETHYL)]-5-METHYL-URIDINE-5'-MONOPHOSPHATE" ? 'C17 H29 N2 O12 P' 484.392 
CS  non-polymer   . 'CESIUM ION'                                                    ? 'Cs 1'             132.905 
DA  'DNA linking' y "2'-DEOXYADENOSINE-5'-MONOPHOSPHATE"                            ? 'C10 H14 N5 O6 P'  331.222 
DC  'DNA linking' y "2'-DEOXYCYTIDINE-5'-MONOPHOSPHATE"                             ? 'C9 H14 N3 O7 P'   307.197 
DG  'DNA linking' y "2'-DEOXYGUANOSINE-5'-MONOPHOSPHATE"                            ? 'C10 H14 N5 O7 P'  347.221 
DT  'DNA linking' y "THYMIDINE-5'-MONOPHOSPHATE"                                    ? 'C10 H15 N2 O8 P'  322.208 
HOH non-polymer   . WATER                                                           ? 'H2 O'             18.015  
# 
loop_
_pdbx_poly_seq_scheme.asym_id 
_pdbx_poly_seq_scheme.entity_id 
_pdbx_poly_seq_scheme.seq_id 
_pdbx_poly_seq_scheme.mon_id 
_pdbx_poly_seq_scheme.ndb_seq_num 
_pdbx_poly_seq_scheme.pdb_seq_num 
_pdbx_poly_seq_scheme.auth_seq_num 
_pdbx_poly_seq_scheme.pdb_mon_id 
_pdbx_poly_seq_scheme.auth_mon_id 
_pdbx_poly_seq_scheme.pdb_strand_id 
_pdbx_poly_seq_scheme.pdb_ins_code 
_pdbx_poly_seq_scheme.hetero 
A 1 1  DG  1  1  1  DG  G   A . n 
A 1 2  DC  2  2  2  DC  C   A . n 
A 1 3  DG  3  3  3  DG  G   A . n 
A 1 4  DT  4  4  4  DT  T   A . n 
A 1 5  DA  5  5  5  DA  A   A . n 
A 1 6  126 6  6  6  126 126 A . n 
A 1 7  DA  7  7  7  DA  A   A . n 
A 1 8  DC  8  8  8  DC  C   A . n 
A 1 9  DG  9  9  9  DG  G   A . n 
A 1 10 DC  10 10 10 DC  C   A . n 
B 1 1  DG  1  11 11 DG  G   B . n 
B 1 2  DC  2  12 12 DC  C   B . n 
B 1 3  DG  3  13 13 DG  G   B . n 
B 1 4  DT  4  14 14 DT  T   B . n 
B 1 5  DA  5  15 15 DA  A   B . n 
B 1 6  126 6  16 16 126 126 B . n 
B 1 7  DA  7  17 17 DA  A   B . n 
B 1 8  DC  8  18 18 DC  C   B . n 
B 1 9  DG  9  19 19 DG  G   B . n 
B 1 10 DC  10 20 20 DC  C   B . n 
# 
loop_
_pdbx_nonpoly_scheme.asym_id 
_pdbx_nonpoly_scheme.entity_id 
_pdbx_nonpoly_scheme.mon_id 
_pdbx_nonpoly_scheme.ndb_seq_num 
_pdbx_nonpoly_scheme.pdb_seq_num 
_pdbx_nonpoly_scheme.auth_seq_num 
_pdbx_nonpoly_scheme.pdb_mon_id 
_pdbx_nonpoly_scheme.auth_mon_id 
_pdbx_nonpoly_scheme.pdb_strand_id 
_pdbx_nonpoly_scheme.pdb_ins_code 
C 2 CS  1  21  21  CS  CS  A . 
D 2 CS  1  22  22  CS  CS  A . 
E 2 CS  1  23  23  CS  CS  B . 
F 3 HOH 1  103 103 HOH HOH A . 
F 3 HOH 2  104 104 HOH HOH A . 
F 3 HOH 3  105 105 HOH HOH A . 
F 3 HOH 4  106 106 HOH HOH A . 
F 3 HOH 5  107 107 HOH HOH A . 
F 3 HOH 6  108 108 HOH HOH A . 
F 3 HOH 7  109 109 HOH HOH A . 
F 3 HOH 8  111 111 HOH HOH A . 
F 3 HOH 9  112 112 HOH HOH A . 
F 3 HOH 10 114 114 HOH HOH A . 
F 3 HOH 11 117 117 HOH HOH A . 
F 3 HOH 12 118 118 HOH HOH A . 
F 3 HOH 13 120 120 HOH HOH A . 
F 3 HOH 14 121 121 HOH HOH A . 
F 3 HOH 15 122 122 HOH HOH A . 
F 3 HOH 16 124 124 HOH HOH A . 
F 3 HOH 17 125 125 HOH HOH A . 
F 3 HOH 18 126 126 HOH HOH A . 
F 3 HOH 19 130 130 HOH HOH A . 
F 3 HOH 20 132 132 HOH HOH A . 
F 3 HOH 21 134 134 HOH HOH A . 
F 3 HOH 22 139 139 HOH HOH A . 
F 3 HOH 23 141 141 HOH HOH A . 
F 3 HOH 24 143 143 HOH HOH A . 
F 3 HOH 25 145 145 HOH HOH A . 
F 3 HOH 26 146 146 HOH HOH A . 
F 3 HOH 27 147 147 HOH HOH A . 
F 3 HOH 28 148 148 HOH HOH A . 
F 3 HOH 29 149 149 HOH HOH A . 
F 3 HOH 30 150 150 HOH HOH A . 
F 3 HOH 31 151 151 HOH HOH A . 
F 3 HOH 32 152 152 HOH HOH A . 
F 3 HOH 33 154 154 HOH HOH A . 
F 3 HOH 34 156 156 HOH HOH A . 
F 3 HOH 35 158 158 HOH HOH A . 
F 3 HOH 36 161 161 HOH HOH A . 
F 3 HOH 37 163 163 HOH HOH A . 
F 3 HOH 38 164 164 HOH HOH A . 
F 3 HOH 39 166 166 HOH HOH A . 
F 3 HOH 40 167 167 HOH HOH A . 
F 3 HOH 41 169 169 HOH HOH A . 
F 3 HOH 42 171 171 HOH HOH A . 
F 3 HOH 43 176 176 HOH HOH A . 
F 3 HOH 44 179 179 HOH HOH A . 
F 3 HOH 45 180 180 HOH HOH A . 
F 3 HOH 46 181 181 HOH HOH A . 
F 3 HOH 47 182 182 HOH HOH A . 
F 3 HOH 48 183 183 HOH HOH A . 
F 3 HOH 49 184 184 HOH HOH A . 
F 3 HOH 50 185 185 HOH HOH A . 
F 3 HOH 51 186 186 HOH HOH A . 
F 3 HOH 52 187 187 HOH HOH A . 
F 3 HOH 53 189 189 HOH HOH A . 
F 3 HOH 54 190 190 HOH HOH A . 
F 3 HOH 55 194 194 HOH HOH A . 
F 3 HOH 56 195 195 HOH HOH A . 
F 3 HOH 57 196 196 HOH HOH A . 
F 3 HOH 58 198 198 HOH HOH A . 
F 3 HOH 59 199 199 HOH HOH A . 
F 3 HOH 60 205 205 HOH HOH A . 
F 3 HOH 61 209 209 HOH HOH A . 
F 3 HOH 62 211 211 HOH HOH A . 
F 3 HOH 63 212 212 HOH HOH A . 
F 3 HOH 64 215 215 HOH HOH A . 
F 3 HOH 65 219 219 HOH HOH A . 
F 3 HOH 66 221 221 HOH HOH A . 
F 3 HOH 67 224 224 HOH HOH A . 
F 3 HOH 68 226 226 HOH HOH A . 
F 3 HOH 69 231 231 HOH HOH A . 
F 3 HOH 70 234 234 HOH HOH A . 
F 3 HOH 71 238 238 HOH HOH A . 
F 3 HOH 72 240 240 HOH HOH A . 
F 3 HOH 73 244 244 HOH HOH A . 
F 3 HOH 74 254 254 HOH HOH A . 
F 3 HOH 75 255 255 HOH HOH A . 
F 3 HOH 76 257 257 HOH HOH A . 
F 3 HOH 77 258 258 HOH HOH A . 
F 3 HOH 78 261 261 HOH HOH A . 
F 3 HOH 79 267 267 HOH HOH A . 
F 3 HOH 80 268 268 HOH HOH A . 
F 3 HOH 81 269 269 HOH HOH A . 
F 3 HOH 82 271 271 HOH HOH A . 
F 3 HOH 83 272 272 HOH HOH A . 
F 3 HOH 84 273 273 HOH HOH A . 
F 3 HOH 85 274 274 HOH HOH A . 
F 3 HOH 86 275 275 HOH HOH A . 
F 3 HOH 87 277 277 HOH HOH A . 
F 3 HOH 88 278 278 HOH HOH A . 
F 3 HOH 89 279 279 HOH HOH A . 
F 3 HOH 90 281 281 HOH HOH A . 
F 3 HOH 91 282 282 HOH HOH A . 
F 3 HOH 92 284 284 HOH HOH A . 
F 3 HOH 93 287 287 HOH HOH A . 
F 3 HOH 94 290 290 HOH HOH A . 
F 3 HOH 95 291 291 HOH HOH A . 
G 3 HOH 1  24  24  HOH HOH B . 
G 3 HOH 2  110 110 HOH HOH B . 
G 3 HOH 3  113 113 HOH HOH B . 
G 3 HOH 4  115 115 HOH HOH B . 
G 3 HOH 5  116 116 HOH HOH B . 
G 3 HOH 6  119 119 HOH HOH B . 
G 3 HOH 7  123 123 HOH HOH B . 
G 3 HOH 8  127 127 HOH HOH B . 
G 3 HOH 9  128 128 HOH HOH B . 
G 3 HOH 10 129 129 HOH HOH B . 
G 3 HOH 11 131 131 HOH HOH B . 
G 3 HOH 12 133 133 HOH HOH B . 
G 3 HOH 13 135 135 HOH HOH B . 
G 3 HOH 14 136 136 HOH HOH B . 
G 3 HOH 15 137 137 HOH HOH B . 
G 3 HOH 16 138 138 HOH HOH B . 
G 3 HOH 17 140 140 HOH HOH B . 
G 3 HOH 18 142 142 HOH HOH B . 
G 3 HOH 19 144 144 HOH HOH B . 
G 3 HOH 20 153 153 HOH HOH B . 
G 3 HOH 21 155 155 HOH HOH B . 
G 3 HOH 22 157 157 HOH HOH B . 
G 3 HOH 23 159 159 HOH HOH B . 
G 3 HOH 24 160 160 HOH HOH B . 
G 3 HOH 25 162 162 HOH HOH B . 
G 3 HOH 26 165 165 HOH HOH B . 
G 3 HOH 27 168 168 HOH HOH B . 
G 3 HOH 28 170 170 HOH HOH B . 
G 3 HOH 29 172 172 HOH HOH B . 
G 3 HOH 30 173 173 HOH HOH B . 
G 3 HOH 31 174 174 HOH HOH B . 
G 3 HOH 32 175 175 HOH HOH B . 
G 3 HOH 33 177 177 HOH HOH B . 
G 3 HOH 34 178 178 HOH HOH B . 
G 3 HOH 35 188 188 HOH HOH B . 
G 3 HOH 36 191 191 HOH HOH B . 
G 3 HOH 37 192 192 HOH HOH B . 
G 3 HOH 38 193 193 HOH HOH B . 
G 3 HOH 39 197 197 HOH HOH B . 
G 3 HOH 40 200 200 HOH HOH B . 
G 3 HOH 41 201 201 HOH HOH B . 
G 3 HOH 42 202 202 HOH HOH B . 
G 3 HOH 43 203 203 HOH HOH B . 
G 3 HOH 44 204 204 HOH HOH B . 
G 3 HOH 45 206 206 HOH HOH B . 
G 3 HOH 46 207 207 HOH HOH B . 
G 3 HOH 47 208 208 HOH HOH B . 
G 3 HOH 48 210 210 HOH HOH B . 
G 3 HOH 49 213 213 HOH HOH B . 
G 3 HOH 50 214 214 HOH HOH B . 
G 3 HOH 51 216 216 HOH HOH B . 
G 3 HOH 52 217 217 HOH HOH B . 
G 3 HOH 53 218 218 HOH HOH B . 
G 3 HOH 54 220 220 HOH HOH B . 
G 3 HOH 55 222 222 HOH HOH B . 
G 3 HOH 56 223 223 HOH HOH B . 
G 3 HOH 57 225 225 HOH HOH B . 
G 3 HOH 58 227 227 HOH HOH B . 
G 3 HOH 59 228 228 HOH HOH B . 
G 3 HOH 60 229 229 HOH HOH B . 
G 3 HOH 61 230 230 HOH HOH B . 
G 3 HOH 62 232 232 HOH HOH B . 
G 3 HOH 63 233 233 HOH HOH B . 
G 3 HOH 64 235 235 HOH HOH B . 
G 3 HOH 65 236 236 HOH HOH B . 
G 3 HOH 66 237 237 HOH HOH B . 
G 3 HOH 67 239 239 HOH HOH B . 
G 3 HOH 68 241 241 HOH HOH B . 
G 3 HOH 69 242 242 HOH HOH B . 
G 3 HOH 70 243 243 HOH HOH B . 
G 3 HOH 71 245 245 HOH HOH B . 
G 3 HOH 72 246 246 HOH HOH B . 
G 3 HOH 73 247 247 HOH HOH B . 
G 3 HOH 74 248 248 HOH HOH B . 
G 3 HOH 75 249 249 HOH HOH B . 
G 3 HOH 76 250 250 HOH HOH B . 
G 3 HOH 77 251 251 HOH HOH B . 
G 3 HOH 78 252 252 HOH HOH B . 
G 3 HOH 79 253 253 HOH HOH B . 
G 3 HOH 80 256 256 HOH HOH B . 
G 3 HOH 81 259 259 HOH HOH B . 
G 3 HOH 82 260 260 HOH HOH B . 
G 3 HOH 83 262 262 HOH HOH B . 
G 3 HOH 84 263 263 HOH HOH B . 
G 3 HOH 85 264 264 HOH HOH B . 
G 3 HOH 86 265 265 HOH HOH B . 
G 3 HOH 87 266 266 HOH HOH B . 
G 3 HOH 88 270 270 HOH HOH B . 
G 3 HOH 89 276 276 HOH HOH B . 
G 3 HOH 90 280 280 HOH HOH B . 
G 3 HOH 91 285 285 HOH HOH B . 
G 3 HOH 92 286 286 HOH HOH B . 
G 3 HOH 93 288 288 HOH HOH B . 
G 3 HOH 94 289 289 HOH HOH B . 
G 3 HOH 95 292 292 HOH HOH B . 
# 
loop_
_software.name 
_software.classification 
_software.version 
_software.citation_id 
_software.pdbx_ordinal 
DENZO     'data reduction' . ? 1 
SCALEPACK 'data scaling'   . ? 2 
AMoRE     phasing          . ? 3 
SHELXL-97 refinement       . ? 4 
# 
_cell.entry_id           1I0K 
_cell.length_a           24.87 
_cell.length_b           44.68 
_cell.length_c           44.69 
_cell.angle_alpha        90 
_cell.angle_beta         90 
_cell.angle_gamma        90 
_cell.Z_PDB              8 
_cell.pdbx_unique_axis   ? 
# 
_symmetry.entry_id                         1I0K 
_symmetry.space_group_name_H-M             'P 21 21 21' 
_symmetry.pdbx_full_space_group_name_H-M   ? 
_symmetry.cell_setting                     orthorhombic 
_symmetry.Int_Tables_number                19 
# 
_exptl.entry_id          1I0K 
_exptl.method            'X-RAY DIFFRACTION' 
_exptl.crystals_number   1 
# 
_exptl_crystal.id                    1 
_exptl_crystal.density_meas          ? 
_exptl_crystal.density_Matthews      1.86 
_exptl_crystal.density_percent_sol   33.91 
_exptl_crystal.description           ? 
# 
_exptl_crystal_grow.crystal_id      1 
_exptl_crystal_grow.method          'VAPOR DIFFUSION, HANGING DROP' 
_exptl_crystal_grow.temp            298 
_exptl_crystal_grow.temp_details    ? 
_exptl_crystal_grow.pH              6.0 
_exptl_crystal_grow.pdbx_details    'cs salt, pH 6.0, VAPOR DIFFUSION, HANGING DROP at 298 K' 
_exptl_crystal_grow.pdbx_pH_range   ? 
# 
_diffrn.id                     1 
_diffrn.ambient_temp           100 
_diffrn.ambient_temp_details   ? 
_diffrn.crystal_id             1 
# 
_diffrn_detector.diffrn_id              1 
_diffrn_detector.detector               CCD 
_diffrn_detector.type                   MARRESEARCH 
_diffrn_detector.pdbx_collection_date   1999-11-01 
_diffrn_detector.details                ? 
# 
_diffrn_radiation.diffrn_id                        1 
_diffrn_radiation.wavelength_id                    1 
_diffrn_radiation.pdbx_monochromatic_or_laue_m_l   M 
_diffrn_radiation.monochromator                    ? 
_diffrn_radiation.pdbx_diffrn_protocol             'SINGLE WAVELENGTH' 
_diffrn_radiation.pdbx_scattering_type             x-ray 
# 
_diffrn_radiation_wavelength.id           1 
_diffrn_radiation_wavelength.wavelength   0.9500 
_diffrn_radiation_wavelength.wt           1.0 
# 
_diffrn_source.diffrn_id                   1 
_diffrn_source.source                      SYNCHROTRON 
_diffrn_source.type                        'APS BEAMLINE 17-ID' 
_diffrn_source.pdbx_synchrotron_site       APS 
_diffrn_source.pdbx_synchrotron_beamline   17-ID 
_diffrn_source.pdbx_wavelength             ? 
_diffrn_source.pdbx_wavelength_list        0.9500 
# 
_reflns.entry_id                     1I0K 
_reflns.observed_criterion_sigma_I   0 
_reflns.observed_criterion_sigma_F   0 
_reflns.d_resolution_low             20 
_reflns.d_resolution_high            1.05 
_reflns.number_obs                   19840 
_reflns.number_all                   19840 
_reflns.percent_possible_obs         95.1 
_reflns.pdbx_Rmerge_I_obs            ? 
_reflns.pdbx_Rsym_value              ? 
_reflns.pdbx_netI_over_sigmaI        ? 
_reflns.B_iso_Wilson_estimate        ? 
_reflns.pdbx_redundancy              ? 
_reflns.R_free_details               ? 
_reflns.pdbx_diffrn_id               1 
_reflns.pdbx_ordinal                 1 
# 
_refine.entry_id                                 1I0K 
_refine.ls_number_reflns_obs                     19840 
_refine.ls_number_reflns_all                     19840 
_refine.pdbx_ls_sigma_I                          0 
_refine.pdbx_ls_sigma_F                          0 
_refine.pdbx_data_cutoff_high_absF               ? 
_refine.pdbx_data_cutoff_low_absF                ? 
_refine.ls_d_res_low                             20 
_refine.ls_d_res_high                            1.05 
_refine.ls_percent_reflns_obs                    ? 
_refine.ls_R_factor_obs                          0.161 
_refine.ls_R_factor_all                          ? 
_refine.ls_R_factor_R_work                       0.161 
_refine.ls_R_factor_R_free                       0.178 
_refine.ls_R_factor_R_free_error                 ? 
_refine.ls_R_factor_R_free_error_details         ? 
_refine.ls_percent_reflns_R_free                 ? 
_refine.ls_number_reflns_R_free                  ? 
_refine.ls_number_parameters                     ? 
_refine.ls_number_restraints                     ? 
_refine.occupancy_min                            ? 
_refine.occupancy_max                            ? 
_refine.B_iso_mean                               ? 
_refine.aniso_B[1][1]                            ? 
_refine.aniso_B[2][2]                            ? 
_refine.aniso_B[3][3]                            ? 
_refine.aniso_B[1][2]                            ? 
_refine.aniso_B[1][3]                            ? 
_refine.aniso_B[2][3]                            ? 
_refine.solvent_model_details                    ? 
_refine.solvent_model_param_ksol                 ? 
_refine.solvent_model_param_bsol                 ? 
_refine.pdbx_ls_cross_valid_method               THROUGHOUT 
_refine.details                                  ? 
_refine.pdbx_starting_model                      ? 
_refine.pdbx_method_to_determine_struct          'MOLECULAR REPLACEMENT' 
_refine.pdbx_isotropic_thermal_model             ? 
_refine.pdbx_stereochemistry_target_values       ? 
_refine.pdbx_stereochem_target_val_spec_case     ? 
_refine.pdbx_R_Free_selection_details            random 
_refine.pdbx_overall_ESU_R_Free                  ? 
_refine.overall_SU_B                             ? 
_refine.ls_redundancy_reflns_obs                 ? 
_refine.overall_SU_ML                            ? 
_refine.pdbx_overall_ESU_R                       ? 
_refine.pdbx_data_cutoff_high_rms_absF           ? 
_refine.correlation_coeff_Fo_to_Fc               ? 
_refine.correlation_coeff_Fo_to_Fc_free          ? 
_refine.overall_SU_R_Cruickshank_DPI             ? 
_refine.overall_SU_R_free                        ? 
_refine.pdbx_refine_id                           'X-RAY DIFFRACTION' 
_refine.pdbx_diffrn_id                           1 
_refine.pdbx_TLS_residual_ADP_flag               ? 
_refine.pdbx_solvent_vdw_probe_radii             ? 
_refine.pdbx_solvent_ion_probe_radii             ? 
_refine.pdbx_solvent_shrinkage_radii             ? 
_refine.pdbx_overall_phase_error                 ? 
_refine.pdbx_overall_SU_R_free_Cruickshank_DPI   ? 
_refine.pdbx_overall_SU_R_Blow_DPI               ? 
_refine.pdbx_overall_SU_R_free_Blow_DPI          ? 
# 
_refine_hist.pdbx_refine_id                   'X-RAY DIFFRACTION' 
_refine_hist.cycle_id                         LAST 
_refine_hist.pdbx_number_atoms_protein        0 
_refine_hist.pdbx_number_atoms_nucleic_acid   426 
_refine_hist.pdbx_number_atoms_ligand         3 
_refine_hist.number_atoms_solvent             190 
_refine_hist.number_atoms_total               619 
_refine_hist.d_res_high                       1.05 
_refine_hist.d_res_low                        20 
# 
_struct.entry_id                  1I0K 
_struct.title                     
;1.05 A STRUCTURE OF THE A-DECAMER GCGTATACGC WITH A SINGLE 2'-O-METHYL-[TRI(OXYETHYL)] THYMINE IN PLACE OF T6, MEDIUM CS-SALT
;
_struct.pdbx_model_details        ? 
_struct.pdbx_CASP_flag            ? 
_struct.pdbx_model_type_details   ? 
# 
_struct_keywords.entry_id        1I0K 
_struct_keywords.pdbx_keywords   DNA 
_struct_keywords.text            'A-form double helix, modified sugar, DNA' 
# 
loop_
_struct_asym.id 
_struct_asym.pdbx_blank_PDB_chainid_flag 
_struct_asym.pdbx_modified 
_struct_asym.entity_id 
_struct_asym.details 
A N N 1 ? 
B N N 1 ? 
C N N 2 ? 
D N N 2 ? 
E N N 2 ? 
F N N 3 ? 
G N N 3 ? 
# 
_struct_ref.id                         1 
_struct_ref.entity_id                  1 
_struct_ref.db_name                    PDB 
_struct_ref.db_code                    1I0K 
_struct_ref.pdbx_db_accession          1I0K 
_struct_ref.pdbx_db_isoform            ? 
_struct_ref.pdbx_seq_one_letter_code   ? 
_struct_ref.pdbx_align_begin           ? 
# 
loop_
_struct_ref_seq.align_id 
_struct_ref_seq.ref_id 
_struct_ref_seq.pdbx_PDB_id_code 
_struct_ref_seq.pdbx_strand_id 
_struct_ref_seq.seq_align_beg 
_struct_ref_seq.pdbx_seq_align_beg_ins_code 
_struct_ref_seq.seq_align_end 
_struct_ref_seq.pdbx_seq_align_end_ins_code 
_struct_ref_seq.pdbx_db_accession 
_struct_ref_seq.db_align_beg 
_struct_ref_seq.pdbx_db_align_beg_ins_code 
_struct_ref_seq.db_align_end 
_struct_ref_seq.pdbx_db_align_end_ins_code 
_struct_ref_seq.pdbx_auth_seq_align_beg 
_struct_ref_seq.pdbx_auth_seq_align_end 
1 1 1I0K A 1 ? 10 ? 1I0K 1  ? 10 ? 1  10 
2 1 1I0K B 1 ? 10 ? 1I0K 11 ? 20 ? 11 20 
# 
_pdbx_struct_assembly.id                   1 
_pdbx_struct_assembly.details              author_defined_assembly 
_pdbx_struct_assembly.method_details       ? 
_pdbx_struct_assembly.oligomeric_details   dimeric 
_pdbx_struct_assembly.oligomeric_count     2 
# 
_pdbx_struct_assembly_gen.assembly_id       1 
_pdbx_struct_assembly_gen.oper_expression   1 
_pdbx_struct_assembly_gen.asym_id_list      A,B,C,D,E,F,G 
# 
_pdbx_struct_oper_list.id                   1 
_pdbx_struct_oper_list.type                 'identity operation' 
_pdbx_struct_oper_list.name                 1_555 
_pdbx_struct_oper_list.symmetry_operation   x,y,z 
_pdbx_struct_oper_list.matrix[1][1]         1.0000000000 
_pdbx_struct_oper_list.matrix[1][2]         0.0000000000 
_pdbx_struct_oper_list.matrix[1][3]         0.0000000000 
_pdbx_struct_oper_list.vector[1]            0.0000000000 
_pdbx_struct_oper_list.matrix[2][1]         0.0000000000 
_pdbx_struct_oper_list.matrix[2][2]         1.0000000000 
_pdbx_struct_oper_list.matrix[2][3]         0.0000000000 
_pdbx_struct_oper_list.vector[2]            0.0000000000 
_pdbx_struct_oper_list.matrix[3][1]         0.0000000000 
_pdbx_struct_oper_list.matrix[3][2]         0.0000000000 
_pdbx_struct_oper_list.matrix[3][3]         1.0000000000 
_pdbx_struct_oper_list.vector[3]            0.0000000000 
# 
_struct_biol.id                    1 
_struct_biol.pdbx_parent_biol_id   ? 
_struct_biol.details               ? 
# 
loop_
_struct_conn.id 
_struct_conn.conn_type_id 
_struct_conn.pdbx_leaving_atom_flag 
_struct_conn.pdbx_PDB_id 
_struct_conn.ptnr1_label_asym_id 
_struct_conn.ptnr1_label_comp_id 
_struct_conn.ptnr1_label_seq_id 
_struct_conn.ptnr1_label_atom_id 
_struct_conn.pdbx_ptnr1_label_alt_id 
_struct_conn.pdbx_ptnr1_PDB_ins_code 
_struct_conn.pdbx_ptnr1_standard_comp_id 
_struct_conn.ptnr1_symmetry 
_struct_conn.ptnr2_label_asym_id 
_struct_conn.ptnr2_label_comp_id 
_struct_conn.ptnr2_label_seq_id 
_struct_conn.ptnr2_label_atom_id 
_struct_conn.pdbx_ptnr2_label_alt_id 
_struct_conn.pdbx_ptnr2_PDB_ins_code 
_struct_conn.ptnr1_auth_asym_id 
_struct_conn.ptnr1_auth_comp_id 
_struct_conn.ptnr1_auth_seq_id 
_struct_conn.ptnr2_auth_asym_id 
_struct_conn.ptnr2_auth_comp_id 
_struct_conn.ptnr2_auth_seq_id 
_struct_conn.ptnr2_symmetry 
_struct_conn.pdbx_ptnr3_label_atom_id 
_struct_conn.pdbx_ptnr3_label_seq_id 
_struct_conn.pdbx_ptnr3_label_comp_id 
_struct_conn.pdbx_ptnr3_label_asym_id 
_struct_conn.pdbx_ptnr3_label_alt_id 
_struct_conn.pdbx_ptnr3_PDB_ins_code 
_struct_conn.details 
_struct_conn.pdbx_dist_value 
_struct_conn.pdbx_value_order 
_struct_conn.pdbx_role 
covale1  covale both ? A DA  5  "O3'" ? ? ? 1_555 A 126 6  P     ? ? A DA  5  A 126 6   1_555 ? ? ? ? ? ? ?            1.590 ? ? 
covale2  covale both ? A 126 6  "O3'" ? ? ? 1_555 A DA  7  P     ? ? A 126 6  A DA  7   1_555 ? ? ? ? ? ? ?            1.624 ? ? 
covale3  covale both ? B DA  5  "O3'" ? ? ? 1_555 B 126 6  P     ? ? B DA  15 B 126 16  1_555 ? ? ? ? ? ? ?            1.605 ? ? 
covale4  covale both ? B 126 6  "O3'" ? ? ? 1_555 B DA  7  P     ? ? B 126 16 B DA  17  1_555 ? ? ? ? ? ? ?            1.620 ? ? 
metalc1  metalc ?    ? A DG  3  O6    ? ? ? 1_555 D CS  .  CS    ? ? A DG  3  A CS  22  1_555 ? ? ? ? ? ? ?            3.452 ? ? 
metalc2  metalc ?    ? A DG  3  N7    ? ? ? 1_555 D CS  .  CS    ? ? A DG  3  A CS  22  1_555 ? ? ? ? ? ? ?            3.539 ? ? 
metalc3  metalc ?    ? A DT  4  O4    ? ? ? 1_555 D CS  .  CS    ? ? A DT  4  A CS  22  1_555 ? ? ? ? ? ? ?            2.915 ? ? 
metalc4  metalc ?    ? A DA  5  N6    ? ? ? 1_555 D CS  .  CS    ? ? A DA  5  A CS  22  1_555 ? ? ? ? ? ? ?            3.778 ? ? 
metalc5  metalc ?    ? A DG  9  "O3'" ? ? ? 1_555 C CS  .  CS    ? ? A DG  9  A CS  21  1_555 ? ? ? ? ? ? ?            3.220 ? ? 
metalc6  metalc ?    ? A DC  10 OP1   ? ? ? 1_555 C CS  .  CS    ? ? A DC  10 A CS  21  1_555 ? ? ? ? ? ? ?            3.082 ? ? 
metalc7  metalc ?    ? A DC  10 OP1   ? ? ? 2_554 E CS  .  CS    ? ? A DC  10 B CS  23  1_555 ? ? ? ? ? ? ?            3.372 ? ? 
metalc8  metalc ?    ? A DC  10 OP2   ? ? ? 2_554 E CS  .  CS    ? ? A DC  10 B CS  23  1_555 ? ? ? ? ? ? ?            2.887 ? ? 
metalc9  metalc ?    ? C CS  .  CS    ? ? ? 1_555 F HOH .  O     ? ? A CS  21 A HOH 167 2_555 ? ? ? ? ? ? ?            3.113 ? ? 
metalc10 metalc ?    ? C CS  .  CS    ? ? ? 1_555 B DT  4  "O3'" ? ? A CS  21 B DT  14  4_556 ? ? ? ? ? ? ?            3.184 ? ? 
metalc11 metalc ?    ? C CS  .  CS    ? ? ? 1_555 B DA  5  OP1   ? ? A CS  21 B DA  15  4_556 ? ? ? ? ? ? ?            3.294 ? ? 
metalc12 metalc ?    ? C CS  .  CS    ? ? ? 1_555 B DC  10 OP2   ? ? A CS  21 B DC  20  3_555 ? ? ? ? ? ? ?            3.195 ? ? 
metalc13 metalc ?    ? C CS  .  CS    ? ? ? 1_555 B DC  10 OP1   ? ? A CS  21 B DC  20  3_555 ? ? ? ? ? ? ?            3.683 ? ? 
metalc14 metalc ?    ? C CS  .  CS    ? ? ? 1_555 G HOH .  O     ? ? A CS  21 B HOH 138 3_555 ? ? ? ? ? ? ?            3.279 ? ? 
metalc15 metalc ?    ? C CS  .  CS    ? ? ? 1_555 G HOH .  O     ? ? A CS  21 B HOH 174 4_556 ? ? ? ? ? ? ?            3.295 ? ? 
metalc16 metalc ?    ? C CS  .  CS    ? ? ? 1_555 G HOH .  O     ? ? A CS  21 B HOH 177 4_556 ? ? ? ? ? ? ?            2.819 ? ? 
metalc17 metalc ?    ? D CS  .  CS    ? ? ? 1_555 F HOH .  O     ? ? A CS  22 A HOH 134 1_555 ? ? ? ? ? ? ?            2.759 ? ? 
metalc18 metalc ?    ? D CS  .  CS    ? ? ? 1_555 F HOH .  O     ? ? A CS  22 A HOH 151 1_555 ? ? ? ? ? ? ?            3.738 ? ? 
metalc19 metalc ?    ? D CS  .  CS    ? ? ? 1_555 F HOH .  O     ? ? A CS  22 A HOH 161 1_555 ? ? ? ? ? ? ?            3.677 ? ? 
metalc20 metalc ?    ? D CS  .  CS    ? ? ? 1_555 G HOH .  O     ? ? A CS  22 B HOH 202 1_555 ? ? ? ? ? ? ?            3.308 ? ? 
metalc21 metalc ?    ? D CS  .  CS    ? ? ? 1_555 G HOH .  O     ? ? A CS  22 B HOH 225 1_555 ? ? ? ? ? ? ?            3.918 ? ? 
metalc22 metalc ?    ? B DT  4  "O4'" ? ? ? 3_545 E CS  .  CS    ? ? B DT  14 B CS  23  1_555 ? ? ? ? ? ? ?            2.957 ? ? 
metalc23 metalc ?    ? B DC  10 "O3'" ? ? ? 1_555 E CS  .  CS    ? ? B DC  20 B CS  23  1_555 ? ? ? ? ? ? ?            2.534 ? ? 
metalc24 metalc ?    ? E CS  .  CS    ? ? ? 1_555 G HOH .  O     ? ? B CS  23 B HOH 128 3_545 ? ? ? ? ? ? ?            3.671 ? ? 
metalc25 metalc ?    ? E CS  .  CS    ? ? ? 1_555 G HOH .  O     ? ? B CS  23 B HOH 140 1_555 ? ? ? ? ? ? ?            3.598 ? ? 
hydrog1  hydrog ?    ? A DG  1  N1    ? ? ? 1_555 B DC  10 N3    ? ? A DG  1  B DC  20  1_555 ? ? ? ? ? ? WATSON-CRICK ?     ? ? 
hydrog2  hydrog ?    ? A DG  1  N2    ? ? ? 1_555 B DC  10 O2    ? ? A DG  1  B DC  20  1_555 ? ? ? ? ? ? WATSON-CRICK ?     ? ? 
hydrog3  hydrog ?    ? A DG  1  O6    ? ? ? 1_555 B DC  10 N4    ? ? A DG  1  B DC  20  1_555 ? ? ? ? ? ? WATSON-CRICK ?     ? ? 
hydrog4  hydrog ?    ? A DC  2  N3    ? ? ? 1_555 B DG  9  N1    ? ? A DC  2  B DG  19  1_555 ? ? ? ? ? ? WATSON-CRICK ?     ? ? 
hydrog5  hydrog ?    ? A DC  2  N4    ? ? ? 1_555 B DG  9  O6    ? ? A DC  2  B DG  19  1_555 ? ? ? ? ? ? WATSON-CRICK ?     ? ? 
hydrog6  hydrog ?    ? A DC  2  O2    ? ? ? 1_555 B DG  9  N2    ? ? A DC  2  B DG  19  1_555 ? ? ? ? ? ? WATSON-CRICK ?     ? ? 
hydrog7  hydrog ?    ? A DG  3  N1    ? ? ? 1_555 B DC  8  N3    ? ? A DG  3  B DC  18  1_555 ? ? ? ? ? ? WATSON-CRICK ?     ? ? 
hydrog8  hydrog ?    ? A DG  3  N2    ? ? ? 1_555 B DC  8  O2    ? ? A DG  3  B DC  18  1_555 ? ? ? ? ? ? WATSON-CRICK ?     ? ? 
hydrog9  hydrog ?    ? A DG  3  O6    ? ? ? 1_555 B DC  8  N4    ? ? A DG  3  B DC  18  1_555 ? ? ? ? ? ? WATSON-CRICK ?     ? ? 
hydrog10 hydrog ?    ? A DT  4  N3    ? ? ? 1_555 B DA  7  N1    ? ? A DT  4  B DA  17  1_555 ? ? ? ? ? ? WATSON-CRICK ?     ? ? 
hydrog11 hydrog ?    ? A DT  4  O4    ? ? ? 1_555 B DA  7  N6    ? ? A DT  4  B DA  17  1_555 ? ? ? ? ? ? WATSON-CRICK ?     ? ? 
hydrog12 hydrog ?    ? A DA  5  N1    ? ? ? 1_555 B 126 6  N3    ? ? A DA  5  B 126 16  1_555 ? ? ? ? ? ? WATSON-CRICK ?     ? ? 
hydrog13 hydrog ?    ? A DA  5  N6    ? ? ? 1_555 B 126 6  O4    ? ? A DA  5  B 126 16  1_555 ? ? ? ? ? ? WATSON-CRICK ?     ? ? 
hydrog14 hydrog ?    ? A 126 6  N3    ? ? ? 1_555 B DA  5  N1    ? ? A 126 6  B DA  15  1_555 ? ? ? ? ? ? WATSON-CRICK ?     ? ? 
hydrog15 hydrog ?    ? A 126 6  O4    ? ? ? 1_555 B DA  5  N6    ? ? A 126 6  B DA  15  1_555 ? ? ? ? ? ? WATSON-CRICK ?     ? ? 
hydrog16 hydrog ?    ? A DA  7  N1    ? ? ? 1_555 B DT  4  N3    ? ? A DA  7  B DT  14  1_555 ? ? ? ? ? ? WATSON-CRICK ?     ? ? 
hydrog17 hydrog ?    ? A DA  7  N6    ? ? ? 1_555 B DT  4  O4    ? ? A DA  7  B DT  14  1_555 ? ? ? ? ? ? WATSON-CRICK ?     ? ? 
hydrog18 hydrog ?    ? A DC  8  N3    ? ? ? 1_555 B DG  3  N1    ? ? A DC  8  B DG  13  1_555 ? ? ? ? ? ? WATSON-CRICK ?     ? ? 
hydrog19 hydrog ?    ? A DC  8  N4    ? ? ? 1_555 B DG  3  O6    ? ? A DC  8  B DG  13  1_555 ? ? ? ? ? ? WATSON-CRICK ?     ? ? 
hydrog20 hydrog ?    ? A DC  8  O2    ? ? ? 1_555 B DG  3  N2    ? ? A DC  8  B DG  13  1_555 ? ? ? ? ? ? WATSON-CRICK ?     ? ? 
hydrog21 hydrog ?    ? A DG  9  N1    ? ? ? 1_555 B DC  2  N3    ? ? A DG  9  B DC  12  1_555 ? ? ? ? ? ? WATSON-CRICK ?     ? ? 
hydrog22 hydrog ?    ? A DG  9  N2    ? ? ? 1_555 B DC  2  O2    ? ? A DG  9  B DC  12  1_555 ? ? ? ? ? ? WATSON-CRICK ?     ? ? 
hydrog23 hydrog ?    ? A DG  9  O6    ? ? ? 1_555 B DC  2  N4    ? ? A DG  9  B DC  12  1_555 ? ? ? ? ? ? WATSON-CRICK ?     ? ? 
hydrog24 hydrog ?    ? A DC  10 N3    ? ? ? 1_555 B DG  1  N1    ? ? A DC  10 B DG  11  1_555 ? ? ? ? ? ? WATSON-CRICK ?     ? ? 
hydrog25 hydrog ?    ? A DC  10 N4    ? ? ? 1_555 B DG  1  O6    ? ? A DC  10 B DG  11  1_555 ? ? ? ? ? ? WATSON-CRICK ?     ? ? 
hydrog26 hydrog ?    ? A DC  10 O2    ? ? ? 1_555 B DG  1  N2    ? ? A DC  10 B DG  11  1_555 ? ? ? ? ? ? WATSON-CRICK ?     ? ? 
# 
loop_
_struct_conn_type.id 
_struct_conn_type.criteria 
_struct_conn_type.reference 
covale ? ? 
metalc ? ? 
hydrog ? ? 
# 
loop_
_pdbx_struct_conn_angle.id 
_pdbx_struct_conn_angle.ptnr1_label_atom_id 
_pdbx_struct_conn_angle.ptnr1_label_alt_id 
_pdbx_struct_conn_angle.ptnr1_label_asym_id 
_pdbx_struct_conn_angle.ptnr1_label_comp_id 
_pdbx_struct_conn_angle.ptnr1_label_seq_id 
_pdbx_struct_conn_angle.ptnr1_auth_atom_id 
_pdbx_struct_conn_angle.ptnr1_auth_asym_id 
_pdbx_struct_conn_angle.ptnr1_auth_comp_id 
_pdbx_struct_conn_angle.ptnr1_auth_seq_id 
_pdbx_struct_conn_angle.ptnr1_PDB_ins_code 
_pdbx_struct_conn_angle.ptnr1_symmetry 
_pdbx_struct_conn_angle.ptnr2_label_atom_id 
_pdbx_struct_conn_angle.ptnr2_label_alt_id 
_pdbx_struct_conn_angle.ptnr2_label_asym_id 
_pdbx_struct_conn_angle.ptnr2_label_comp_id 
_pdbx_struct_conn_angle.ptnr2_label_seq_id 
_pdbx_struct_conn_angle.ptnr2_auth_atom_id 
_pdbx_struct_conn_angle.ptnr2_auth_asym_id 
_pdbx_struct_conn_angle.ptnr2_auth_comp_id 
_pdbx_struct_conn_angle.ptnr2_auth_seq_id 
_pdbx_struct_conn_angle.ptnr2_PDB_ins_code 
_pdbx_struct_conn_angle.ptnr2_symmetry 
_pdbx_struct_conn_angle.ptnr3_label_atom_id 
_pdbx_struct_conn_angle.ptnr3_label_alt_id 
_pdbx_struct_conn_angle.ptnr3_label_asym_id 
_pdbx_struct_conn_angle.ptnr3_label_comp_id 
_pdbx_struct_conn_angle.ptnr3_label_seq_id 
_pdbx_struct_conn_angle.ptnr3_auth_atom_id 
_pdbx_struct_conn_angle.ptnr3_auth_asym_id 
_pdbx_struct_conn_angle.ptnr3_auth_comp_id 
_pdbx_struct_conn_angle.ptnr3_auth_seq_id 
_pdbx_struct_conn_angle.ptnr3_PDB_ins_code 
_pdbx_struct_conn_angle.ptnr3_symmetry 
_pdbx_struct_conn_angle.value 
_pdbx_struct_conn_angle.value_esd 
1  O6    ? A DG  3  ? A DG  3   ? 1_555 CS ? D CS . ? A CS 22 ? 1_555 N7    ? A DG  3  ? A DG  3   ? 1_555 52.8  ? 
2  O6    ? A DG  3  ? A DG  3   ? 1_555 CS ? D CS . ? A CS 22 ? 1_555 O4    ? A DT  4  ? A DT  4   ? 1_555 62.9  ? 
3  N7    ? A DG  3  ? A DG  3   ? 1_555 CS ? D CS . ? A CS 22 ? 1_555 O4    ? A DT  4  ? A DT  4   ? 1_555 83.1  ? 
4  O6    ? A DG  3  ? A DG  3   ? 1_555 CS ? D CS . ? A CS 22 ? 1_555 N6    ? A DA  5  ? A DA  5   ? 1_555 99.6  ? 
5  N7    ? A DG  3  ? A DG  3   ? 1_555 CS ? D CS . ? A CS 22 ? 1_555 N6    ? A DA  5  ? A DA  5   ? 1_555 141.0 ? 
6  O4    ? A DT  4  ? A DT  4   ? 1_555 CS ? D CS . ? A CS 22 ? 1_555 N6    ? A DA  5  ? A DA  5   ? 1_555 58.4  ? 
7  O6    ? A DG  3  ? A DG  3   ? 1_555 CS ? D CS . ? A CS 22 ? 1_555 O     ? F HOH .  ? A HOH 134 ? 1_555 79.1  ? 
8  N7    ? A DG  3  ? A DG  3   ? 1_555 CS ? D CS . ? A CS 22 ? 1_555 O     ? F HOH .  ? A HOH 134 ? 1_555 51.0  ? 
9  O4    ? A DT  4  ? A DT  4   ? 1_555 CS ? D CS . ? A CS 22 ? 1_555 O     ? F HOH .  ? A HOH 134 ? 1_555 133.0 ? 
10 N6    ? A DA  5  ? A DA  5   ? 1_555 CS ? D CS . ? A CS 22 ? 1_555 O     ? F HOH .  ? A HOH 134 ? 1_555 162.1 ? 
11 O6    ? A DG  3  ? A DG  3   ? 1_555 CS ? D CS . ? A CS 22 ? 1_555 O     ? F HOH .  ? A HOH 151 ? 1_555 137.6 ? 
12 N7    ? A DG  3  ? A DG  3   ? 1_555 CS ? D CS . ? A CS 22 ? 1_555 O     ? F HOH .  ? A HOH 151 ? 1_555 125.6 ? 
13 O4    ? A DT  4  ? A DT  4   ? 1_555 CS ? D CS . ? A CS 22 ? 1_555 O     ? F HOH .  ? A HOH 151 ? 1_555 74.7  ? 
14 N6    ? A DA  5  ? A DA  5   ? 1_555 CS ? D CS . ? A CS 22 ? 1_555 O     ? F HOH .  ? A HOH 151 ? 1_555 53.4  ? 
15 O     ? F HOH .  ? A HOH 134 ? 1_555 CS ? D CS . ? A CS 22 ? 1_555 O     ? F HOH .  ? A HOH 151 ? 1_555 137.0 ? 
16 O6    ? A DG  3  ? A DG  3   ? 1_555 CS ? D CS . ? A CS 22 ? 1_555 O     ? F HOH .  ? A HOH 161 ? 1_555 116.6 ? 
17 N7    ? A DG  3  ? A DG  3   ? 1_555 CS ? D CS . ? A CS 22 ? 1_555 O     ? F HOH .  ? A HOH 161 ? 1_555 64.7  ? 
18 O4    ? A DT  4  ? A DT  4   ? 1_555 CS ? D CS . ? A CS 22 ? 1_555 O     ? F HOH .  ? A HOH 161 ? 1_555 102.5 ? 
19 N6    ? A DA  5  ? A DA  5   ? 1_555 CS ? D CS . ? A CS 22 ? 1_555 O     ? F HOH .  ? A HOH 161 ? 1_555 125.3 ? 
20 O     ? F HOH .  ? A HOH 134 ? 1_555 CS ? D CS . ? A CS 22 ? 1_555 O     ? F HOH .  ? A HOH 161 ? 1_555 69.6  ? 
21 O     ? F HOH .  ? A HOH 151 ? 1_555 CS ? D CS . ? A CS 22 ? 1_555 O     ? F HOH .  ? A HOH 161 ? 1_555 72.6  ? 
22 O6    ? A DG  3  ? A DG  3   ? 1_555 CS ? D CS . ? A CS 22 ? 1_555 O     ? G HOH .  ? B HOH 202 ? 1_555 58.3  ? 
23 N7    ? A DG  3  ? A DG  3   ? 1_555 CS ? D CS . ? A CS 22 ? 1_555 O     ? G HOH .  ? B HOH 202 ? 1_555 104.1 ? 
24 O4    ? A DT  4  ? A DT  4   ? 1_555 CS ? D CS . ? A CS 22 ? 1_555 O     ? G HOH .  ? B HOH 202 ? 1_555 92.1  ? 
25 N6    ? A DA  5  ? A DA  5   ? 1_555 CS ? D CS . ? A CS 22 ? 1_555 O     ? G HOH .  ? B HOH 202 ? 1_555 74.2  ? 
26 O     ? F HOH .  ? A HOH 134 ? 1_555 CS ? D CS . ? A CS 22 ? 1_555 O     ? G HOH .  ? B HOH 202 ? 1_555 90.4  ? 
27 O     ? F HOH .  ? A HOH 151 ? 1_555 CS ? D CS . ? A CS 22 ? 1_555 O     ? G HOH .  ? B HOH 202 ? 1_555 125.3 ? 
28 O     ? F HOH .  ? A HOH 161 ? 1_555 CS ? D CS . ? A CS 22 ? 1_555 O     ? G HOH .  ? B HOH 202 ? 1_555 159.9 ? 
29 O6    ? A DG  3  ? A DG  3   ? 1_555 CS ? D CS . ? A CS 22 ? 1_555 O     ? G HOH .  ? B HOH 225 ? 1_555 147.3 ? 
30 N7    ? A DG  3  ? A DG  3   ? 1_555 CS ? D CS . ? A CS 22 ? 1_555 O     ? G HOH .  ? B HOH 225 ? 1_555 159.8 ? 
31 O4    ? A DT  4  ? A DT  4   ? 1_555 CS ? D CS . ? A CS 22 ? 1_555 O     ? G HOH .  ? B HOH 225 ? 1_555 107.3 ? 
32 N6    ? A DA  5  ? A DA  5   ? 1_555 CS ? D CS . ? A CS 22 ? 1_555 O     ? G HOH .  ? B HOH 225 ? 1_555 54.0  ? 
33 O     ? F HOH .  ? A HOH 134 ? 1_555 CS ? D CS . ? A CS 22 ? 1_555 O     ? G HOH .  ? B HOH 225 ? 1_555 119.5 ? 
34 O     ? F HOH .  ? A HOH 151 ? 1_555 CS ? D CS . ? A CS 22 ? 1_555 O     ? G HOH .  ? B HOH 225 ? 1_555 45.6  ? 
35 O     ? F HOH .  ? A HOH 161 ? 1_555 CS ? D CS . ? A CS 22 ? 1_555 O     ? G HOH .  ? B HOH 225 ? 1_555 95.7  ? 
36 O     ? G HOH .  ? B HOH 202 ? 1_555 CS ? D CS . ? A CS 22 ? 1_555 O     ? G HOH .  ? B HOH 225 ? 1_555 92.9  ? 
37 "O3'" ? A DG  9  ? A DG  9   ? 1_555 CS ? C CS . ? A CS 21 ? 1_555 OP1   ? A DC  10 ? A DC  10  ? 1_555 46.3  ? 
38 "O3'" ? A DG  9  ? A DG  9   ? 1_555 CS ? C CS . ? A CS 21 ? 1_555 O     ? F HOH .  ? A HOH 167 ? 2_555 100.6 ? 
39 OP1   ? A DC  10 ? A DC  10  ? 1_555 CS ? C CS . ? A CS 21 ? 1_555 O     ? F HOH .  ? A HOH 167 ? 2_555 88.5  ? 
40 "O3'" ? A DG  9  ? A DG  9   ? 1_555 CS ? C CS . ? A CS 21 ? 1_555 "O3'" ? B DT  4  ? B DT  14  ? 4_556 114.6 ? 
41 OP1   ? A DC  10 ? A DC  10  ? 1_555 CS ? C CS . ? A CS 21 ? 1_555 "O3'" ? B DT  4  ? B DT  14  ? 4_556 70.8  ? 
42 O     ? F HOH .  ? A HOH 167 ? 2_555 CS ? C CS . ? A CS 21 ? 1_555 "O3'" ? B DT  4  ? B DT  14  ? 4_556 93.1  ? 
43 "O3'" ? A DG  9  ? A DG  9   ? 1_555 CS ? C CS . ? A CS 21 ? 1_555 OP1   ? B DA  5  ? B DA  15  ? 4_556 156.0 ? 
44 OP1   ? A DC  10 ? A DC  10  ? 1_555 CS ? C CS . ? A CS 21 ? 1_555 OP1   ? B DA  5  ? B DA  15  ? 4_556 109.8 ? 
45 O     ? F HOH .  ? A HOH 167 ? 2_555 CS ? C CS . ? A CS 21 ? 1_555 OP1   ? B DA  5  ? B DA  15  ? 4_556 72.6  ? 
46 "O3'" ? B DT  4  ? B DT  14  ? 4_556 CS ? C CS . ? A CS 21 ? 1_555 OP1   ? B DA  5  ? B DA  15  ? 4_556 45.0  ? 
47 "O3'" ? A DG  9  ? A DG  9   ? 1_555 CS ? C CS . ? A CS 21 ? 1_555 OP2   ? B DC  10 ? B DC  20  ? 3_555 80.2  ? 
48 OP1   ? A DC  10 ? A DC  10  ? 1_555 CS ? C CS . ? A CS 21 ? 1_555 OP2   ? B DC  10 ? B DC  20  ? 3_555 125.3 ? 
49 O     ? F HOH .  ? A HOH 167 ? 2_555 CS ? C CS . ? A CS 21 ? 1_555 OP2   ? B DC  10 ? B DC  20  ? 3_555 116.2 ? 
50 "O3'" ? B DT  4  ? B DT  14  ? 4_556 CS ? C CS . ? A CS 21 ? 1_555 OP2   ? B DC  10 ? B DC  20  ? 3_555 144.9 ? 
51 OP1   ? B DA  5  ? B DA  15  ? 4_556 CS ? C CS . ? A CS 21 ? 1_555 OP2   ? B DC  10 ? B DC  20  ? 3_555 123.7 ? 
52 "O3'" ? A DG  9  ? A DG  9   ? 1_555 CS ? C CS . ? A CS 21 ? 1_555 OP1   ? B DC  10 ? B DC  20  ? 3_555 92.1  ? 
53 OP1   ? A DC  10 ? A DC  10  ? 1_555 CS ? C CS . ? A CS 21 ? 1_555 OP1   ? B DC  10 ? B DC  20  ? 3_555 131.2 ? 
54 O     ? F HOH .  ? A HOH 167 ? 2_555 CS ? C CS . ? A CS 21 ? 1_555 OP1   ? B DC  10 ? B DC  20  ? 3_555 73.5  ? 
55 "O3'" ? B DT  4  ? B DT  14  ? 4_556 CS ? C CS . ? A CS 21 ? 1_555 OP1   ? B DC  10 ? B DC  20  ? 3_555 152.2 ? 
56 OP1   ? B DA  5  ? B DA  15  ? 4_556 CS ? C CS . ? A CS 21 ? 1_555 OP1   ? B DC  10 ? B DC  20  ? 3_555 107.3 ? 
57 OP2   ? B DC  10 ? B DC  20  ? 3_555 CS ? C CS . ? A CS 21 ? 1_555 OP1   ? B DC  10 ? B DC  20  ? 3_555 43.0  ? 
58 "O3'" ? A DG  9  ? A DG  9   ? 1_555 CS ? C CS . ? A CS 21 ? 1_555 O     ? G HOH .  ? B HOH 138 ? 3_555 72.6  ? 
59 OP1   ? A DC  10 ? A DC  10  ? 1_555 CS ? C CS . ? A CS 21 ? 1_555 O     ? G HOH .  ? B HOH 138 ? 3_555 94.5  ? 
60 O     ? F HOH .  ? A HOH 167 ? 2_555 CS ? C CS . ? A CS 21 ? 1_555 O     ? G HOH .  ? B HOH 138 ? 3_555 46.0  ? 
61 "O3'" ? B DT  4  ? B DT  14  ? 4_556 CS ? C CS . ? A CS 21 ? 1_555 O     ? G HOH .  ? B HOH 138 ? 3_555 137.9 ? 
62 OP1   ? B DA  5  ? B DA  15  ? 4_556 CS ? C CS . ? A CS 21 ? 1_555 O     ? G HOH .  ? B HOH 138 ? 3_555 113.1 ? 
63 OP2   ? B DC  10 ? B DC  20  ? 3_555 CS ? C CS . ? A CS 21 ? 1_555 O     ? G HOH .  ? B HOH 138 ? 3_555 75.9  ? 
64 OP1   ? B DC  10 ? B DC  20  ? 3_555 CS ? C CS . ? A CS 21 ? 1_555 O     ? G HOH .  ? B HOH 138 ? 3_555 41.0  ? 
65 "O3'" ? A DG  9  ? A DG  9   ? 1_555 CS ? C CS . ? A CS 21 ? 1_555 O     ? G HOH .  ? B HOH 174 ? 4_556 68.2  ? 
66 OP1   ? A DC  10 ? A DC  10  ? 1_555 CS ? C CS . ? A CS 21 ? 1_555 O     ? G HOH .  ? B HOH 174 ? 4_556 75.2  ? 
67 O     ? F HOH .  ? A HOH 167 ? 2_555 CS ? C CS . ? A CS 21 ? 1_555 O     ? G HOH .  ? B HOH 174 ? 4_556 163.6 ? 
68 "O3'" ? B DT  4  ? B DT  14  ? 4_556 CS ? C CS . ? A CS 21 ? 1_555 O     ? G HOH .  ? B HOH 174 ? 4_556 81.6  ? 
69 OP1   ? B DA  5  ? B DA  15  ? 4_556 CS ? C CS . ? A CS 21 ? 1_555 O     ? G HOH .  ? B HOH 174 ? 4_556 112.5 ? 
70 OP2   ? B DC  10 ? B DC  20  ? 3_555 CS ? C CS . ? A CS 21 ? 1_555 O     ? G HOH .  ? B HOH 174 ? 4_556 74.7  ? 
71 OP1   ? B DC  10 ? B DC  20  ? 3_555 CS ? C CS . ? A CS 21 ? 1_555 O     ? G HOH .  ? B HOH 174 ? 4_556 117.5 ? 
72 O     ? G HOH .  ? B HOH 138 ? 3_555 CS ? C CS . ? A CS 21 ? 1_555 O     ? G HOH .  ? B HOH 174 ? 4_556 134.0 ? 
73 "O3'" ? A DG  9  ? A DG  9   ? 1_555 CS ? C CS . ? A CS 21 ? 1_555 O     ? G HOH .  ? B HOH 177 ? 4_556 136.9 ? 
74 OP1   ? A DC  10 ? A DC  10  ? 1_555 CS ? C CS . ? A CS 21 ? 1_555 O     ? G HOH .  ? B HOH 177 ? 4_556 133.4 ? 
75 O     ? F HOH .  ? A HOH 167 ? 2_555 CS ? C CS . ? A CS 21 ? 1_555 O     ? G HOH .  ? B HOH 177 ? 4_556 122.0 ? 
76 "O3'" ? B DT  4  ? B DT  14  ? 4_556 CS ? C CS . ? A CS 21 ? 1_555 O     ? G HOH .  ? B HOH 177 ? 4_556 73.0  ? 
77 OP1   ? B DA  5  ? B DA  15  ? 4_556 CS ? C CS . ? A CS 21 ? 1_555 O     ? G HOH .  ? B HOH 177 ? 4_556 57.7  ? 
78 OP2   ? B DC  10 ? B DC  20  ? 3_555 CS ? C CS . ? A CS 21 ? 1_555 O     ? G HOH .  ? B HOH 177 ? 4_556 75.2  ? 
79 OP1   ? B DC  10 ? B DC  20  ? 3_555 CS ? C CS . ? A CS 21 ? 1_555 O     ? G HOH .  ? B HOH 177 ? 4_556 93.3  ? 
80 O     ? G HOH .  ? B HOH 138 ? 3_555 CS ? C CS . ? A CS 21 ? 1_555 O     ? G HOH .  ? B HOH 177 ? 4_556 132.0 ? 
81 O     ? G HOH .  ? B HOH 174 ? 4_556 CS ? C CS . ? A CS 21 ? 1_555 O     ? G HOH .  ? B HOH 177 ? 4_556 71.4  ? 
82 OP1   ? A DC  10 ? A DC  10  ? 2_554 CS ? E CS . ? B CS 23 ? 1_555 OP2   ? A DC  10 ? A DC  10  ? 2_554 47.6  ? 
83 OP1   ? A DC  10 ? A DC  10  ? 2_554 CS ? E CS . ? B CS 23 ? 1_555 "O4'" ? B DT  4  ? B DT  14  ? 3_545 84.3  ? 
84 OP2   ? A DC  10 ? A DC  10  ? 2_554 CS ? E CS . ? B CS 23 ? 1_555 "O4'" ? B DT  4  ? B DT  14  ? 3_545 123.8 ? 
85 OP1   ? A DC  10 ? A DC  10  ? 2_554 CS ? E CS . ? B CS 23 ? 1_555 "O3'" ? B DC  10 ? B DC  20  ? 1_555 140.6 ? 
86 OP2   ? A DC  10 ? A DC  10  ? 2_554 CS ? E CS . ? B CS 23 ? 1_555 "O3'" ? B DC  10 ? B DC  20  ? 1_555 120.9 ? 
87 "O4'" ? B DT  4  ? B DT  14  ? 3_545 CS ? E CS . ? B CS 23 ? 1_555 "O3'" ? B DC  10 ? B DC  20  ? 1_555 114.9 ? 
88 OP1   ? A DC  10 ? A DC  10  ? 2_554 CS ? E CS . ? B CS 23 ? 1_555 O     ? G HOH .  ? B HOH 128 ? 3_545 149.8 ? 
89 OP2   ? A DC  10 ? A DC  10  ? 2_554 CS ? E CS . ? B CS 23 ? 1_555 O     ? G HOH .  ? B HOH 128 ? 3_545 137.9 ? 
90 "O4'" ? B DT  4  ? B DT  14  ? 3_545 CS ? E CS . ? B CS 23 ? 1_555 O     ? G HOH .  ? B HOH 128 ? 3_545 70.4  ? 
91 "O3'" ? B DC  10 ? B DC  20  ? 1_555 CS ? E CS . ? B CS 23 ? 1_555 O     ? G HOH .  ? B HOH 128 ? 3_545 67.9  ? 
92 OP1   ? A DC  10 ? A DC  10  ? 2_554 CS ? E CS . ? B CS 23 ? 1_555 O     ? G HOH .  ? B HOH 140 ? 1_555 140.5 ? 
93 OP2   ? A DC  10 ? A DC  10  ? 2_554 CS ? E CS . ? B CS 23 ? 1_555 O     ? G HOH .  ? B HOH 140 ? 1_555 93.4  ? 
94 "O4'" ? B DT  4  ? B DT  14  ? 3_545 CS ? E CS . ? B CS 23 ? 1_555 O     ? G HOH .  ? B HOH 140 ? 1_555 131.7 ? 
95 "O3'" ? B DC  10 ? B DC  20  ? 1_555 CS ? E CS . ? B CS 23 ? 1_555 O     ? G HOH .  ? B HOH 140 ? 1_555 47.5  ? 
96 O     ? G HOH .  ? B HOH 128 ? 3_545 CS ? E CS . ? B CS 23 ? 1_555 O     ? G HOH .  ? B HOH 140 ? 1_555 61.3  ? 
# 
loop_
_struct_site.id 
_struct_site.pdbx_evidence_code 
_struct_site.pdbx_auth_asym_id 
_struct_site.pdbx_auth_comp_id 
_struct_site.pdbx_auth_seq_id 
_struct_site.pdbx_auth_ins_code 
_struct_site.pdbx_num_residues 
_struct_site.details 
AC1 Software A CS 21 ? 6 'BINDING SITE FOR RESIDUE CS A 21' 
AC2 Software A CS 22 ? 3 'BINDING SITE FOR RESIDUE CS A 22' 
AC3 Software B CS 23 ? 3 'BINDING SITE FOR RESIDUE CS B 23' 
# 
loop_
_struct_site_gen.id 
_struct_site_gen.site_id 
_struct_site_gen.pdbx_num_res 
_struct_site_gen.label_comp_id 
_struct_site_gen.label_asym_id 
_struct_site_gen.label_seq_id 
_struct_site_gen.pdbx_auth_ins_code 
_struct_site_gen.auth_comp_id 
_struct_site_gen.auth_asym_id 
_struct_site_gen.auth_seq_id 
_struct_site_gen.label_atom_id 
_struct_site_gen.label_alt_id 
_struct_site_gen.symmetry 
_struct_site_gen.details 
1  AC1 6 DG  A 9  ? DG  A 9   . ? 1_555 ? 
2  AC1 6 DC  A 10 ? DC  A 10  . ? 1_555 ? 
3  AC1 6 DT  B 4  ? DT  B 14  . ? 4_556 ? 
4  AC1 6 DA  B 5  ? DA  B 15  . ? 4_556 ? 
5  AC1 6 DC  B 10 ? DC  B 20  . ? 3_555 ? 
6  AC1 6 HOH G .  ? HOH B 177 . ? 4_556 ? 
7  AC2 3 DG  A 3  ? DG  A 3   . ? 1_555 ? 
8  AC2 3 DT  A 4  ? DT  A 4   . ? 1_555 ? 
9  AC2 3 HOH F .  ? HOH A 134 . ? 1_555 ? 
10 AC3 3 DC  A 10 ? DC  A 10  . ? 2_554 ? 
11 AC3 3 DT  B 4  ? DT  B 14  . ? 3_545 ? 
12 AC3 3 DC  B 10 ? DC  B 20  . ? 1_555 ? 
# 
loop_
_pdbx_validate_close_contact.id 
_pdbx_validate_close_contact.PDB_model_num 
_pdbx_validate_close_contact.auth_atom_id_1 
_pdbx_validate_close_contact.auth_asym_id_1 
_pdbx_validate_close_contact.auth_comp_id_1 
_pdbx_validate_close_contact.auth_seq_id_1 
_pdbx_validate_close_contact.PDB_ins_code_1 
_pdbx_validate_close_contact.label_alt_id_1 
_pdbx_validate_close_contact.auth_atom_id_2 
_pdbx_validate_close_contact.auth_asym_id_2 
_pdbx_validate_close_contact.auth_comp_id_2 
_pdbx_validate_close_contact.auth_seq_id_2 
_pdbx_validate_close_contact.PDB_ins_code_2 
_pdbx_validate_close_contact.label_alt_id_2 
_pdbx_validate_close_contact.dist 
1  1 O     A HOH 234 ? ? O A HOH 291 ? ? 1.50 
2  1 O     B HOH 276 ? ? O B HOH 289 ? ? 1.51 
3  1 O     B HOH 178 ? ? O B HOH 292 ? ? 1.52 
4  1 O     B HOH 191 ? ? O B HOH 225 ? ? 1.53 
5  1 O     A HOH 154 ? ? O A HOH 158 ? ? 1.55 
6  1 O     A HOH 145 ? ? O A HOH 154 ? ? 1.58 
7  1 O     B HOH 168 ? ? O B HOH 235 ? ? 1.60 
8  1 O     B HOH 193 ? ? O B HOH 223 ? ? 1.60 
9  1 O     A HOH 163 ? ? O A HOH 187 ? ? 1.62 
10 1 O     A HOH 143 ? ? O A HOH 189 ? ? 1.62 
11 1 O     A HOH 186 ? ? O A HOH 231 ? ? 1.62 
12 1 O     B HOH 228 ? ? O B HOH 285 ? ? 1.63 
13 1 O     B HOH 137 ? ? O B HOH 292 ? ? 1.64 
14 1 O     B HOH 206 ? ? O B HOH 276 ? ? 1.65 
15 1 O     B HOH 157 ? ? O B HOH 188 ? ? 1.67 
16 1 O     A HOH 196 ? ? O A HOH 269 ? ? 1.67 
17 1 O     A HOH 176 ? ? O A HOH 196 ? ? 1.68 
18 1 O     A HOH 274 ? ? O B HOH 137 ? ? 1.68 
19 1 O     A HOH 181 ? ? O A HOH 279 ? ? 1.69 
20 1 O     B HOH 168 ? ? O B HOH 200 ? ? 1.70 
21 1 O     A HOH 107 ? ? O A HOH 139 ? ? 1.72 
22 1 O     A HOH 257 ? ? O A HOH 273 ? ? 1.74 
23 1 O     B HOH 227 ? ? O B HOH 260 ? ? 1.74 
24 1 N3    A DG  1   ? ? O A HOH 240 ? ? 1.78 
25 1 O     A HOH 130 ? ? O A HOH 275 ? ? 1.80 
26 1 O     B HOH 133 ? ? O B HOH 165 ? ? 1.80 
27 1 O     B HOH 136 ? ? O B HOH 242 ? ? 1.80 
28 1 O2    B DT  14  ? ? O B HOH 237 ? ? 1.81 
29 1 O     B HOH 127 ? ? O B HOH 197 ? ? 1.82 
30 1 OP1   B DG  13  ? ? O B HOH 246 ? ? 1.82 
31 1 O     B HOH 203 ? ? O B HOH 214 ? ? 1.83 
32 1 O     B HOH 250 ? ? O B HOH 253 ? ? 1.84 
33 1 O     A HOH 231 ? ? O A HOH 244 ? ? 1.85 
34 1 O     B HOH 251 ? ? O B HOH 262 ? ? 1.85 
35 1 O2    B DC  18  ? ? O B HOH 193 ? ? 1.86 
36 1 O     A HOH 107 ? ? O A HOH 277 ? ? 1.86 
37 1 O     B HOH 208 ? ? O B HOH 243 ? ? 1.87 
38 1 O     A HOH 149 ? ? O A HOH 176 ? ? 1.87 
39 1 O2    B DC  18  ? ? O B HOH 223 ? ? 1.87 
40 1 O     A HOH 141 ? ? O A HOH 274 ? ? 1.89 
41 1 O     B HOH 157 ? ? O B HOH 288 ? ? 1.89 
42 1 O     A HOH 124 ? ? O B HOH 142 ? ? 1.89 
43 1 "O4'" B DC  18  ? ? O B HOH 218 ? ? 1.91 
44 1 N3    A DG  3   ? ? O A HOH 282 ? ? 1.91 
45 1 O     B HOH 175 ? ? O B HOH 276 ? ? 1.91 
46 1 O     A HOH 132 ? ? O A HOH 184 ? ? 1.93 
47 1 O2    B DC  20  ? ? O B HOH 256 ? ? 1.96 
48 1 N3    B DA  15  ? ? O B HOH 286 ? ? 1.97 
49 1 O     A HOH 183 ? ? O A HOH 271 ? ? 1.97 
50 1 O     A HOH 183 ? ? O B HOH 165 ? ? 1.99 
51 1 O     A HOH 146 ? ? O A HOH 238 ? ? 2.00 
52 1 O     B HOH 136 ? ? O B HOH 144 ? ? 2.00 
53 1 OP2   B DA  15  ? ? O B HOH 220 ? ? 2.01 
54 1 C8    B DA  17  ? ? O B HOH 289 ? ? 2.01 
55 1 "O4'" B DG  11  ? ? O B HOH 160 ? ? 2.04 
56 1 C5    B DC  18  ? ? O B HOH 242 ? ? 2.05 
57 1 N2    A DG  1   ? ? O B HOH 256 ? ? 2.06 
58 1 O     B HOH 197 ? ? O B HOH 228 ? ? 2.06 
59 1 O2    A DT  4   ? ? O B HOH 193 ? ? 2.06 
60 1 O     B HOH 217 ? ? O B HOH 264 ? ? 2.09 
61 1 N6    B DA  15  ? ? O B HOH 225 ? ? 2.09 
62 1 "C5'" B DA  17  ? ? O B HOH 227 ? ? 2.09 
63 1 O     A HOH 190 ? ? O A HOH 226 ? ? 2.10 
64 1 "C1'" A DA  5   ? ? O A HOH 284 ? ? 2.10 
65 1 OP2   A DG  9   ? ? O A HOH 279 ? ? 2.11 
66 1 O     B HOH 144 ? ? O B HOH 242 ? ? 2.11 
67 1 "C5'" B 126 16  ? ? O B HOH 266 ? ? 2.12 
68 1 O     A HOH 114 ? ? O A HOH 281 ? ? 2.12 
69 1 "C5'" B DG  11  ? ? O B HOH 249 ? ? 2.12 
70 1 O     A HOH 120 ? ? O B HOH 142 ? ? 2.13 
71 1 O     A HOH 105 ? ? O A HOH 187 ? ? 2.13 
72 1 "O3'" B 126 16  ? ? O B HOH 266 ? ? 2.13 
73 1 N2    A DG  3   ? ? O A HOH 282 ? ? 2.13 
74 1 O2    B 126 16  ? ? O B HOH 216 ? ? 2.14 
75 1 "O5'" B DA  17  ? ? O B HOH 213 ? ? 2.15 
76 1 O     B HOH 206 ? ? O B HOH 289 ? ? 2.15 
77 1 C7    A DT  4   ? ? O A HOH 187 ? ? 2.16 
78 1 O2    A DC  10  ? ? O A HOH 258 ? ? 2.16 
79 1 O     A HOH 139 ? ? O A HOH 277 ? ? 2.16 
80 1 C6    A 126 6   ? ? O A HOH 281 ? ? 2.17 
81 1 O     B HOH 162 ? ? O B HOH 239 ? ? 2.18 
82 1 O     A HOH 109 ? ? O A HOH 130 ? ? 2.18 
83 1 O     B HOH 135 ? ? O B HOH 220 ? ? 2.19 
# 
loop_
_pdbx_validate_symm_contact.id 
_pdbx_validate_symm_contact.PDB_model_num 
_pdbx_validate_symm_contact.auth_atom_id_1 
_pdbx_validate_symm_contact.auth_asym_id_1 
_pdbx_validate_symm_contact.auth_comp_id_1 
_pdbx_validate_symm_contact.auth_seq_id_1 
_pdbx_validate_symm_contact.PDB_ins_code_1 
_pdbx_validate_symm_contact.label_alt_id_1 
_pdbx_validate_symm_contact.site_symmetry_1 
_pdbx_validate_symm_contact.auth_atom_id_2 
_pdbx_validate_symm_contact.auth_asym_id_2 
_pdbx_validate_symm_contact.auth_comp_id_2 
_pdbx_validate_symm_contact.auth_seq_id_2 
_pdbx_validate_symm_contact.PDB_ins_code_2 
_pdbx_validate_symm_contact.label_alt_id_2 
_pdbx_validate_symm_contact.site_symmetry_2 
_pdbx_validate_symm_contact.dist 
1  1 O  A HOH 156 ? ? 1_555 O B HOH 264 ? ? 4_555 1.61 
2  1 O  B HOH 173 ? ? 1_555 O B HOH 192 ? ? 2_554 1.68 
3  1 O  A HOH 219 ? ? 1_555 O B HOH 236 ? ? 2_554 1.79 
4  1 O  A HOH 219 ? ? 1_555 O B HOH 233 ? ? 2_554 1.81 
5  1 O  A HOH 189 ? ? 1_555 O B HOH 200 ? ? 2_455 1.96 
6  1 O  A HOH 143 ? ? 1_555 O A HOH 152 ? ? 3_545 1.97 
7  1 O  A HOH 215 ? ? 1_555 O B HOH 251 ? ? 2_554 2.02 
8  1 O  A HOH 278 ? ? 1_555 O B HOH 249 ? ? 3_655 2.09 
9  1 N2 B DG  11  ? ? 1_555 O B HOH 193 ? ? 2_555 2.09 
10 1 O  B HOH 222 ? ? 1_555 O B HOH 270 ? ? 3_555 2.10 
11 1 O  A HOH 273 ? ? 1_555 O B HOH 251 ? ? 4_556 2.13 
12 1 O  A HOH 186 ? ? 1_555 O A HOH 268 ? ? 3_555 2.16 
# 
loop_
_pdbx_validate_rmsd_bond.id 
_pdbx_validate_rmsd_bond.PDB_model_num 
_pdbx_validate_rmsd_bond.auth_atom_id_1 
_pdbx_validate_rmsd_bond.auth_asym_id_1 
_pdbx_validate_rmsd_bond.auth_comp_id_1 
_pdbx_validate_rmsd_bond.auth_seq_id_1 
_pdbx_validate_rmsd_bond.PDB_ins_code_1 
_pdbx_validate_rmsd_bond.label_alt_id_1 
_pdbx_validate_rmsd_bond.auth_atom_id_2 
_pdbx_validate_rmsd_bond.auth_asym_id_2 
_pdbx_validate_rmsd_bond.auth_comp_id_2 
_pdbx_validate_rmsd_bond.auth_seq_id_2 
_pdbx_validate_rmsd_bond.PDB_ins_code_2 
_pdbx_validate_rmsd_bond.label_alt_id_2 
_pdbx_validate_rmsd_bond.bond_value 
_pdbx_validate_rmsd_bond.bond_target_value 
_pdbx_validate_rmsd_bond.bond_deviation 
_pdbx_validate_rmsd_bond.bond_standard_deviation 
_pdbx_validate_rmsd_bond.linker_flag 
1 1 N1 A DG 1 ? ? C2 A DG 1 ? ? 1.318 1.373 -0.055 0.008 N 
2 1 N3 A DG 1 ? ? C4 A DG 1 ? ? 1.244 1.350 -0.106 0.007 N 
3 1 N1 A DG 3 ? ? C2 A DG 3 ? ? 1.322 1.373 -0.051 0.008 N 
4 1 N3 A DG 3 ? ? C4 A DG 3 ? ? 1.286 1.350 -0.064 0.007 N 
5 1 C5 A DT 4 ? ? C7 A DT 4 ? ? 1.456 1.496 -0.040 0.006 N 
# 
loop_
_pdbx_validate_rmsd_angle.id 
_pdbx_validate_rmsd_angle.PDB_model_num 
_pdbx_validate_rmsd_angle.auth_atom_id_1 
_pdbx_validate_rmsd_angle.auth_asym_id_1 
_pdbx_validate_rmsd_angle.auth_comp_id_1 
_pdbx_validate_rmsd_angle.auth_seq_id_1 
_pdbx_validate_rmsd_angle.PDB_ins_code_1 
_pdbx_validate_rmsd_angle.label_alt_id_1 
_pdbx_validate_rmsd_angle.auth_atom_id_2 
_pdbx_validate_rmsd_angle.auth_asym_id_2 
_pdbx_validate_rmsd_angle.auth_comp_id_2 
_pdbx_validate_rmsd_angle.auth_seq_id_2 
_pdbx_validate_rmsd_angle.PDB_ins_code_2 
_pdbx_validate_rmsd_angle.label_alt_id_2 
_pdbx_validate_rmsd_angle.auth_atom_id_3 
_pdbx_validate_rmsd_angle.auth_asym_id_3 
_pdbx_validate_rmsd_angle.auth_comp_id_3 
_pdbx_validate_rmsd_angle.auth_seq_id_3 
_pdbx_validate_rmsd_angle.PDB_ins_code_3 
_pdbx_validate_rmsd_angle.label_alt_id_3 
_pdbx_validate_rmsd_angle.angle_value 
_pdbx_validate_rmsd_angle.angle_target_value 
_pdbx_validate_rmsd_angle.angle_deviation 
_pdbx_validate_rmsd_angle.angle_standard_deviation 
_pdbx_validate_rmsd_angle.linker_flag 
1  1 C2    A DG 1  ? ? N3    A DG 1  ? ? C4    A DG 1  ? ? 116.56 111.90 4.66  0.50 N 
2  1 C8    A DG 1  ? ? N9    A DG 1  ? ? C4    A DG 1  ? ? 109.10 106.40 2.70  0.40 N 
3  1 C4    A DT 4  ? ? C5    A DT 4  ? ? C7    A DT 4  ? ? 114.11 119.00 -4.89 0.60 N 
4  1 C6    A DT 4  ? ? C5    A DT 4  ? ? C7    A DT 4  ? ? 127.18 122.90 4.28  0.60 N 
5  1 "O4'" A DA 5  ? ? "C1'" A DA 5  ? ? "C2'" A DA 5  ? ? 109.93 106.80 3.13  0.50 N 
6  1 "O4'" A DA 5  ? ? "C1'" A DA 5  ? ? N9    A DA 5  ? ? 110.72 108.30 2.42  0.30 N 
7  1 N1    A DA 7  ? ? C2    A DA 7  ? ? N3    A DA 7  ? ? 133.62 129.30 4.32  0.50 N 
8  1 N3    A DC 10 ? ? C4    A DC 10 ? ? C5    A DC 10 ? ? 119.03 121.90 -2.87 0.40 N 
9  1 "O4'" B DA 15 ? ? "C1'" B DA 15 ? ? N9    B DA 15 ? ? 110.94 108.30 2.64  0.30 N 
10 1 C5    B DA 17 ? ? N7    B DA 17 ? ? C8    B DA 17 ? ? 100.78 103.90 -3.12 0.50 N 
11 1 N7    B DA 17 ? ? C8    B DA 17 ? ? N9    B DA 17 ? ? 119.07 113.80 5.27  0.50 N 
12 1 C8    B DA 17 ? ? N9    B DA 17 ? ? C4    B DA 17 ? ? 101.95 105.80 -3.85 0.40 N 
13 1 N9    B DA 17 ? ? C4    B DA 17 ? ? C5    B DA 17 ? ? 108.31 105.80 2.51  0.40 N 
14 1 N3    B DC 18 ? ? C4    B DC 18 ? ? C5    B DC 18 ? ? 119.16 121.90 -2.74 0.40 N 
15 1 C4    B DC 18 ? ? C5    B DC 18 ? ? C6    B DC 18 ? ? 122.48 117.40 5.08  0.50 N 
16 1 C5    B DC 18 ? ? C6    B DC 18 ? ? N1    B DC 18 ? ? 117.98 121.00 -3.02 0.50 N 
# 
loop_
_pdbx_struct_mod_residue.id 
_pdbx_struct_mod_residue.label_asym_id 
_pdbx_struct_mod_residue.label_comp_id 
_pdbx_struct_mod_residue.label_seq_id 
_pdbx_struct_mod_residue.auth_asym_id 
_pdbx_struct_mod_residue.auth_comp_id 
_pdbx_struct_mod_residue.auth_seq_id 
_pdbx_struct_mod_residue.PDB_ins_code 
_pdbx_struct_mod_residue.parent_comp_id 
_pdbx_struct_mod_residue.details 
1 A 126 6 A 126 6  ? U ? 
2 B 126 6 B 126 16 ? U ? 
# 
loop_
_chem_comp_atom.comp_id 
_chem_comp_atom.atom_id 
_chem_comp_atom.type_symbol 
_chem_comp_atom.pdbx_aromatic_flag 
_chem_comp_atom.pdbx_stereo_config 
_chem_comp_atom.pdbx_ordinal 
126 P      P  N N 1   
126 OP1    O  N N 2   
126 OP2    O  N N 3   
126 OP3    O  N N 4   
126 "O5'"  O  N N 5   
126 "C5'"  C  N N 6   
126 "C4'"  C  N R 7   
126 "O4'"  O  N N 8   
126 "C3'"  C  N R 9   
126 "O3'"  O  N N 10  
126 "C2'"  C  N R 11  
126 "O2'"  O  N N 12  
126 "C1'"  C  N R 13  
126 N1     N  N N 14  
126 C2     C  N N 15  
126 O2     O  N N 16  
126 N3     N  N N 17  
126 C4     C  N N 18  
126 O4     O  N N 19  
126 C5     C  N N 20  
126 C5M    C  N N 21  
126 C6     C  N N 22  
126 "CA'"  C  N N 23  
126 "CB'"  C  N N 24  
126 "OC'"  O  N N 25  
126 "CD'"  C  N N 26  
126 "CE'"  C  N N 27  
126 "OF'"  O  N N 28  
126 "CG'"  C  N N 29  
126 "CH'"  C  N N 30  
126 "OI'"  O  N N 31  
126 "CK'"  C  N N 32  
126 HOP2   H  N N 33  
126 HOP3   H  N N 34  
126 "H5'"  H  N N 35  
126 "H5''" H  N N 36  
126 "H4'"  H  N N 37  
126 "H3'"  H  N N 38  
126 "HO3'" H  N N 39  
126 "H2'"  H  N N 40  
126 "H1'"  H  N N 41  
126 H3     H  N N 42  
126 H71    H  N N 43  
126 H72    H  N N 44  
126 H73    H  N N 45  
126 H6     H  N N 46  
126 "HA'1" H  N N 47  
126 "HA'2" H  N N 48  
126 "HB'1" H  N N 49  
126 "HB'2" H  N N 50  
126 "HD'1" H  N N 51  
126 "HD'2" H  N N 52  
126 "HE'1" H  N N 53  
126 "HE'2" H  N N 54  
126 "HG'1" H  N N 55  
126 "HG'2" H  N N 56  
126 "HH'1" H  N N 57  
126 "HH'2" H  N N 58  
126 "HK'1" H  N N 59  
126 "HK'2" H  N N 60  
126 "HK'3" H  N N 61  
CS  CS     CS N N 62  
DA  OP3    O  N N 63  
DA  P      P  N N 64  
DA  OP1    O  N N 65  
DA  OP2    O  N N 66  
DA  "O5'"  O  N N 67  
DA  "C5'"  C  N N 68  
DA  "C4'"  C  N R 69  
DA  "O4'"  O  N N 70  
DA  "C3'"  C  N S 71  
DA  "O3'"  O  N N 72  
DA  "C2'"  C  N N 73  
DA  "C1'"  C  N R 74  
DA  N9     N  Y N 75  
DA  C8     C  Y N 76  
DA  N7     N  Y N 77  
DA  C5     C  Y N 78  
DA  C6     C  Y N 79  
DA  N6     N  N N 80  
DA  N1     N  Y N 81  
DA  C2     C  Y N 82  
DA  N3     N  Y N 83  
DA  C4     C  Y N 84  
DA  HOP3   H  N N 85  
DA  HOP2   H  N N 86  
DA  "H5'"  H  N N 87  
DA  "H5''" H  N N 88  
DA  "H4'"  H  N N 89  
DA  "H3'"  H  N N 90  
DA  "HO3'" H  N N 91  
DA  "H2'"  H  N N 92  
DA  "H2''" H  N N 93  
DA  "H1'"  H  N N 94  
DA  H8     H  N N 95  
DA  H61    H  N N 96  
DA  H62    H  N N 97  
DA  H2     H  N N 98  
DC  OP3    O  N N 99  
DC  P      P  N N 100 
DC  OP1    O  N N 101 
DC  OP2    O  N N 102 
DC  "O5'"  O  N N 103 
DC  "C5'"  C  N N 104 
DC  "C4'"  C  N R 105 
DC  "O4'"  O  N N 106 
DC  "C3'"  C  N S 107 
DC  "O3'"  O  N N 108 
DC  "C2'"  C  N N 109 
DC  "C1'"  C  N R 110 
DC  N1     N  N N 111 
DC  C2     C  N N 112 
DC  O2     O  N N 113 
DC  N3     N  N N 114 
DC  C4     C  N N 115 
DC  N4     N  N N 116 
DC  C5     C  N N 117 
DC  C6     C  N N 118 
DC  HOP3   H  N N 119 
DC  HOP2   H  N N 120 
DC  "H5'"  H  N N 121 
DC  "H5''" H  N N 122 
DC  "H4'"  H  N N 123 
DC  "H3'"  H  N N 124 
DC  "HO3'" H  N N 125 
DC  "H2'"  H  N N 126 
DC  "H2''" H  N N 127 
DC  "H1'"  H  N N 128 
DC  H41    H  N N 129 
DC  H42    H  N N 130 
DC  H5     H  N N 131 
DC  H6     H  N N 132 
DG  OP3    O  N N 133 
DG  P      P  N N 134 
DG  OP1    O  N N 135 
DG  OP2    O  N N 136 
DG  "O5'"  O  N N 137 
DG  "C5'"  C  N N 138 
DG  "C4'"  C  N R 139 
DG  "O4'"  O  N N 140 
DG  "C3'"  C  N S 141 
DG  "O3'"  O  N N 142 
DG  "C2'"  C  N N 143 
DG  "C1'"  C  N R 144 
DG  N9     N  Y N 145 
DG  C8     C  Y N 146 
DG  N7     N  Y N 147 
DG  C5     C  Y N 148 
DG  C6     C  N N 149 
DG  O6     O  N N 150 
DG  N1     N  N N 151 
DG  C2     C  N N 152 
DG  N2     N  N N 153 
DG  N3     N  N N 154 
DG  C4     C  Y N 155 
DG  HOP3   H  N N 156 
DG  HOP2   H  N N 157 
DG  "H5'"  H  N N 158 
DG  "H5''" H  N N 159 
DG  "H4'"  H  N N 160 
DG  "H3'"  H  N N 161 
DG  "HO3'" H  N N 162 
DG  "H2'"  H  N N 163 
DG  "H2''" H  N N 164 
DG  "H1'"  H  N N 165 
DG  H8     H  N N 166 
DG  H1     H  N N 167 
DG  H21    H  N N 168 
DG  H22    H  N N 169 
DT  OP3    O  N N 170 
DT  P      P  N N 171 
DT  OP1    O  N N 172 
DT  OP2    O  N N 173 
DT  "O5'"  O  N N 174 
DT  "C5'"  C  N N 175 
DT  "C4'"  C  N R 176 
DT  "O4'"  O  N N 177 
DT  "C3'"  C  N S 178 
DT  "O3'"  O  N N 179 
DT  "C2'"  C  N N 180 
DT  "C1'"  C  N R 181 
DT  N1     N  N N 182 
DT  C2     C  N N 183 
DT  O2     O  N N 184 
DT  N3     N  N N 185 
DT  C4     C  N N 186 
DT  O4     O  N N 187 
DT  C5     C  N N 188 
DT  C7     C  N N 189 
DT  C6     C  N N 190 
DT  HOP3   H  N N 191 
DT  HOP2   H  N N 192 
DT  "H5'"  H  N N 193 
DT  "H5''" H  N N 194 
DT  "H4'"  H  N N 195 
DT  "H3'"  H  N N 196 
DT  "HO3'" H  N N 197 
DT  "H2'"  H  N N 198 
DT  "H2''" H  N N 199 
DT  "H1'"  H  N N 200 
DT  H3     H  N N 201 
DT  H71    H  N N 202 
DT  H72    H  N N 203 
DT  H73    H  N N 204 
DT  H6     H  N N 205 
HOH O      O  N N 206 
HOH H1     H  N N 207 
HOH H2     H  N N 208 
# 
loop_
_chem_comp_bond.comp_id 
_chem_comp_bond.atom_id_1 
_chem_comp_bond.atom_id_2 
_chem_comp_bond.value_order 
_chem_comp_bond.pdbx_aromatic_flag 
_chem_comp_bond.pdbx_stereo_config 
_chem_comp_bond.pdbx_ordinal 
126 P     OP1    doub N N 1   
126 P     OP2    sing N N 2   
126 P     OP3    sing N N 3   
126 P     "O5'"  sing N N 4   
126 OP2   HOP2   sing N N 5   
126 OP3   HOP3   sing N N 6   
126 "O5'" "C5'"  sing N N 7   
126 "C5'" "C4'"  sing N N 8   
126 "C5'" "H5'"  sing N N 9   
126 "C5'" "H5''" sing N N 10  
126 "C4'" "O4'"  sing N N 11  
126 "C4'" "C3'"  sing N N 12  
126 "C4'" "H4'"  sing N N 13  
126 "O4'" "C1'"  sing N N 14  
126 "C3'" "O3'"  sing N N 15  
126 "C3'" "C2'"  sing N N 16  
126 "C3'" "H3'"  sing N N 17  
126 "O3'" "HO3'" sing N N 18  
126 "C2'" "O2'"  sing N N 19  
126 "C2'" "C1'"  sing N N 20  
126 "C2'" "H2'"  sing N N 21  
126 "O2'" "CA'"  sing N N 22  
126 "C1'" N1     sing N N 23  
126 "C1'" "H1'"  sing N N 24  
126 N1    C2     sing N N 25  
126 N1    C6     sing N N 26  
126 C2    O2     doub N N 27  
126 C2    N3     sing N N 28  
126 N3    C4     sing N N 29  
126 N3    H3     sing N N 30  
126 C4    O4     doub N N 31  
126 C4    C5     sing N N 32  
126 C5    C5M    sing N N 33  
126 C5    C6     doub N N 34  
126 C5M   H71    sing N N 35  
126 C5M   H72    sing N N 36  
126 C5M   H73    sing N N 37  
126 C6    H6     sing N N 38  
126 "CA'" "CB'"  sing N N 39  
126 "CA'" "HA'1" sing N N 40  
126 "CA'" "HA'2" sing N N 41  
126 "CB'" "OC'"  sing N N 42  
126 "CB'" "HB'1" sing N N 43  
126 "CB'" "HB'2" sing N N 44  
126 "OC'" "CD'"  sing N N 45  
126 "CD'" "CE'"  sing N N 46  
126 "CD'" "HD'1" sing N N 47  
126 "CD'" "HD'2" sing N N 48  
126 "CE'" "OF'"  sing N N 49  
126 "CE'" "HE'1" sing N N 50  
126 "CE'" "HE'2" sing N N 51  
126 "OF'" "CG'"  sing N N 52  
126 "CG'" "CH'"  sing N N 53  
126 "CG'" "HG'1" sing N N 54  
126 "CG'" "HG'2" sing N N 55  
126 "CH'" "OI'"  sing N N 56  
126 "CH'" "HH'1" sing N N 57  
126 "CH'" "HH'2" sing N N 58  
126 "OI'" "CK'"  sing N N 59  
126 "CK'" "HK'1" sing N N 60  
126 "CK'" "HK'2" sing N N 61  
126 "CK'" "HK'3" sing N N 62  
DA  OP3   P      sing N N 63  
DA  OP3   HOP3   sing N N 64  
DA  P     OP1    doub N N 65  
DA  P     OP2    sing N N 66  
DA  P     "O5'"  sing N N 67  
DA  OP2   HOP2   sing N N 68  
DA  "O5'" "C5'"  sing N N 69  
DA  "C5'" "C4'"  sing N N 70  
DA  "C5'" "H5'"  sing N N 71  
DA  "C5'" "H5''" sing N N 72  
DA  "C4'" "O4'"  sing N N 73  
DA  "C4'" "C3'"  sing N N 74  
DA  "C4'" "H4'"  sing N N 75  
DA  "O4'" "C1'"  sing N N 76  
DA  "C3'" "O3'"  sing N N 77  
DA  "C3'" "C2'"  sing N N 78  
DA  "C3'" "H3'"  sing N N 79  
DA  "O3'" "HO3'" sing N N 80  
DA  "C2'" "C1'"  sing N N 81  
DA  "C2'" "H2'"  sing N N 82  
DA  "C2'" "H2''" sing N N 83  
DA  "C1'" N9     sing N N 84  
DA  "C1'" "H1'"  sing N N 85  
DA  N9    C8     sing Y N 86  
DA  N9    C4     sing Y N 87  
DA  C8    N7     doub Y N 88  
DA  C8    H8     sing N N 89  
DA  N7    C5     sing Y N 90  
DA  C5    C6     sing Y N 91  
DA  C5    C4     doub Y N 92  
DA  C6    N6     sing N N 93  
DA  C6    N1     doub Y N 94  
DA  N6    H61    sing N N 95  
DA  N6    H62    sing N N 96  
DA  N1    C2     sing Y N 97  
DA  C2    N3     doub Y N 98  
DA  C2    H2     sing N N 99  
DA  N3    C4     sing Y N 100 
DC  OP3   P      sing N N 101 
DC  OP3   HOP3   sing N N 102 
DC  P     OP1    doub N N 103 
DC  P     OP2    sing N N 104 
DC  P     "O5'"  sing N N 105 
DC  OP2   HOP2   sing N N 106 
DC  "O5'" "C5'"  sing N N 107 
DC  "C5'" "C4'"  sing N N 108 
DC  "C5'" "H5'"  sing N N 109 
DC  "C5'" "H5''" sing N N 110 
DC  "C4'" "O4'"  sing N N 111 
DC  "C4'" "C3'"  sing N N 112 
DC  "C4'" "H4'"  sing N N 113 
DC  "O4'" "C1'"  sing N N 114 
DC  "C3'" "O3'"  sing N N 115 
DC  "C3'" "C2'"  sing N N 116 
DC  "C3'" "H3'"  sing N N 117 
DC  "O3'" "HO3'" sing N N 118 
DC  "C2'" "C1'"  sing N N 119 
DC  "C2'" "H2'"  sing N N 120 
DC  "C2'" "H2''" sing N N 121 
DC  "C1'" N1     sing N N 122 
DC  "C1'" "H1'"  sing N N 123 
DC  N1    C2     sing N N 124 
DC  N1    C6     sing N N 125 
DC  C2    O2     doub N N 126 
DC  C2    N3     sing N N 127 
DC  N3    C4     doub N N 128 
DC  C4    N4     sing N N 129 
DC  C4    C5     sing N N 130 
DC  N4    H41    sing N N 131 
DC  N4    H42    sing N N 132 
DC  C5    C6     doub N N 133 
DC  C5    H5     sing N N 134 
DC  C6    H6     sing N N 135 
DG  OP3   P      sing N N 136 
DG  OP3   HOP3   sing N N 137 
DG  P     OP1    doub N N 138 
DG  P     OP2    sing N N 139 
DG  P     "O5'"  sing N N 140 
DG  OP2   HOP2   sing N N 141 
DG  "O5'" "C5'"  sing N N 142 
DG  "C5'" "C4'"  sing N N 143 
DG  "C5'" "H5'"  sing N N 144 
DG  "C5'" "H5''" sing N N 145 
DG  "C4'" "O4'"  sing N N 146 
DG  "C4'" "C3'"  sing N N 147 
DG  "C4'" "H4'"  sing N N 148 
DG  "O4'" "C1'"  sing N N 149 
DG  "C3'" "O3'"  sing N N 150 
DG  "C3'" "C2'"  sing N N 151 
DG  "C3'" "H3'"  sing N N 152 
DG  "O3'" "HO3'" sing N N 153 
DG  "C2'" "C1'"  sing N N 154 
DG  "C2'" "H2'"  sing N N 155 
DG  "C2'" "H2''" sing N N 156 
DG  "C1'" N9     sing N N 157 
DG  "C1'" "H1'"  sing N N 158 
DG  N9    C8     sing Y N 159 
DG  N9    C4     sing Y N 160 
DG  C8    N7     doub Y N 161 
DG  C8    H8     sing N N 162 
DG  N7    C5     sing Y N 163 
DG  C5    C6     sing N N 164 
DG  C5    C4     doub Y N 165 
DG  C6    O6     doub N N 166 
DG  C6    N1     sing N N 167 
DG  N1    C2     sing N N 168 
DG  N1    H1     sing N N 169 
DG  C2    N2     sing N N 170 
DG  C2    N3     doub N N 171 
DG  N2    H21    sing N N 172 
DG  N2    H22    sing N N 173 
DG  N3    C4     sing N N 174 
DT  OP3   P      sing N N 175 
DT  OP3   HOP3   sing N N 176 
DT  P     OP1    doub N N 177 
DT  P     OP2    sing N N 178 
DT  P     "O5'"  sing N N 179 
DT  OP2   HOP2   sing N N 180 
DT  "O5'" "C5'"  sing N N 181 
DT  "C5'" "C4'"  sing N N 182 
DT  "C5'" "H5'"  sing N N 183 
DT  "C5'" "H5''" sing N N 184 
DT  "C4'" "O4'"  sing N N 185 
DT  "C4'" "C3'"  sing N N 186 
DT  "C4'" "H4'"  sing N N 187 
DT  "O4'" "C1'"  sing N N 188 
DT  "C3'" "O3'"  sing N N 189 
DT  "C3'" "C2'"  sing N N 190 
DT  "C3'" "H3'"  sing N N 191 
DT  "O3'" "HO3'" sing N N 192 
DT  "C2'" "C1'"  sing N N 193 
DT  "C2'" "H2'"  sing N N 194 
DT  "C2'" "H2''" sing N N 195 
DT  "C1'" N1     sing N N 196 
DT  "C1'" "H1'"  sing N N 197 
DT  N1    C2     sing N N 198 
DT  N1    C6     sing N N 199 
DT  C2    O2     doub N N 200 
DT  C2    N3     sing N N 201 
DT  N3    C4     sing N N 202 
DT  N3    H3     sing N N 203 
DT  C4    O4     doub N N 204 
DT  C4    C5     sing N N 205 
DT  C5    C7     sing N N 206 
DT  C5    C6     doub N N 207 
DT  C7    H71    sing N N 208 
DT  C7    H72    sing N N 209 
DT  C7    H73    sing N N 210 
DT  C6    H6     sing N N 211 
HOH O     H1     sing N N 212 
HOH O     H2     sing N N 213 
# 
_ndb_struct_conf_na.entry_id   1I0K 
_ndb_struct_conf_na.feature    'a-form double helix' 
# 
loop_
_ndb_struct_na_base_pair.model_number 
_ndb_struct_na_base_pair.i_label_asym_id 
_ndb_struct_na_base_pair.i_label_comp_id 
_ndb_struct_na_base_pair.i_label_seq_id 
_ndb_struct_na_base_pair.i_symmetry 
_ndb_struct_na_base_pair.j_label_asym_id 
_ndb_struct_na_base_pair.j_label_comp_id 
_ndb_struct_na_base_pair.j_label_seq_id 
_ndb_struct_na_base_pair.j_symmetry 
_ndb_struct_na_base_pair.shear 
_ndb_struct_na_base_pair.stretch 
_ndb_struct_na_base_pair.stagger 
_ndb_struct_na_base_pair.buckle 
_ndb_struct_na_base_pair.propeller 
_ndb_struct_na_base_pair.opening 
_ndb_struct_na_base_pair.pair_number 
_ndb_struct_na_base_pair.pair_name 
_ndb_struct_na_base_pair.i_auth_asym_id 
_ndb_struct_na_base_pair.i_auth_seq_id 
_ndb_struct_na_base_pair.i_PDB_ins_code 
_ndb_struct_na_base_pair.j_auth_asym_id 
_ndb_struct_na_base_pair.j_auth_seq_id 
_ndb_struct_na_base_pair.j_PDB_ins_code 
_ndb_struct_na_base_pair.hbond_type_28 
_ndb_struct_na_base_pair.hbond_type_12 
1 A DG  1  1_555 B DC  10 1_555 -0.276 -0.199 0.231  3.366  -11.703 -2.068 1  A_DG1:DC20_B  A 1  ? B 20 ? 19 1 
1 A DC  2  1_555 B DG  9  1_555 0.110  -0.082 0.157  4.611  -14.591 1.582  2  A_DC2:DG19_B  A 2  ? B 19 ? 19 1 
1 A DG  3  1_555 B DC  8  1_555 -0.319 -0.159 0.100  -7.328 -11.256 1.095  3  A_DG3:DC18_B  A 3  ? B 18 ? 19 1 
1 A DT  4  1_555 B DA  7  1_555 -0.115 -0.145 -0.057 -3.440 -15.925 0.803  4  A_DT4:DA17_B  A 4  ? B 17 ? 20 1 
1 A DA  5  1_555 B 126 6  1_555 0.156  -0.069 0.190  -0.302 -13.250 -4.788 5  A_DA5:12616_B A 5  ? B 16 ? 20 1 
1 A 126 6  1_555 B DA  5  1_555 -0.145 -0.073 0.191  6.076  -13.962 3.771  6  A_1266:DA15_B A 6  ? B 15 ? 20 1 
1 A DA  7  1_555 B DT  4  1_555 0.031  -0.115 0.040  5.096  -12.404 2.280  7  A_DA7:DT14_B  A 7  ? B 14 ? 20 1 
1 A DC  8  1_555 B DG  3  1_555 0.287  -0.195 -0.085 7.326  -13.595 0.985  8  A_DC8:DG13_B  A 8  ? B 13 ? 19 1 
1 A DG  9  1_555 B DC  2  1_555 -0.030 -0.180 0.125  -5.240 -10.338 0.772  9  A_DG9:DC12_B  A 9  ? B 12 ? 19 1 
1 A DC  10 1_555 B DG  1  1_555 0.374  -0.268 0.099  -4.269 6.268   -0.201 10 A_DC10:DG11_B A 10 ? B 11 ? 19 1 
# 
loop_
_ndb_struct_na_base_pair_step.model_number 
_ndb_struct_na_base_pair_step.i_label_asym_id_1 
_ndb_struct_na_base_pair_step.i_label_comp_id_1 
_ndb_struct_na_base_pair_step.i_label_seq_id_1 
_ndb_struct_na_base_pair_step.i_symmetry_1 
_ndb_struct_na_base_pair_step.j_label_asym_id_1 
_ndb_struct_na_base_pair_step.j_label_comp_id_1 
_ndb_struct_na_base_pair_step.j_label_seq_id_1 
_ndb_struct_na_base_pair_step.j_symmetry_1 
_ndb_struct_na_base_pair_step.i_label_asym_id_2 
_ndb_struct_na_base_pair_step.i_label_comp_id_2 
_ndb_struct_na_base_pair_step.i_label_seq_id_2 
_ndb_struct_na_base_pair_step.i_symmetry_2 
_ndb_struct_na_base_pair_step.j_label_asym_id_2 
_ndb_struct_na_base_pair_step.j_label_comp_id_2 
_ndb_struct_na_base_pair_step.j_label_seq_id_2 
_ndb_struct_na_base_pair_step.j_symmetry_2 
_ndb_struct_na_base_pair_step.shift 
_ndb_struct_na_base_pair_step.slide 
_ndb_struct_na_base_pair_step.rise 
_ndb_struct_na_base_pair_step.tilt 
_ndb_struct_na_base_pair_step.roll 
_ndb_struct_na_base_pair_step.twist 
_ndb_struct_na_base_pair_step.x_displacement 
_ndb_struct_na_base_pair_step.y_displacement 
_ndb_struct_na_base_pair_step.helical_rise 
_ndb_struct_na_base_pair_step.inclination 
_ndb_struct_na_base_pair_step.tip 
_ndb_struct_na_base_pair_step.helical_twist 
_ndb_struct_na_base_pair_step.step_number 
_ndb_struct_na_base_pair_step.step_name 
_ndb_struct_na_base_pair_step.i_auth_asym_id_1 
_ndb_struct_na_base_pair_step.i_auth_seq_id_1 
_ndb_struct_na_base_pair_step.i_PDB_ins_code_1 
_ndb_struct_na_base_pair_step.j_auth_asym_id_1 
_ndb_struct_na_base_pair_step.j_auth_seq_id_1 
_ndb_struct_na_base_pair_step.j_PDB_ins_code_1 
_ndb_struct_na_base_pair_step.i_auth_asym_id_2 
_ndb_struct_na_base_pair_step.i_auth_seq_id_2 
_ndb_struct_na_base_pair_step.i_PDB_ins_code_2 
_ndb_struct_na_base_pair_step.j_auth_asym_id_2 
_ndb_struct_na_base_pair_step.j_auth_seq_id_2 
_ndb_struct_na_base_pair_step.j_PDB_ins_code_2 
1 A DG  1 1_555 B DC  10 1_555 A DC  2  1_555 B DG  9 1_555 0.524  -1.350 3.180 1.095  1.752  39.793 -2.176 -0.647 3.133 2.571  
-1.608 39.844 1 AA_DG1DC2:DG19DC20_BB   A 1 ? B 20 ? A 2  ? B 19 ? 
1 A DC  2 1_555 B DG  9  1_555 A DG  3  1_555 B DC  8 1_555 0.385  -2.232 3.392 1.445  7.902  25.169 -6.864 -0.482 2.600 17.572 
-3.214 26.400 2 AA_DC2DG3:DC18DG19_BB   A 2 ? B 19 ? A 3  ? B 18 ? 
1 A DG  3 1_555 B DC  8  1_555 A DT  4  1_555 B DA  7 1_555 -1.074 -1.472 3.072 -0.873 7.194  36.573 -3.163 1.577  2.767 11.326 
1.375  37.260 3 AA_DG3DT4:DA17DC18_BB   A 3 ? B 18 ? A 4  ? B 17 ? 
1 A DT  4 1_555 B DA  7  1_555 A DA  5  1_555 B 126 6 1_555 0.578  -1.600 3.084 1.247  19.567 25.775 -5.629 -0.864 1.543 37.689 
-2.401 32.284 4 AA_DT4DA5:12616DA17_BB  A 4 ? B 17 ? A 5  ? B 16 ? 
1 A DA  5 1_555 B 126 6  1_555 A 126 6  1_555 B DA  5 1_555 0.722  -1.370 3.139 1.428  3.884  31.627 -3.156 -1.069 2.983 7.088  
-2.607 31.890 5 AA_DA51266:DA1512616_BB A 5 ? B 16 ? A 6  ? B 15 ? 
1 A 126 6 1_555 B DA  5  1_555 A DA  7  1_555 B DT  4 1_555 -0.178 -1.458 3.073 0.329  15.223 31.785 -4.333 0.336  2.169 26.012 
-0.561 35.159 6 AA_1266DA7:DT14DA15_BB  A 6 ? B 15 ? A 7  ? B 14 ? 
1 A DA  7 1_555 B DT  4  1_555 A DC  8  1_555 B DG  3 1_555 0.231  -1.637 3.253 1.087  3.112  33.069 -3.370 -0.226 3.096 5.451  
-1.904 33.228 7 AA_DA7DC8:DG13DT14_BB   A 7 ? B 14 ? A 8  ? B 13 ? 
1 A DC  8 1_555 B DG  3  1_555 A DG  9  1_555 B DC  2 1_555 -0.236 -1.950 3.407 -1.541 12.106 29.233 -5.663 0.167  2.436 22.776 
2.899  31.627 8 AA_DC8DG9:DC12DG13_BB   A 8 ? B 13 ? A 9  ? B 12 ? 
1 A DG  9 1_555 B DC  2  1_555 A DC  10 1_555 B DG  1 1_555 0.071  -1.891 3.393 1.428  -0.703 34.064 -3.109 0.116  3.430 -1.199 
-2.436 34.100 9 AA_DG9DC10:DG11DC12_BB  A 9 ? B 12 ? A 10 ? B 11 ? 
# 
_atom_sites.entry_id                    1I0K 
_atom_sites.fract_transf_matrix[1][1]   0.02485627 
_atom_sites.fract_transf_matrix[1][2]   -0.00964645 
_atom_sites.fract_transf_matrix[1][3]   -0.03009776 
_atom_sites.fract_transf_matrix[2][1]   -0.01728951 
_atom_sites.fract_transf_matrix[2][2]   -0.00021255 
_atom_sites.fract_transf_matrix[2][3]   -0.01421044 
_atom_sites.fract_transf_matrix[3][1]   0.00324937 
_atom_sites.fract_transf_matrix[3][2]   0.02172149 
_atom_sites.fract_transf_matrix[3][3]   -0.00427833 
_atom_sites.fract_transf_vector[1]      0.124751 
_atom_sites.fract_transf_vector[2]      0.052936 
_atom_sites.fract_transf_vector[3]      0.244261 
# 
loop_
_atom_type.symbol 
C  
CS 
N  
O  
P  
# 
loop_
_atom_site.group_PDB 
_atom_site.id 
_atom_site.type_symbol 
_atom_site.label_atom_id 
_atom_site.label_alt_id 
_atom_site.label_comp_id 
_atom_site.label_asym_id 
_atom_site.label_entity_id 
_atom_site.label_seq_id 
_atom_site.pdbx_PDB_ins_code 
_atom_site.Cartn_x 
_atom_site.Cartn_y 
_atom_site.Cartn_z 
_atom_site.occupancy 
_atom_site.B_iso_or_equiv 
_atom_site.pdbx_formal_charge 
_atom_site.auth_seq_id 
_atom_site.auth_comp_id 
_atom_site.auth_asym_id 
_atom_site.auth_atom_id 
_atom_site.pdbx_PDB_model_num 
ATOM   1   O  "O5'" . DG  A 1 1  ? 2.360   7.251   9.439   1.00 19.34 ? 1   DG  A "O5'" 1 
ATOM   2   C  "C5'" . DG  A 1 1  ? 3.474   8.046   9.806   1.00 14.28 ? 1   DG  A "C5'" 1 
ATOM   3   C  "C4'" . DG  A 1 1  ? 4.508   7.313   10.591  1.00 13.34 ? 1   DG  A "C4'" 1 
ATOM   4   O  "O4'" . DG  A 1 1  ? 3.945   6.692   11.757  1.00 12.64 ? 1   DG  A "O4'" 1 
ATOM   5   C  "C3'" . DG  A 1 1  ? 5.120   6.174   9.778   1.00 10.15 ? 1   DG  A "C3'" 1 
ATOM   6   O  "O3'" . DG  A 1 1  ? 6.195   6.657   8.986   1.00 12.68 ? 1   DG  A "O3'" 1 
ATOM   7   C  "C2'" . DG  A 1 1  ? 5.585   5.221   10.870  1.00 12.79 ? 1   DG  A "C2'" 1 
ATOM   8   C  "C1'" . DG  A 1 1  ? 4.547   5.408   11.940  1.00 13.68 ? 1   DG  A "C1'" 1 
ATOM   9   N  N9    . DG  A 1 1  ? 3.443   4.410   11.849  1.00 12.48 ? 1   DG  A N9    1 
ATOM   10  C  C8    . DG  A 1 1  ? 2.162   4.657   11.461  1.00 14.77 ? 1   DG  A C8    1 
ATOM   11  N  N7    . DG  A 1 1  ? 1.427   3.552   11.467  1.00 15.40 ? 1   DG  A N7    1 
ATOM   12  C  C5    . DG  A 1 1  ? 2.324   2.552   11.848  1.00 12.56 ? 1   DG  A C5    1 
ATOM   13  C  C6    . DG  A 1 1  ? 2.104   1.180   12.060  1.00 11.07 ? 1   DG  A C6    1 
ATOM   14  O  O6    . DG  A 1 1  ? 1.060   0.526   11.906  1.00 13.74 ? 1   DG  A O6    1 
ATOM   15  N  N1    . DG  A 1 1  ? 3.264   0.534   12.477  1.00 9.48  ? 1   DG  A N1    1 
ATOM   16  C  C2    . DG  A 1 1  ? 4.432   1.113   12.674  1.00 9.72  ? 1   DG  A C2    1 
ATOM   17  N  N2    . DG  A 1 1  ? 5.467   0.358   13.050  1.00 10.55 ? 1   DG  A N2    1 
ATOM   18  N  N3    . DG  A 1 1  ? 4.587   2.445   12.488  1.00 11.28 ? 1   DG  A N3    1 
ATOM   19  C  C4    . DG  A 1 1  ? 3.582   3.075   12.113  1.00 10.57 ? 1   DG  A C4    1 
ATOM   20  P  P     . DC  A 1 2  ? 6.469   6.010   7.533   1.00 12.20 ? 2   DC  A P     1 
ATOM   21  O  OP1   . DC  A 1 2  ? 7.516   6.862   6.911   1.00 13.13 ? 2   DC  A OP1   1 
ATOM   22  O  OP2   . DC  A 1 2  ? 5.169   5.824   6.843   1.00 13.35 ? 2   DC  A OP2   1 
ATOM   23  O  "O5'" . DC  A 1 2  ? 7.083   4.580   7.857   1.00 10.20 ? 2   DC  A "O5'" 1 
ATOM   24  C  "C5'" . DC  A 1 2  ? 8.291   4.449   8.601   1.00 10.66 ? 2   DC  A "C5'" 1 
ATOM   25  C  "C4'" . DC  A 1 2  ? 8.498   3.012   9.004   1.00 9.47  ? 2   DC  A "C4'" 1 
ATOM   26  O  "O4'" . DC  A 1 2  ? 7.437   2.604   9.888   1.00 8.23  ? 2   DC  A "O4'" 1 
ATOM   27  C  "C3'" . DC  A 1 2  ? 8.437   2.026   7.842   1.00 9.39  ? 2   DC  A "C3'" 1 
ATOM   28  O  "O3'" . DC  A 1 2  ? 9.721   1.936   7.219   1.00 9.39  ? 2   DC  A "O3'" 1 
ATOM   29  C  "C2'" . DC  A 1 2  ? 8.012   0.748   8.513   1.00 9.71  ? 2   DC  A "C2'" 1 
ATOM   30  C  "C1'" . DC  A 1 2  ? 7.100   1.235   9.645   1.00 8.87  ? 2   DC  A "C1'" 1 
ATOM   31  N  N1    . DC  A 1 2  ? 5.658   1.182   9.328   1.00 8.99  ? 2   DC  A N1    1 
ATOM   32  C  C2    . DC  A 1 2  ? 4.996   -0.032  9.510   1.00 7.78  ? 2   DC  A C2    1 
ATOM   33  O  O2    . DC  A 1 2  ? 5.641   -1.022  9.901   1.00 7.92  ? 2   DC  A O2    1 
ATOM   34  N  N3    . DC  A 1 2  ? 3.652   -0.106  9.268   1.00 8.38  ? 2   DC  A N3    1 
ATOM   35  C  C4    . DC  A 1 2  ? 3.018   0.977   8.836   1.00 10.07 ? 2   DC  A C4    1 
ATOM   36  N  N4    . DC  A 1 2  ? 1.695   0.866   8.605   1.00 10.55 ? 2   DC  A N4    1 
ATOM   37  C  C5    . DC  A 1 2  ? 3.664   2.228   8.618   1.00 10.73 ? 2   DC  A C5    1 
ATOM   38  C  C6    . DC  A 1 2  ? 4.987   2.270   8.880   1.00 9.65  ? 2   DC  A C6    1 
ATOM   39  P  P     . DG  A 1 3  ? 9.864   1.213   5.791   1.00 10.01 ? 3   DG  A P     1 
ATOM   40  O  OP1   . DG  A 1 3  ? 11.302  1.202   5.451   1.00 12.86 ? 3   DG  A OP1   1 
ATOM   41  O  OP2   . DG  A 1 3  ? 8.897   1.857   4.850   1.00 11.35 ? 3   DG  A OP2   1 
ATOM   42  O  "O5'" . DG  A 1 3  ? 9.389   -0.256  6.118   1.00 9.10  ? 3   DG  A "O5'" 1 
ATOM   43  C  "C5'" . DG  A 1 3  ? 8.802   -1.089  5.125   1.00 9.93  ? 3   DG  A "C5'" 1 
ATOM   44  C  "C4'" . DG  A 1 3  ? 8.237   -2.336  5.786   1.00 10.05 ? 3   DG  A "C4'" 1 
ATOM   45  O  "O4'" . DG  A 1 3  ? 7.190   -1.984  6.712   1.00 9.60  ? 3   DG  A "O4'" 1 
ATOM   46  C  "C3'" . DG  A 1 3  ? 7.604   -3.330  4.832   1.00 8.77  ? 3   DG  A "C3'" 1 
ATOM   47  O  "O3'" . DG  A 1 3  ? 8.614   -4.183  4.312   1.00 10.16 ? 3   DG  A "O3'" 1 
ATOM   48  C  "C2'" . DG  A 1 3  ? 6.645   -4.081  5.741   1.00 10.57 ? 3   DG  A "C2'" 1 
ATOM   49  C  "C1'" . DG  A 1 3  ? 6.214   -3.020  6.745   1.00 8.08  ? 3   DG  A "C1'" 1 
ATOM   50  N  N9    . DG  A 1 3  ? 4.915   -2.417  6.461   1.00 8.89  ? 3   DG  A N9    1 
ATOM   51  C  C8    . DG  A 1 3  ? 4.634   -1.089  6.242   1.00 10.25 ? 3   DG  A C8    1 
ATOM   52  N  N7    . DG  A 1 3  ? 3.371   -0.857  6.062   1.00 9.22  ? 3   DG  A N7    1 
ATOM   53  C  C5    . DG  A 1 3  ? 2.774   -2.108  6.172   1.00 7.83  ? 3   DG  A C5    1 
ATOM   54  C  C6    . DG  A 1 3  ? 1.405   -2.483  6.083   1.00 8.71  ? 3   DG  A C6    1 
ATOM   55  O  O6    . DG  A 1 3  ? 0.402   -1.771  5.913   1.00 9.29  ? 3   DG  A O6    1 
ATOM   56  N  N1    . DG  A 1 3  ? 1.248   -3.861  6.240   1.00 7.92  ? 3   DG  A N1    1 
ATOM   57  C  C2    . DG  A 1 3  ? 2.234   -4.720  6.436   1.00 9.20  ? 3   DG  A C2    1 
ATOM   58  N  N2    . DG  A 1 3  ? 1.897   -6.041  6.546   1.00 8.96  ? 3   DG  A N2    1 
ATOM   59  N  N3    . DG  A 1 3  ? 3.531   -4.351  6.553   1.00 8.49  ? 3   DG  A N3    1 
ATOM   60  C  C4    . DG  A 1 3  ? 3.708   -3.086  6.399   1.00 8.10  ? 3   DG  A C4    1 
ATOM   61  P  P     . DT  A 1 4  ? 8.405   -4.817  2.868   1.00 9.68  ? 4   DT  A P     1 
ATOM   62  O  OP1   . DT  A 1 4  ? 9.671   -5.545  2.525   1.00 11.93 ? 4   DT  A OP1   1 
ATOM   63  O  OP2   . DT  A 1 4  ? 7.874   -3.807  1.942   1.00 11.64 ? 4   DT  A OP2   1 
ATOM   64  O  "O5'" . DT  A 1 4  ? 7.251   -5.909  3.098   1.00 9.47  ? 4   DT  A "O5'" 1 
ATOM   65  C  "C5'" . DT  A 1 4  ? 7.525   -7.174  3.719   1.00 10.12 ? 4   DT  A "C5'" 1 
ATOM   66  C  "C4'" . DT  A 1 4  ? 6.373   -8.114  3.472   1.00 8.75  ? 4   DT  A "C4'" 1 
ATOM   67  O  "O4'" . DT  A 1 4  ? 5.219   -7.694  4.220   1.00 9.26  ? 4   DT  A "O4'" 1 
ATOM   68  C  "C3'" . DT  A 1 4  ? 5.903   -8.126  2.023   1.00 10.88 ? 4   DT  A "C3'" 1 
ATOM   69  O  "O3'" . DT  A 1 4  ? 6.682   -9.039  1.252   1.00 10.43 ? 4   DT  A "O3'" 1 
ATOM   70  C  "C2'" . DT  A 1 4  ? 4.453   -8.550  2.136   1.00 10.21 ? 4   DT  A "C2'" 1 
ATOM   71  C  "C1'" . DT  A 1 4  ? 4.024   -7.906  3.432   1.00 8.20  ? 4   DT  A "C1'" 1 
ATOM   72  N  N1    . DT  A 1 4  ? 3.331   -6.633  3.315   1.00 7.32  ? 4   DT  A N1    1 
ATOM   73  C  C2    . DT  A 1 4  ? 1.961   -6.642  3.284   1.00 7.47  ? 4   DT  A C2    1 
ATOM   74  O  O2    . DT  A 1 4  ? 1.309   -7.676  3.343   1.00 8.22  ? 4   DT  A O2    1 
ATOM   75  N  N3    . DT  A 1 4  ? 1.383   -5.407  3.179   1.00 7.72  ? 4   DT  A N3    1 
ATOM   76  C  C4    . DT  A 1 4  ? 2.031   -4.184  3.075   1.00 7.75  ? 4   DT  A C4    1 
ATOM   77  O  O4    . DT  A 1 4  ? 1.375   -3.148  3.013   1.00 7.69  ? 4   DT  A O4    1 
ATOM   78  C  C5    . DT  A 1 4  ? 3.445   -4.259  3.081   1.00 7.37  ? 4   DT  A C5    1 
ATOM   79  C  C7    . DT  A 1 4  ? 4.110   -2.965  3.024   1.00 11.26 ? 4   DT  A C7    1 
ATOM   80  C  C6    . DT  A 1 4  ? 4.028   -5.472  3.201   1.00 7.47  ? 4   DT  A C6    1 
ATOM   81  P  P     . DA  A 1 5  ? 6.844   -8.777  -0.330  1.00 12.36 ? 5   DA  A P     1 
ATOM   82  O  OP1   . DA  A 1 5  ? 7.663   -9.898  -0.853  1.00 12.94 ? 5   DA  A OP1   1 
ATOM   83  O  OP2   . DA  A 1 5  ? 7.291   -7.377  -0.539  1.00 14.49 ? 5   DA  A OP2   1 
ATOM   84  O  "O5'" . DA  A 1 5  ? 5.363   -8.950  -0.853  1.00 10.68 ? 5   DA  A "O5'" 1 
ATOM   85  C  "C5'" . DA  A 1 5  ? 4.806   -8.063  -1.839  1.00 11.43 ? 5   DA  A "C5'" 1 
ATOM   86  C  "C4'" . DA  A 1 5  ? 3.336   -8.366  -1.997  1.00 11.44 ? 5   DA  A "C4'" 1 
ATOM   87  O  "O4'" . DA  A 1 5  ? 2.635   -8.019  -0.788  1.00 10.40 ? 5   DA  A "O4'" 1 
ATOM   88  C  "C3'" . DA  A 1 5  ? 2.614   -7.621  -3.099  1.00 11.08 ? 5   DA  A "C3'" 1 
ATOM   89  O  "O3'" . DA  A 1 5  ? 2.812   -8.268  -4.354  1.00 12.22 ? 5   DA  A "O3'" 1 
ATOM   90  C  "C2'" . DA  A 1 5  ? 1.178   -7.656  -2.632  1.00 10.78 ? 5   DA  A "C2'" 1 
ATOM   91  C  "C1'" . DA  A 1 5  ? 1.371   -7.517  -1.156  1.00 9.81  ? 5   DA  A "C1'" 1 
ATOM   92  N  N9    . DA  A 1 5  ? 1.193   -6.174  -0.665  1.00 8.79  ? 5   DA  A N9    1 
ATOM   93  C  C8    . DA  A 1 5  ? 2.195   -5.267  -0.351  1.00 9.52  ? 5   DA  A C8    1 
ATOM   94  N  N7    . DA  A 1 5  ? 1.756   -4.090  -0.031  1.00 9.14  ? 5   DA  A N7    1 
ATOM   95  C  C5    . DA  A 1 5  ? 0.366   -4.217  -0.108  1.00 7.86  ? 5   DA  A C5    1 
ATOM   96  C  C6    . DA  A 1 5  ? -0.669  -3.305  0.116   1.00 7.64  ? 5   DA  A C6    1 
ATOM   97  N  N6    . DA  A 1 5  ? -0.485  -2.025  0.463   1.00 8.56  ? 5   DA  A N6    1 
ATOM   98  N  N1    . DA  A 1 5  ? -1.935  -3.743  -0.042  1.00 10.70 ? 5   DA  A N1    1 
ATOM   99  C  C2    . DA  A 1 5  ? -2.124  -5.020  -0.410  1.00 10.45 ? 5   DA  A C2    1 
ATOM   100 N  N3    . DA  A 1 5  ? -1.229  -5.964  -0.652  1.00 10.68 ? 5   DA  A N3    1 
ATOM   101 C  C4    . DA  A 1 5  ? 0.031   -5.489  -0.485  1.00 7.97  ? 5   DA  A C4    1 
HETATM 102 P  P     . 126 A 1 6  ? 2.774   -7.411  -5.693  1.00 12.88 ? 6   126 A P     1 
HETATM 103 O  OP1   . 126 A 1 6  ? 3.093   -8.318  -6.832  1.00 13.37 ? 6   126 A OP1   1 
HETATM 104 O  OP2   . 126 A 1 6  ? 3.605   -6.185  -5.514  1.00 12.12 ? 6   126 A OP2   1 
HETATM 105 O  "O5'" . 126 A 1 6  ? 1.252   -6.967  -5.819  1.00 11.83 ? 6   126 A "O5'" 1 
HETATM 106 C  "C5'" . 126 A 1 6  ? 0.250   -7.959  -6.044  1.00 13.44 ? 6   126 A "C5'" 1 
HETATM 107 C  "C4'" . 126 A 1 6  ? -1.121  -7.327  -5.974  1.00 12.64 ? 6   126 A "C4'" 1 
HETATM 108 O  "O4'" . 126 A 1 6  ? -1.380  -6.847  -4.627  1.00 10.65 ? 6   126 A "O4'" 1 
HETATM 109 C  "C3'" . 126 A 1 6  ? -1.343  -6.107  -6.823  1.00 11.19 ? 6   126 A "C3'" 1 
HETATM 110 O  "O3'" . 126 A 1 6  ? -1.522  -6.412  -8.180  1.00 12.14 ? 6   126 A "O3'" 1 
HETATM 111 C  "C2'" . 126 A 1 6  ? -2.545  -5.488  -6.167  1.00 11.12 ? 6   126 A "C2'" 1 
HETATM 112 O  "O2'" . 126 A 1 6  ? -3.718  -6.200  -6.498  1.00 13.34 ? 6   126 A "O2'" 1 
HETATM 113 C  "C1'" . 126 A 1 6  ? -2.213  -5.704  -4.687  1.00 10.43 ? 6   126 A "C1'" 1 
HETATM 114 N  N1    . 126 A 1 6  ? -1.490  -4.545  -4.126  1.00 8.96  ? 6   126 A N1    1 
HETATM 115 C  C2    . 126 A 1 6  ? -2.228  -3.507  -3.615  1.00 9.02  ? 6   126 A C2    1 
HETATM 116 O  O2    . 126 A 1 6  ? -3.440  -3.509  -3.595  1.00 10.32 ? 6   126 A O2    1 
HETATM 117 N  N3    . 126 A 1 6  ? -1.486  -2.456  -3.121  1.00 9.01  ? 6   126 A N3    1 
HETATM 118 C  C4    . 126 A 1 6  ? -0.100  -2.336  -3.107  1.00 9.25  ? 6   126 A C4    1 
HETATM 119 O  O4    . 126 A 1 6  ? 0.416   -1.329  -2.638  1.00 9.85  ? 6   126 A O4    1 
HETATM 120 C  C5    . 126 A 1 6  ? 0.599   -3.474  -3.650  1.00 8.67  ? 6   126 A C5    1 
HETATM 121 C  C5M   . 126 A 1 6  ? 2.078   -3.389  -3.688  1.00 10.49 ? 6   126 A C5M   1 
HETATM 122 C  C6    . 126 A 1 6  ? -0.114  -4.487  -4.078  1.00 10.40 ? 6   126 A C6    1 
HETATM 123 C  "CA'" . 126 A 1 6  ? -4.937  -5.542  -6.140  1.00 26.09 ? 6   126 A "CA'" 1 
HETATM 124 C  "CB'" . 126 A 1 6  ? -6.045  -6.154  -6.813  1.00 38.56 ? 6   126 A "CB'" 1 
HETATM 125 O  "OC'" . 126 A 1 6  ? -5.622  -6.540  -8.125  1.00 57.74 ? 6   126 A "OC'" 1 
HETATM 126 C  "CD'" . 126 A 1 6  ? -6.652  -7.046  -8.964  1.00 53.98 ? 6   126 A "CD'" 1 
HETATM 127 C  "CE'" . 126 A 1 6  ? -6.121  -7.399  -10.243 1.00 57.85 ? 6   126 A "CE'" 1 
HETATM 128 O  "OF'" . 126 A 1 6  ? -5.863  -6.256  -11.069 1.00 60.00 ? 6   126 A "OF'" 1 
HETATM 129 C  "CG'" . 126 A 1 6  ? -7.064  -5.716  -11.594 1.00 58.59 ? 6   126 A "CG'" 1 
HETATM 130 C  "CH'" . 126 A 1 6  ? -6.839  -4.541  -12.350 1.00 59.14 ? 6   126 A "CH'" 1 
HETATM 131 O  "OI'" . 126 A 1 6  ? -8.081  -3.925  -12.693 1.00 60.00 ? 6   126 A "OI'" 1 
HETATM 132 C  "CK'" . 126 A 1 6  ? -7.896  -2.608  -13.150 1.00 59.91 ? 6   126 A "CK'" 1 
ATOM   133 P  P     . DA  A 1 7  ? -1.111  -5.335  -9.324  1.00 11.79 ? 7   DA  A P     1 
ATOM   134 O  OP1   . DA  A 1 7  ? -1.283  -6.012  -10.617 1.00 12.57 ? 7   DA  A OP1   1 
ATOM   135 O  OP2   . DA  A 1 7  ? 0.209   -4.752  -8.955  1.00 13.93 ? 7   DA  A OP2   1 
ATOM   136 O  "O5'" . DA  A 1 7  ? -2.209  -4.199  -9.168  1.00 10.27 ? 7   DA  A "O5'" 1 
ATOM   137 C  "C5'" . DA  A 1 7  ? -3.564  -4.444  -9.557  1.00 12.21 ? 7   DA  A "C5'" 1 
ATOM   138 C  "C4'" . DA  A 1 7  ? -4.391  -3.235  -9.259  1.00 10.09 ? 7   DA  A "C4'" 1 
ATOM   139 O  "O4'" . DA  A 1 7  ? -4.480  -3.010  -7.835  1.00 9.99  ? 7   DA  A "O4'" 1 
ATOM   140 C  "C3'" . DA  A 1 7  ? -3.960  -1.920  -9.843  1.00 10.08 ? 7   DA  A "C3'" 1 
ATOM   141 O  "O3'" . DA  A 1 7  ? -4.346  -1.770  -11.202 1.00 11.54 ? 7   DA  A "O3'" 1 
ATOM   142 C  "C2'" . DA  A 1 7  ? -4.631  -0.911  -8.939  1.00 11.47 ? 7   DA  A "C2'" 1 
ATOM   143 C  "C1'" . DA  A 1 7  ? -4.574  -1.597  -7.583  1.00 9.41  ? 7   DA  A "C1'" 1 
ATOM   144 N  N9    . DA  A 1 7  ? -3.369  -1.188  -6.859  1.00 8.67  ? 7   DA  A N9    1 
ATOM   145 C  C8    . DA  A 1 7  ? -2.140  -1.802  -6.804  1.00 9.31  ? 7   DA  A C8    1 
ATOM   146 N  N7    . DA  A 1 7  ? -1.257  -1.138  -6.122  1.00 8.50  ? 7   DA  A N7    1 
ATOM   147 C  C5    . DA  A 1 7  ? -1.950  -0.032  -5.653  1.00 8.60  ? 7   DA  A C5    1 
ATOM   148 C  C6    . DA  A 1 7  ? -1.578  1.066   -4.835  1.00 7.92  ? 7   DA  A C6    1 
ATOM   149 N  N6    . DA  A 1 7  ? -0.353  1.231   -4.340  1.00 9.34  ? 7   DA  A N6    1 
ATOM   150 N  N1    . DA  A 1 7  ? -2.522  1.989   -4.573  1.00 8.55  ? 7   DA  A N1    1 
ATOM   151 C  C2    . DA  A 1 7  ? -3.684  1.802   -5.092  1.00 8.53  ? 7   DA  A C2    1 
ATOM   152 N  N3    . DA  A 1 7  ? -4.209  0.839   -5.840  1.00 8.31  ? 7   DA  A N3    1 
ATOM   153 C  C4    . DA  A 1 7  ? -3.266  -0.057  -6.088  1.00 7.67  ? 7   DA  A C4    1 
ATOM   154 P  P     . DC  A 1 8  ? -3.466  -0.816  -12.159 1.00 12.50 ? 8   DC  A P     1 
ATOM   155 O  OP1   . DC  A 1 8  ? -4.002  -0.957  -13.539 1.00 14.93 ? 8   DC  A OP1   1 
ATOM   156 O  OP2   . DC  A 1 8  ? -2.037  -1.049  -11.888 1.00 15.43 ? 8   DC  A OP2   1 
ATOM   157 O  "O5'" . DC  A 1 8  ? -3.834  0.671   -11.650 1.00 10.74 ? 8   DC  A "O5'" 1 
ATOM   158 C  "C5'" . DC  A 1 8  ? -5.141  1.180   -11.745 1.00 13.63 ? 8   DC  A "C5'" 1 
ATOM   159 C  "C4'" . DC  A 1 8  ? -5.292  2.470   -11.022 1.00 9.43  ? 8   DC  A "C4'" 1 
ATOM   160 O  "O4'" . DC  A 1 8  ? -5.025  2.276   -9.620  1.00 9.77  ? 8   DC  A "O4'" 1 
ATOM   161 C  "C3'" . DC  A 1 8  ? -4.311  3.566   -11.437 1.00 9.83  ? 8   DC  A "C3'" 1 
ATOM   162 O  "O3'" . DC  A 1 8  ? -4.723  4.254   -12.611 1.00 12.98 ? 8   DC  A "O3'" 1 
ATOM   163 C  "C2'" . DC  A 1 8  ? -4.313  4.460   -10.208 1.00 9.49  ? 8   DC  A "C2'" 1 
ATOM   164 C  "C1'" . DC  A 1 8  ? -4.404  3.447   -9.092  1.00 8.73  ? 8   DC  A "C1'" 1 
ATOM   165 N  N1    . DC  A 1 8  ? -3.079  3.114   -8.593  1.00 9.04  ? 8   DC  A N1    1 
ATOM   166 C  C2    . DC  A 1 8  ? -2.490  3.967   -7.653  1.00 7.70  ? 8   DC  A C2    1 
ATOM   167 O  O2    . DC  A 1 8  ? -3.143  4.934   -7.260  1.00 8.03  ? 8   DC  A O2    1 
ATOM   168 N  N3    . DC  A 1 8  ? -1.244  3.718   -7.233  1.00 8.26  ? 8   DC  A N3    1 
ATOM   169 C  C4    . DC  A 1 8  ? -0.551  2.660   -7.672  1.00 8.87  ? 8   DC  A C4    1 
ATOM   170 N  N4    . DC  A 1 8  ? 0.676   2.489   -7.246  1.00 9.44  ? 8   DC  A N4    1 
ATOM   171 C  C5    . DC  A 1 8  ? -1.138  1.785   -8.611  1.00 9.84  ? 8   DC  A C5    1 
ATOM   172 C  C6    . DC  A 1 8  ? -2.403  2.026   -9.037  1.00 9.70  ? 8   DC  A C6    1 
ATOM   173 P  P     . DG  A 1 9  ? -3.608  4.981   -13.523 1.00 13.99 ? 9   DG  A P     1 
ATOM   174 O  OP1   . DG  A 1 9  ? -4.273  5.435   -14.751 1.00 17.02 ? 9   DG  A OP1   1 
ATOM   175 O  OP2   . DG  A 1 9  ? -2.420  4.104   -13.584 1.00 17.57 ? 9   DG  A OP2   1 
ATOM   176 O  "O5'" . DG  A 1 9  ? -3.238  6.284   -12.660 1.00 10.49 ? 9   DG  A "O5'" 1 
ATOM   177 C  "C5'" . DG  A 1 9  ? -4.213  7.289   -12.408 1.00 9.02  ? 9   DG  A "C5'" 1 
ATOM   178 C  "C4'" . DG  A 1 9  ? -3.635  8.321   -11.544 1.00 8.83  ? 9   DG  A "C4'" 1 
ATOM   179 O  "O4'" . DG  A 1 9  ? -3.295  7.783   -10.228 1.00 10.31 ? 9   DG  A "O4'" 1 
ATOM   180 C  "C3'" . DG  A 1 9  ? -2.320  8.959   -12.023 1.00 8.21  ? 9   DG  A "C3'" 1 
ATOM   181 O  "O3'" . DG  A 1 9  ? -2.533  10.007  -12.970 1.00 10.35 ? 9   DG  A "O3'" 1 
ATOM   182 C  "C2'" . DG  A 1 9  ? -1.663  9.473   -10.746 1.00 10.68 ? 9   DG  A "C2'" 1 
ATOM   183 C  "C1'" . DG  A 1 9  ? -2.121  8.424   -9.717  1.00 8.29  ? 9   DG  A "C1'" 1 
ATOM   184 N  N9    . DG  A 1 9  ? -1.075  7.427   -9.528  1.00 8.74  ? 9   DG  A N9    1 
ATOM   185 C  C8    . DG  A 1 9  ? -1.034  6.156   -10.003 1.00 9.75  ? 9   DG  A C8    1 
ATOM   186 N  N7    . DG  A 1 9  ? 0.070   5.522   -9.663  1.00 9.80  ? 9   DG  A N7    1 
ATOM   187 C  C5    . DG  A 1 9  ? 0.765   6.451   -8.913  1.00 7.74  ? 9   DG  A C5    1 
ATOM   188 C  C6    . DG  A 1 9  ? 2.046   6.344   -8.270  1.00 8.48  ? 9   DG  A C6    1 
ATOM   189 O  O6    . DG  A 1 9  ? 2.803   5.375   -8.209  1.00 9.53  ? 9   DG  A O6    1 
ATOM   190 N  N1    . DG  A 1 9  ? 2.386   7.536   -7.624  1.00 8.88  ? 9   DG  A N1    1 
ATOM   191 C  C2    . DG  A 1 9  ? 1.619   8.673   -7.601  1.00 8.70  ? 9   DG  A C2    1 
ATOM   192 N  N2    . DG  A 1 9  ? 2.125   9.719   -6.939  1.00 10.38 ? 9   DG  A N2    1 
ATOM   193 N  N3    . DG  A 1 9  ? 0.436   8.777   -8.190  1.00 9.02  ? 9   DG  A N3    1 
ATOM   194 C  C4    . DG  A 1 9  ? 0.090   7.643   -8.816  1.00 8.49  ? 9   DG  A C4    1 
ATOM   195 P  P     . DC  A 1 10 ? -1.340  10.393  -13.965 1.00 11.45 ? 10  DC  A P     1 
ATOM   196 O  OP1   . DC  A 1 10 ? -1.821  11.519  -14.807 1.00 13.54 ? 10  DC  A OP1   1 
ATOM   197 O  OP2   . DC  A 1 10 ? -0.821  9.164   -14.624 1.00 14.71 ? 10  DC  A OP2   1 
ATOM   198 O  "O5'" . DC  A 1 10 ? -0.188  10.947  -13.000 1.00 9.07  ? 10  DC  A "O5'" 1 
ATOM   199 C  "C5'" . DC  A 1 10 ? -0.369  12.207  -12.335 1.00 8.80  ? 10  DC  A "C5'" 1 
ATOM   200 C  "C4'" . DC  A 1 10 ? 0.911   12.619  -11.684 1.00 8.95  ? 10  DC  A "C4'" 1 
ATOM   201 O  "O4'" . DC  A 1 10 ? 1.235   11.729  -10.583 1.00 9.11  ? 10  DC  A "O4'" 1 
ATOM   202 C  "C3'" . DC  A 1 10 ? 2.160   12.607  -12.563 1.00 8.85  ? 10  DC  A "C3'" 1 
ATOM   203 O  "O3'" . DC  A 1 10 ? 2.291   13.768  -13.375 1.00 8.07  ? 10  DC  A "O3'" 1 
ATOM   204 C  "C2'" . DC  A 1 10 ? 3.266   12.485  -11.562 1.00 8.91  ? 10  DC  A "C2'" 1 
ATOM   205 C  "C1'" . DC  A 1 10 ? 2.654   11.638  -10.451 1.00 8.33  ? 10  DC  A "C1'" 1 
ATOM   206 N  N1    . DC  A 1 10 ? 3.053   10.230  -10.558 1.00 8.64  ? 10  DC  A N1    1 
ATOM   207 C  C2    . DC  A 1 10 ? 4.255   9.836   -9.968  1.00 8.63  ? 10  DC  A C2    1 
ATOM   208 O  O2    . DC  A 1 10 ? 4.919   10.679  -9.371  1.00 8.72  ? 10  DC  A O2    1 
ATOM   209 N  N3    . DC  A 1 10 ? 4.650   8.562   -10.063 1.00 9.86  ? 10  DC  A N3    1 
ATOM   210 C  C4    . DC  A 1 10 ? 3.921   7.649   -10.735 1.00 8.37  ? 10  DC  A C4    1 
ATOM   211 N  N4    . DC  A 1 10 ? 4.355   6.414   -10.808 1.00 10.49 ? 10  DC  A N4    1 
ATOM   212 C  C5    . DC  A 1 10 ? 2.684   8.056   -11.349 1.00 9.33  ? 10  DC  A C5    1 
ATOM   213 C  C6    . DC  A 1 10 ? 2.285   9.310   -11.237 1.00 9.67  ? 10  DC  A C6    1 
ATOM   214 O  "O5'" . DG  B 1 1  ? 11.668  3.974   -4.629  1.00 27.38 ? 11  DG  B "O5'" 1 
ATOM   215 C  "C5'" . DG  B 1 1  ? 12.516  4.824   -3.894  1.00 24.18 ? 11  DG  B "C5'" 1 
ATOM   216 C  "C4'" . DG  B 1 1  ? 12.241  6.250   -4.037  1.00 19.96 ? 11  DG  B "C4'" 1 
ATOM   217 O  "O4'" . DG  B 1 1  ? 12.172  6.611   -5.427  1.00 21.12 ? 11  DG  B "O4'" 1 
ATOM   218 C  "C3'" . DG  B 1 1  ? 10.853  6.622   -3.500  1.00 16.43 ? 11  DG  B "C3'" 1 
ATOM   219 O  "O3'" . DG  B 1 1  ? 10.932  6.926   -2.102  1.00 16.78 ? 11  DG  B "O3'" 1 
ATOM   220 C  "C2'" . DG  B 1 1  ? 10.468  7.823   -4.323  1.00 16.60 ? 11  DG  B "C2'" 1 
ATOM   221 C  "C1'" . DG  B 1 1  ? 11.082  7.513   -5.671  1.00 18.65 ? 11  DG  B "C1'" 1 
ATOM   222 N  N9    . DG  B 1 1  ? 10.196  6.873   -6.605  1.00 15.33 ? 11  DG  B N9    1 
ATOM   223 C  C8    . DG  B 1 1  ? 10.261  5.566   -7.040  1.00 18.59 ? 11  DG  B C8    1 
ATOM   224 N  N7    . DG  B 1 1  ? 9.306   5.255   -7.871  1.00 16.44 ? 11  DG  B N7    1 
ATOM   225 C  C5    . DG  B 1 1  ? 8.562   6.425   -7.992  1.00 15.26 ? 11  DG  B C5    1 
ATOM   226 C  C6    . DG  B 1 1  ? 7.413   6.700   -8.760  1.00 11.95 ? 11  DG  B C6    1 
ATOM   227 O  O6    . DG  B 1 1  ? 6.795   5.938   -9.513  1.00 13.94 ? 11  DG  B O6    1 
ATOM   228 N  N1    . DG  B 1 1  ? 6.982   8.005   -8.587  1.00 11.20 ? 11  DG  B N1    1 
ATOM   229 C  C2    . DG  B 1 1  ? 7.589   8.934   -7.776  1.00 9.92  ? 11  DG  B C2    1 
ATOM   230 N  N2    . DG  B 1 1  ? 7.010   10.139  -7.745  1.00 10.22 ? 11  DG  B N2    1 
ATOM   231 N  N3    . DG  B 1 1  ? 8.671   8.698   -7.062  1.00 11.19 ? 11  DG  B N3    1 
ATOM   232 C  C4    . DG  B 1 1  ? 9.105   7.423   -7.214  1.00 15.13 ? 11  DG  B C4    1 
ATOM   233 P  P     . DC  B 1 2  ? 9.602   6.823   -1.206  1.00 15.94 ? 12  DC  B P     1 
ATOM   234 O  OP1   . DC  B 1 2  ? 9.978   7.047   0.213   1.00 17.39 ? 12  DC  B OP1   1 
ATOM   235 O  OP2   . DC  B 1 2  ? 8.884   5.585   -1.590  1.00 15.93 ? 12  DC  B OP2   1 
ATOM   236 O  "O5'" . DC  B 1 2  ? 8.731   8.064   -1.699  1.00 12.62 ? 12  DC  B "O5'" 1 
ATOM   237 C  "C5'" . DC  B 1 2  ? 9.308   9.360   -1.845  1.00 14.77 ? 12  DC  B "C5'" 1 
ATOM   238 C  "C4'" . DC  B 1 2  ? 8.307   10.295  -2.445  1.00 16.75 ? 12  DC  B "C4'" 1 
ATOM   239 O  "O4'" . DC  B 1 2  ? 8.090   10.005  -3.843  1.00 11.07 ? 12  DC  B "O4'" 1 
ATOM   240 C  "C3'" . DC  B 1 2  ? 6.945   10.170  -1.802  1.00 14.61 ? 12  DC  B "C3'" 1 
ATOM   241 O  "O3'" . DC  B 1 2  ? 6.894   10.990  -0.651  1.00 21.74 ? 12  DC  B "O3'" 1 
ATOM   242 C  "C2'" . DC  B 1 2  ? 5.988   10.607  -2.900  1.00 12.32 ? 12  DC  B "C2'" 1 
ATOM   243 C  "C1'" . DC  B 1 2  ? 6.700   10.142  -4.168  1.00 12.57 ? 12  DC  B "C1'" 1 
ATOM   244 N  N1    . DC  B 1 2  ? 6.244   8.850   -4.698  1.00 9.81  ? 12  DC  B N1    1 
ATOM   245 C  C2    . DC  B 1 2  ? 5.096   8.816   -5.486  1.00 8.27  ? 12  DC  B C2    1 
ATOM   246 O  O2    . DC  B 1 2  ? 4.468   9.857   -5.676  1.00 8.42  ? 12  DC  B O2    1 
ATOM   247 N  N3    . DC  B 1 2  ? 4.704   7.643   -6.032  1.00 9.40  ? 12  DC  B N3    1 
ATOM   248 C  C4    . DC  B 1 2  ? 5.387   6.518   -5.777  1.00 8.97  ? 12  DC  B C4    1 
ATOM   249 N  N4    . DC  B 1 2  ? 4.977   5.388   -6.345  1.00 11.03 ? 12  DC  B N4    1 
ATOM   250 C  C5    . DC  B 1 2  ? 6.549   6.535   -4.940  1.00 10.86 ? 12  DC  B C5    1 
ATOM   251 C  C6    . DC  B 1 2  ? 6.933   7.697   -4.425  1.00 9.51  ? 12  DC  B C6    1 
ATOM   252 P  P     . DG  B 1 3  ? 5.791   10.696  0.421   1.00 24.33 ? 13  DG  B P     1 
ATOM   253 O  OP1   . DG  B 1 3  ? 6.039   11.646  1.568   1.00 26.26 ? 13  DG  B OP1   1 
ATOM   254 O  OP2   . DG  B 1 3  ? 5.714   9.234   0.684   1.00 22.61 ? 13  DG  B OP2   1 
ATOM   255 O  "O5'" . DG  B 1 3  ? 4.445   11.115  -0.301  1.00 24.17 ? 13  DG  B "O5'" 1 
ATOM   256 C  "C5'" . DG  B 1 3  ? 3.288   10.303  -0.169  1.00 16.04 ? 13  DG  B "C5'" 1 
ATOM   257 C  "C4'" . DG  B 1 3  ? 2.205   10.767  -1.133  1.00 12.39 ? 13  DG  B "C4'" 1 
ATOM   258 O  "O4'" . DG  B 1 3  ? 2.561   10.474  -2.482  1.00 12.23 ? 13  DG  B "O4'" 1 
ATOM   259 C  "C3'" . DG  B 1 3  ? 0.915   10.031  -0.877  1.00 9.54  ? 13  DG  B "C3'" 1 
ATOM   260 O  "O3'" . DG  B 1 3  ? 0.170   10.689  0.138   1.00 10.19 ? 13  DG  B "O3'" 1 
ATOM   261 C  "C2'" . DG  B 1 3  ? 0.235   10.063  -2.232  1.00 11.46 ? 13  DG  B "C2'" 1 
ATOM   262 C  "C1'" . DG  B 1 3  ? 1.423   9.953   -3.176  1.00 11.57 ? 13  DG  B "C1'" 1 
ATOM   263 N  N9    . DG  B 1 3  ? 1.729   8.582   -3.514  1.00 9.85  ? 13  DG  B N9    1 
ATOM   264 C  C8    . DG  B 1 3  ? 2.853   7.862   -3.147  1.00 9.47  ? 13  DG  B C8    1 
ATOM   265 N  N7    . DG  B 1 3  ? 2.860   6.642   -3.602  1.00 9.06  ? 13  DG  B N7    1 
ATOM   266 C  C5    . DG  B 1 3  ? 1.673   6.532   -4.326  1.00 7.30  ? 13  DG  B C5    1 
ATOM   267 C  C6    . DG  B 1 3  ? 1.135   5.450   -5.051  1.00 8.26  ? 13  DG  B C6    1 
ATOM   268 O  O6    . DG  B 1 3  ? 1.618   4.321   -5.206  1.00 9.70  ? 13  DG  B O6    1 
ATOM   269 N  N1    . DG  B 1 3  ? -0.083  5.768   -5.625  1.00 8.34  ? 13  DG  B N1    1 
ATOM   270 C  C2    . DG  B 1 3  ? -0.711  6.985   -5.498  1.00 8.27  ? 13  DG  B C2    1 
ATOM   271 N  N2    . DG  B 1 3  ? -1.905  7.105   -6.121  1.00 8.71  ? 13  DG  B N2    1 
ATOM   272 N  N3    . DG  B 1 3  ? -0.224  8.011   -4.844  1.00 9.01  ? 13  DG  B N3    1 
ATOM   273 C  C4    . DG  B 1 3  ? 0.983   7.717   -4.272  1.00 10.44 ? 13  DG  B C4    1 
ATOM   274 P  P     . DT  B 1 4  ? -0.701  9.811   1.165   1.00 10.03 ? 14  DT  B P     1 
ATOM   275 O  OP1   . DT  B 1 4  ? -1.268  10.758  2.153   1.00 11.26 ? 14  DT  B OP1   1 
ATOM   276 O  OP2   . DT  B 1 4  ? 0.120   8.663   1.635   1.00 10.38 ? 14  DT  B OP2   1 
ATOM   277 O  "O5'" . DT  B 1 4  ? -1.856  9.223   0.261   1.00 9.39  ? 14  DT  B "O5'" 1 
ATOM   278 C  "C5'" . DT  B 1 4  ? -2.868  10.093  -0.260  1.00 12.16 ? 14  DT  B "C5'" 1 
ATOM   279 C  "C4'" . DT  B 1 4  ? -3.834  9.306   -1.116  1.00 11.43 ? 14  DT  B "C4'" 1 
ATOM   280 O  "O4'" . DT  B 1 4  ? -3.182  8.800   -2.298  1.00 10.31 ? 14  DT  B "O4'" 1 
ATOM   281 C  "C3'" . DT  B 1 4  ? -4.394  8.045   -0.454  1.00 8.65  ? 14  DT  B "C3'" 1 
ATOM   282 O  "O3'" . DT  B 1 4  ? -5.454  8.325   0.445   1.00 9.86  ? 14  DT  B "O3'" 1 
ATOM   283 C  "C2'" . DT  B 1 4  ? -4.852  7.242   -1.662  1.00 9.88  ? 14  DT  B "C2'" 1 
ATOM   284 C  "C1'" . DT  B 1 4  ? -3.762  7.558   -2.671  1.00 9.35  ? 14  DT  B "C1'" 1 
ATOM   285 N  N1    . DT  B 1 4  ? -2.734  6.502   -2.595  1.00 9.16  ? 14  DT  B N1    1 
ATOM   286 C  C2    . DT  B 1 4  ? -2.946  5.356   -3.310  1.00 8.35  ? 14  DT  B C2    1 
ATOM   287 O  O2    . DT  B 1 4  ? -3.951  5.205   -3.962  1.00 8.80  ? 14  DT  B O2    1 
ATOM   288 N  N3    . DT  B 1 4  ? -1.995  4.388   -3.188  1.00 7.74  ? 14  DT  B N3    1 
ATOM   289 C  C4    . DT  B 1 4  ? -0.809  4.485   -2.478  1.00 8.93  ? 14  DT  B C4    1 
ATOM   290 O  O4    . DT  B 1 4  ? -0.035  3.543   -2.459  1.00 8.44  ? 14  DT  B O4    1 
ATOM   291 C  C5    . DT  B 1 4  ? -0.645  5.730   -1.757  1.00 8.61  ? 14  DT  B C5    1 
ATOM   292 C  C7    . DT  B 1 4  ? 0.615   5.916   -0.934  1.00 9.16  ? 14  DT  B C7    1 
ATOM   293 C  C6    . DT  B 1 4  ? -1.565  6.680   -1.878  1.00 9.26  ? 14  DT  B C6    1 
ATOM   294 P  P     . DA  B 1 5  ? -5.698  7.304   1.675   1.00 10.30 ? 15  DA  B P     1 
ATOM   295 O  OP1   . DA  B 1 5  ? -6.718  7.941   2.542   1.00 12.26 ? 15  DA  B OP1   1 
ATOM   296 O  OP2   . DA  B 1 5  ? -4.402  6.926   2.240   1.00 12.02 ? 15  DA  B OP2   1 
ATOM   297 O  "O5'" . DA  B 1 5  ? -6.322  6.022   0.984   1.00 9.67  ? 15  DA  B "O5'" 1 
ATOM   298 C  "C5'" . DA  B 1 5  ? -7.584  6.116   0.305   1.00 9.28  ? 15  DA  B "C5'" 1 
ATOM   299 C  "C4'" . DA  B 1 5  ? -7.903  4.810   -0.391  1.00 8.19  ? 15  DA  B "C4'" 1 
ATOM   300 O  "O4'" . DA  B 1 5  ? -6.941  4.552   -1.422  1.00 9.01  ? 15  DA  B "O4'" 1 
ATOM   301 C  "C3'" . DA  B 1 5  ? -7.856  3.574   0.495   1.00 9.27  ? 15  DA  B "C3'" 1 
ATOM   302 O  "O3'" . DA  B 1 5  ? -9.053  3.396   1.224   1.00 9.08  ? 15  DA  B "O3'" 1 
ATOM   303 C  "C2'" . DA  B 1 5  ? -7.626  2.485   -0.478  1.00 10.89 ? 15  DA  B "C2'" 1 
ATOM   304 C  "C1'" . DA  B 1 5  ? -6.706  3.188   -1.513  1.00 7.64  ? 15  DA  B "C1'" 1 
ATOM   305 N  N9    . DA  B 1 5  ? -5.295  2.881   -1.260  1.00 7.96  ? 15  DA  B N9    1 
ATOM   306 C  C8    . DA  B 1 5  ? -4.383  3.666   -0.609  1.00 8.41  ? 15  DA  B C8    1 
ATOM   307 N  N7    . DA  B 1 5  ? -3.179  3.120   -0.530  1.00 7.69  ? 15  DA  B N7    1 
ATOM   308 C  C5    . DA  B 1 5  ? -3.337  1.901   -1.171  1.00 7.16  ? 15  DA  B C5    1 
ATOM   309 C  C6    . DA  B 1 5  ? -2.441  0.846   -1.439  1.00 7.72  ? 15  DA  B C6    1 
ATOM   310 N  N6    . DA  B 1 5  ? -1.172  0.855   -1.091  1.00 9.12  ? 15  DA  B N6    1 
ATOM   311 N  N1    . DA  B 1 5  ? -2.918  -0.236  -2.085  1.00 8.31  ? 15  DA  B N1    1 
ATOM   312 C  C2    . DA  B 1 5  ? -4.204  -0.247  -2.461  1.00 7.98  ? 15  DA  B C2    1 
ATOM   313 N  N3    . DA  B 1 5  ? -5.105  0.674   -2.280  1.00 8.05  ? 15  DA  B N3    1 
ATOM   314 C  C4    . DA  B 1 5  ? -4.618  1.733   -1.619  1.00 7.85  ? 15  DA  B C4    1 
HETATM 315 P  P     . 126 B 1 6  ? -9.092  2.503   2.558   1.00 9.90  ? 16  126 B P     1 
HETATM 316 O  OP1   . 126 B 1 6  ? -10.385 2.748   3.203   1.00 10.61 ? 16  126 B OP1   1 
HETATM 317 O  OP2   . 126 B 1 6  ? -7.814  2.731   3.328   1.00 11.52 ? 16  126 B OP2   1 
HETATM 318 O  "O5'" . 126 B 1 6  ? -9.008  1.019   2.023   1.00 9.66  ? 16  126 B "O5'" 1 
HETATM 319 C  "C5'" . 126 B 1 6  ? -10.089 0.505   1.241   1.00 10.84 ? 16  126 B "C5'" 1 
HETATM 320 C  "C4'" . 126 B 1 6  ? -9.755  -0.922  0.802   1.00 9.59  ? 16  126 B "C4'" 1 
HETATM 321 O  "O4'" . 126 B 1 6  ? -8.681  -0.848  -0.127  1.00 9.33  ? 16  126 B "O4'" 1 
HETATM 322 C  "C3'" . 126 B 1 6  ? -9.214  -1.865  1.875   1.00 9.65  ? 16  126 B "C3'" 1 
HETATM 323 O  "O3'" . 126 B 1 6  ? -10.235 -2.412  2.713   1.00 11.63 ? 16  126 B "O3'" 1 
HETATM 324 C  "C2'" . 126 B 1 6  ? -8.575  -2.866  1.013   1.00 10.30 ? 16  126 B "C2'" 1 
HETATM 325 O  "O2'" . 126 B 1 6  ? -9.466  -3.766  0.403   1.00 11.69 ? 16  126 B "O2'" 1 
HETATM 326 C  "C1'" . 126 B 1 6  ? -7.884  -1.995  -0.037  1.00 10.48 ? 16  126 B "C1'" 1 
HETATM 327 N  N1    . 126 B 1 6  ? -6.523  -1.623  0.383   1.00 8.81  ? 16  126 B N1    1 
HETATM 328 C  C2    . 126 B 1 6  ? -5.486  -2.478  0.097   1.00 8.54  ? 16  126 B C2    1 
HETATM 329 O  O2    . 126 B 1 6  ? -5.662  -3.561  -0.474  1.00 9.24  ? 16  126 B O2    1 
HETATM 330 N  N3    . 126 B 1 6  ? -4.258  -2.075  0.515   1.00 9.10  ? 16  126 B N3    1 
HETATM 331 C  C4    . 126 B 1 6  ? -3.953  -0.901  1.172   1.00 8.90  ? 16  126 B C4    1 
HETATM 332 O  O4    . 126 B 1 6  ? -2.795  -0.662  1.492   1.00 8.39  ? 16  126 B O4    1 
HETATM 333 C  C5    . 126 B 1 6  ? -5.079  -0.035  1.447   1.00 8.16  ? 16  126 B C5    1 
HETATM 334 C  C5M   . 126 B 1 6  ? -4.840  1.261   2.171   1.00 10.62 ? 16  126 B C5M   1 
HETATM 335 C  C6    . 126 B 1 6  ? -6.288  -0.425  1.032   1.00 10.43 ? 16  126 B C6    1 
HETATM 336 C  "CA'" . 126 B 1 6  ? -8.870  -4.512  -0.687  1.00 25.19 ? 16  126 B "CA'" 1 
HETATM 337 C  "CB'" . 126 B 1 6  ? -9.786  -5.444  -1.207  1.00 37.25 ? 16  126 B "CB'" 1 
HETATM 338 O  "OC'" . 126 B 1 6  ? -10.243 -6.219  -0.112  1.00 56.31 ? 16  126 B "OC'" 1 
HETATM 339 C  "CD'" . 126 B 1 6  ? -11.578 -6.550  -0.222  1.00 54.49 ? 16  126 B "CD'" 1 
HETATM 340 C  "CE'" . 126 B 1 6  ? -12.027 -7.172  1.002   1.00 57.87 ? 16  126 B "CE'" 1 
HETATM 341 O  "OF'" . 126 B 1 6  ? -11.182 -8.187  1.416   1.00 60.00 ? 16  126 B "OF'" 1 
HETATM 342 C  "CG'" . 126 B 1 6  ? -11.506 -8.713  2.694   1.00 59.02 ? 16  126 B "CG'" 1 
HETATM 343 C  "CH'" . 126 B 1 6  ? -10.353 -9.219  3.339   1.00 59.87 ? 16  126 B "CH'" 1 
HETATM 344 O  "OI'" . 126 B 1 6  ? -10.036 -10.563 3.034   1.00 60.00 ? 16  126 B "OI'" 1 
HETATM 345 C  "CK'" . 126 B 1 6  ? -8.655  -10.683 2.692   1.00 58.73 ? 16  126 B "CK'" 1 
ATOM   346 P  P     . DA  B 1 7  ? -9.898  -2.771  4.257   1.00 11.32 ? 17  DA  B P     1 
ATOM   347 O  OP1   . DA  B 1 7  ? -11.177 -3.106  4.902   1.00 12.60 ? 17  DA  B OP1   1 
ATOM   348 O  OP2   . DA  B 1 7  ? -9.040  -1.715  4.829   1.00 12.88 ? 17  DA  B OP2   1 
ATOM   349 O  "O5'" . DA  B 1 7  ? -9.053  -4.121  4.102   1.00 10.88 ? 17  DA  B "O5'" 1 
ATOM   350 C  "C5'" . DA  B 1 7  ? -9.574  -5.325  3.638   1.00 12.95 ? 17  DA  B "C5'" 1 
ATOM   351 C  "C4'" . DA  B 1 7  ? -8.610  -6.407  3.512   1.00 10.87 ? 17  DA  B "C4'" 1 
ATOM   352 O  "O4'" . DA  B 1 7  ? -7.641  -6.078  2.505   1.00 10.83 ? 17  DA  B "O4'" 1 
ATOM   353 C  "C3'" . DA  B 1 7  ? -7.785  -6.656  4.762   1.00 11.48 ? 17  DA  B "C3'" 1 
ATOM   354 O  "O3'" . DA  B 1 7  ? -8.460  -7.475  5.697   1.00 14.82 ? 17  DA  B "O3'" 1 
ATOM   355 C  "C2'" . DA  B 1 7  ? -6.570  -7.321  4.204   1.00 11.84 ? 17  DA  B "C2'" 1 
ATOM   356 C  "C1'" . DA  B 1 7  ? -6.365  -6.603  2.868   1.00 11.09 ? 17  DA  B "C1'" 1 
ATOM   357 N  N9    . DA  B 1 7  ? -5.442  -5.512  3.017   1.00 10.65 ? 17  DA  B N9    1 
ATOM   358 C  C8    . DA  B 1 7  ? -5.632  -4.211  3.202   1.00 11.10 ? 17  DA  B C8    1 
ATOM   359 N  N7    . DA  B 1 7  ? -4.602  -3.444  3.397   1.00 8.97  ? 17  DA  B N7    1 
ATOM   360 C  C5    . DA  B 1 7  ? -3.558  -4.349  3.184   1.00 9.53  ? 17  DA  B C5    1 
ATOM   361 C  C6    . DA  B 1 7  ? -2.170  -4.203  3.175   1.00 9.16  ? 17  DA  B C6    1 
ATOM   362 N  N6    . DA  B 1 7  ? -1.548  -3.041  3.379   1.00 8.29  ? 17  DA  B N6    1 
ATOM   363 N  N1    . DA  B 1 7  ? -1.433  -5.312  2.945   1.00 8.19  ? 17  DA  B N1    1 
ATOM   364 C  C2    . DA  B 1 7  ? -2.060  -6.474  2.734   1.00 8.87  ? 17  DA  B C2    1 
ATOM   365 N  N3    . DA  B 1 7  ? -3.366  -6.739  2.706   1.00 9.49  ? 17  DA  B N3    1 
ATOM   366 C  C4    . DA  B 1 7  ? -4.074  -5.592  2.945   1.00 9.32  ? 17  DA  B C4    1 
ATOM   367 P  P     . DC  B 1 8  ? -8.321  -7.168  7.267   1.00 14.10 ? 18  DC  B P     1 
ATOM   368 O  OP1   . DC  B 1 8  ? -9.286  -8.049  7.976   1.00 14.69 ? 18  DC  B OP1   1 
ATOM   369 O  OP2   . DC  B 1 8  ? -8.429  -5.691  7.440   1.00 17.05 ? 18  DC  B OP2   1 
ATOM   370 O  "O5'" . DC  B 1 8  ? -6.837  -7.608  7.626   1.00 13.33 ? 18  DC  B "O5'" 1 
ATOM   371 C  "C5'" . DC  B 1 8  ? -6.439  -8.985  7.538   1.00 13.32 ? 18  DC  B "C5'" 1 
ATOM   372 C  "C4'" . DC  B 1 8  ? -4.957  -9.145  7.479   1.00 12.71 ? 18  DC  B "C4'" 1 
ATOM   373 O  "O4'" . DC  B 1 8  ? -4.401  -8.451  6.393   1.00 12.34 ? 18  DC  B "O4'" 1 
ATOM   374 C  "C3'" . DC  B 1 8  ? -4.150  -8.647  8.677   1.00 11.64 ? 18  DC  B "C3'" 1 
ATOM   375 O  "O3'" . DC  B 1 8  ? -4.148  -9.572  9.760   1.00 15.68 ? 18  DC  B "O3'" 1 
ATOM   376 C  "C2'" . DC  B 1 8  ? -2.764  -8.502  8.081   1.00 11.30 ? 18  DC  B "C2'" 1 
ATOM   377 C  "C1'" . DC  B 1 8  ? -3.028  -8.063  6.701   1.00 10.16 ? 18  DC  B "C1'" 1 
ATOM   378 N  N1    . DC  B 1 8  ? -2.946  -6.578  6.563   1.00 10.76 ? 18  DC  B N1    1 
ATOM   379 C  C2    . DC  B 1 8  ? -1.700  -6.037  6.441   1.00 9.45  ? 18  DC  B C2    1 
ATOM   380 O  O2    . DC  B 1 8  ? -0.750  -6.812  6.376   1.00 9.67  ? 18  DC  B O2    1 
ATOM   381 N  N3    . DC  B 1 8  ? -1.505  -4.705  6.366   1.00 9.32  ? 18  DC  B N3    1 
ATOM   382 C  C4    . DC  B 1 8  ? -2.566  -3.906  6.504   1.00 10.02 ? 18  DC  B C4    1 
ATOM   383 N  N4    . DC  B 1 8  ? -2.364  -2.588  6.510   1.00 13.07 ? 18  DC  B N4    1 
ATOM   384 C  C5    . DC  B 1 8  ? -3.829  -4.469  6.581   1.00 13.55 ? 18  DC  B C5    1 
ATOM   385 C  C6    . DC  B 1 8  ? -4.019  -5.770  6.683   1.00 10.78 ? 18  DC  B C6    1 
ATOM   386 P  P     . DG  B 1 9  ? -3.762  -9.053  11.240  1.00 16.13 ? 19  DG  B P     1 
ATOM   387 O  OP1   . DG  B 1 9  ? -4.009  -10.161 12.180  1.00 18.27 ? 19  DG  B OP1   1 
ATOM   388 O  OP2   . DG  B 1 9  ? -4.418  -7.744  11.447  1.00 19.89 ? 19  DG  B OP2   1 
ATOM   389 O  "O5'" . DG  B 1 9  ? -2.188  -8.818  11.159  1.00 16.37 ? 19  DG  B "O5'" 1 
ATOM   390 C  "C5'" . DG  B 1 9  ? -1.299  -9.922  10.966  1.00 13.98 ? 19  DG  B "C5'" 1 
ATOM   391 C  "C4'" . DG  B 1 9  ? 0.108   -9.444  10.678  1.00 9.85  ? 19  DG  B "C4'" 1 
ATOM   392 O  "O4'" . DG  B 1 9  ? 0.097   -8.511  9.578   1.00 8.39  ? 19  DG  B "O4'" 1 
ATOM   393 C  "C3'" . DG  B 1 9  ? 0.828   -8.714  11.805  1.00 8.07  ? 19  DG  B "C3'" 1 
ATOM   394 O  "O3'" . DG  B 1 9  ? 1.432   -9.631  12.700  1.00 9.88  ? 19  DG  B "O3'" 1 
ATOM   395 C  "C2'" . DG  B 1 9  ? 1.873   -7.917  11.044  1.00 8.64  ? 19  DG  B "C2'" 1 
ATOM   396 C  "C1'" . DG  B 1 9  ? 1.168   -7.585  9.742   1.00 8.59  ? 19  DG  B "C1'" 1 
ATOM   397 N  N9    . DG  B 1 9  ? 0.622   -6.231  9.725   1.00 8.32  ? 19  DG  B N9    1 
ATOM   398 C  C8    . DG  B 1 9  ? -0.696  -5.838  9.679   1.00 8.66  ? 19  DG  B C8    1 
ATOM   399 N  N7    . DG  B 1 9  ? -0.861  -4.547  9.615   1.00 9.72  ? 19  DG  B N7    1 
ATOM   400 C  C5    . DG  B 1 9  ? 0.453   -4.041  9.620   1.00 8.87  ? 19  DG  B C5    1 
ATOM   401 C  C6    . DG  B 1 9  ? 0.924   -2.713  9.543   1.00 8.64  ? 19  DG  B C6    1 
ATOM   402 O  O6    . DG  B 1 9  ? 0.285   -1.664  9.415   1.00 8.98  ? 19  DG  B O6    1 
ATOM   403 N  N1    . DG  B 1 9  ? 2.314   -2.664  9.604   1.00 8.25  ? 19  DG  B N1    1 
ATOM   404 C  C2    . DG  B 1 9  ? 3.145   -3.756  9.704   1.00 8.62  ? 19  DG  B C2    1 
ATOM   405 N  N2    . DG  B 1 9  ? 4.455   -3.498  9.765   1.00 7.77  ? 19  DG  B N2    1 
ATOM   406 N  N3    . DG  B 1 9  ? 2.709   -4.999  9.753   1.00 7.90  ? 19  DG  B N3    1 
ATOM   407 C  C4    . DG  B 1 9  ? 1.355   -5.071  9.706   1.00 8.02  ? 19  DG  B C4    1 
ATOM   408 P  P     . DC  B 1 10 ? 1.734   -9.205  14.221  1.00 11.16 ? 20  DC  B P     1 
ATOM   409 O  OP1   . DC  B 1 10 ? 2.224   -10.414 14.913  1.00 14.19 ? 20  DC  B OP1   1 
ATOM   410 O  OP2   . DC  B 1 10 ? 0.570   -8.461  14.778  1.00 14.38 ? 20  DC  B OP2   1 
ATOM   411 O  "O5'" . DC  B 1 10 ? 2.960   -8.180  14.103  1.00 10.40 ? 20  DC  B "O5'" 1 
ATOM   412 C  "C5'" . DC  B 1 10 ? 4.266   -8.633  13.751  1.00 11.37 ? 20  DC  B "C5'" 1 
ATOM   413 C  "C4'" . DC  B 1 10 ? 5.239   -7.480  13.804  1.00 7.87  ? 20  DC  B "C4'" 1 
ATOM   414 O  "O4'" . DC  B 1 10 ? 4.856   -6.499  12.811  1.00 8.39  ? 20  DC  B "O4'" 1 
ATOM   415 C  "C3'" . DC  B 1 10 ? 5.257   -6.718  15.119  1.00 8.31  ? 20  DC  B "C3'" 1 
ATOM   416 O  "O3'" . DC  B 1 10 ? 6.164   -7.294  16.067  1.00 10.79 ? 20  DC  B "O3'" 1 
ATOM   417 C  "C2'" . DC  B 1 10 ? 5.698   -5.333  14.706  1.00 8.48  ? 20  DC  B "C2'" 1 
ATOM   418 C  "C1'" . DC  B 1 10 ? 5.118   -5.181  13.306  1.00 8.56  ? 20  DC  B "C1'" 1 
ATOM   419 N  N1    . DC  B 1 10 ? 3.884   -4.399  13.220  1.00 8.11  ? 20  DC  B N1    1 
ATOM   420 C  C2    . DC  B 1 10 ? 3.968   -3.017  13.063  1.00 7.64  ? 20  DC  B C2    1 
ATOM   421 O  O2    . DC  B 1 10 ? 5.084   -2.524  13.078  1.00 8.26  ? 20  DC  B O2    1 
ATOM   422 N  N3    . DC  B 1 10 ? 2.852   -2.295  12.920  1.00 8.77  ? 20  DC  B N3    1 
ATOM   423 C  C4    . DC  B 1 10 ? 1.638   -2.883  12.917  1.00 8.59  ? 20  DC  B C4    1 
ATOM   424 N  N4    . DC  B 1 10 ? 0.568   -2.141  12.719  1.00 10.19 ? 20  DC  B N4    1 
ATOM   425 C  C5    . DC  B 1 10 ? 1.533   -4.296  13.118  1.00 9.41  ? 20  DC  B C5    1 
ATOM   426 C  C6    . DC  B 1 10 ? 2.653   -5.012  13.265  1.00 9.27  ? 20  DC  B C6    1 
HETATM 427 CS CS    . CS  C 2 .  ? -4.654  12.264  -13.849 1.00 15.06 ? 21  CS  A CS    1 
HETATM 428 CS CS    . CS  D 2 .  ? 1.601   -0.242  3.060   1.00 35.00 ? 22  CS  A CS    1 
HETATM 429 CS CS    . CS  E 2 .  ? 8.371   -8.041  15.071  1.00 65.00 ? 23  CS  B CS    1 
HETATM 430 O  O     . HOH F 3 .  ? 8.227   -1.881  10.645  1.00 9.90  ? 103 HOH A O     1 
HETATM 431 O  O     . HOH F 3 .  ? 1.362   -1.468  -6.555  1.00 13.57 ? 104 HOH A O     1 
HETATM 432 O  O     . HOH F 3 .  ? 5.957   -5.045  0.076   1.00 13.64 ? 105 HOH A O     1 
HETATM 433 O  O     . HOH F 3 .  ? -0.408  11.423  -7.627  1.00 14.91 ? 106 HOH A O     1 
HETATM 434 O  O     . HOH F 3 .  ? -3.019  -8.457  -10.548 1.00 23.71 ? 107 HOH A O     1 
HETATM 435 O  O     . HOH F 3 .  ? -3.544  -8.876  -8.188  1.00 20.15 ? 108 HOH A O     1 
HETATM 436 O  O     . HOH F 3 .  ? 9.866   6.184   5.216   1.00 16.40 ? 109 HOH A O     1 
HETATM 437 O  O     . HOH F 3 .  ? 4.466   3.519   5.095   1.00 15.18 ? 111 HOH A O     1 
HETATM 438 O  O     . HOH F 3 .  ? 1.999   0.159   -8.616  1.00 19.57 ? 112 HOH A O     1 
HETATM 439 O  O     . HOH F 3 .  ? 2.273   -4.069  -7.141  1.00 18.58 ? 114 HOH A O     1 
HETATM 440 O  O     . HOH F 3 .  ? 8.831   3.059   12.274  1.00 13.83 ? 117 HOH A O     1 
HETATM 441 O  O     . HOH F 3 .  ? 0.678   13.349  -15.510 1.00 9.89  ? 118 HOH A O     1 
HETATM 442 O  O     . HOH F 3 .  ? -5.976  -3.169  -4.571  1.00 14.73 ? 120 HOH A O     1 
HETATM 443 O  O     . HOH F 3 .  ? 0.755   16.334  -13.073 1.00 14.89 ? 121 HOH A O     1 
HETATM 444 O  O     . HOH F 3 .  ? 6.278   1.571   4.924   1.00 14.22 ? 122 HOH A O     1 
HETATM 445 O  O     . HOH F 3 .  ? -7.476  -5.341  -3.786  1.00 23.29 ? 124 HOH A O     1 
HETATM 446 O  O     . HOH F 3 .  ? -2.360  -8.642  -1.301  1.00 13.44 ? 125 HOH A O     1 
HETATM 447 O  O     . HOH F 3 .  ? 7.432   9.647   11.079  1.00 25.01 ? 126 HOH A O     1 
HETATM 448 O  O     . HOH F 3 .  ? 8.844   4.696   3.988   1.00 24.29 ? 130 HOH A O     1 
HETATM 449 O  O     . HOH F 3 .  ? 11.303  -7.280  3.546   1.00 23.02 ? 132 HOH A O     1 
HETATM 450 O  O     . HOH F 3 .  ? 2.419   1.549   4.992   1.00 16.70 ? 134 HOH A O     1 
HETATM 451 O  O     . HOH F 3 .  ? -3.649  -9.152  -11.991 1.00 28.72 ? 139 HOH A O     1 
HETATM 452 O  O     . HOH F 3 .  ? -4.335  -7.561  -2.838  1.00 17.06 ? 141 HOH A O     1 
HETATM 453 O  O     . HOH F 3 .  ? 2.072   9.177   11.090  1.00 28.65 ? 143 HOH A O     1 
HETATM 454 O  O     . HOH F 3 .  ? 5.921   -5.164  -4.033  1.00 23.68 ? 145 HOH A O     1 
HETATM 455 O  O     . HOH F 3 .  ? 1.135   3.303   -10.915 1.00 20.33 ? 146 HOH A O     1 
HETATM 456 O  O     . HOH F 3 .  ? 12.624  3.527   5.039   1.00 22.08 ? 147 HOH A O     1 
HETATM 457 O  O     . HOH F 3 .  ? 2.901   0.092   -2.262  1.00 18.71 ? 148 HOH A O     1 
HETATM 458 O  O     . HOH F 3 .  ? -2.291  -5.452  -13.107 1.00 25.87 ? 149 HOH A O     1 
HETATM 459 O  O     . HOH F 3 .  ? -0.683  3.441   9.409   1.00 27.19 ? 150 HOH A O     1 
HETATM 460 O  O     . HOH F 3 .  ? 2.700   -1.263  -0.364  1.00 22.94 ? 151 HOH A O     1 
HETATM 461 O  O     . HOH F 3 .  ? -9.533  -5.942  -11.130 1.00 23.44 ? 152 HOH A O     1 
HETATM 462 O  O     . HOH F 3 .  ? 6.373   -6.662  -4.244  1.00 27.39 ? 154 HOH A O     1 
HETATM 463 O  O     . HOH F 3 .  ? -4.616  -9.009  -5.218  1.00 24.71 ? 156 HOH A O     1 
HETATM 464 O  O     . HOH F 3 .  ? 7.680   -6.583  -3.416  1.00 22.73 ? 158 HOH A O     1 
HETATM 465 O  O     . HOH F 3 .  ? 5.237   0.275   2.872   1.00 24.03 ? 161 HOH A O     1 
HETATM 466 O  O     . HOH F 3 .  ? 5.728   -2.490  1.589   1.00 27.57 ? 163 HOH A O     1 
HETATM 467 O  O     . HOH F 3 .  ? 10.055  -4.120  -0.824  1.00 27.02 ? 164 HOH A O     1 
HETATM 468 O  O     . HOH F 3 .  ? 3.405   2.856   -9.274  1.00 20.90 ? 166 HOH A O     1 
HETATM 469 O  O     . HOH F 3 .  ? 12.404  -6.421  8.867   1.00 23.66 ? 167 HOH A O     1 
HETATM 470 O  O     . HOH F 3 .  ? 5.521   -3.215  -1.768  1.00 24.71 ? 169 HOH A O     1 
HETATM 471 O  O     . HOH F 3 .  ? 9.265   -10.801 0.934   1.00 24.82 ? 171 HOH A O     1 
HETATM 472 O  O     . HOH F 3 .  ? -3.202  -3.917  -12.551 1.00 28.83 ? 176 HOH A O     1 
HETATM 473 O  O     . HOH F 3 .  ? 10.811  -7.207  0.133   1.00 26.34 ? 179 HOH A O     1 
HETATM 474 O  O     . HOH F 3 .  ? -6.649  -3.449  -9.303  1.00 28.01 ? 180 HOH A O     1 
HETATM 475 O  O     . HOH F 3 .  ? 0.287   6.438   -13.492 1.00 26.20 ? 181 HOH A O     1 
HETATM 476 O  O     . HOH F 3 .  ? 10.962  -4.567  7.410   1.00 26.70 ? 182 HOH A O     1 
HETATM 477 O  O     . HOH F 3 .  ? 2.558   0.177   -4.940  1.00 20.83 ? 183 HOH A O     1 
HETATM 478 O  O     . HOH F 3 .  ? 11.150  -6.049  5.028   1.00 17.69 ? 184 HOH A O     1 
HETATM 479 O  O     . HOH F 3 .  ? 7.371   9.588   7.611   1.00 24.64 ? 185 HOH A O     1 
HETATM 480 O  O     . HOH F 3 .  ? -7.857  -0.339  -12.280 1.00 25.63 ? 186 HOH A O     1 
HETATM 481 O  O     . HOH F 3 .  ? 5.616   -4.070  1.936   1.00 30.01 ? 187 HOH A O     1 
HETATM 482 O  O     . HOH F 3 .  ? 3.416   10.017  11.440  1.00 30.59 ? 189 HOH A O     1 
HETATM 483 O  O     . HOH F 3 .  ? 7.774   -1.107  1.549   1.00 24.99 ? 190 HOH A O     1 
HETATM 484 O  O     . HOH F 3 .  ? 1.016   -7.878  -11.499 1.00 28.04 ? 194 HOH A O     1 
HETATM 485 O  O     . HOH F 3 .  ? 2.452   5.492   7.043   1.00 22.90 ? 195 HOH A O     1 
HETATM 486 O  O     . HOH F 3 .  ? -4.230  -3.752  -13.866 1.00 29.09 ? 196 HOH A O     1 
HETATM 487 O  O     . HOH F 3 .  ? -0.568  0.635   6.382   1.00 20.32 ? 198 HOH A O     1 
HETATM 488 O  O     . HOH F 3 .  ? 3.380   4.042   -12.354 1.00 19.11 ? 199 HOH A O     1 
HETATM 489 O  O     . HOH F 3 .  ? 12.649  -0.799  5.610   1.00 23.87 ? 205 HOH A O     1 
HETATM 490 O  O     . HOH F 3 .  ? 3.302   -5.242  -3.386  1.00 31.91 ? 209 HOH A O     1 
HETATM 491 O  O     . HOH F 3 .  ? 0.523   3.547   7.475   1.00 23.86 ? 211 HOH A O     1 
HETATM 492 O  O     . HOH F 3 .  ? -5.899  1.985   -5.005  1.00 29.20 ? 212 HOH A O     1 
HETATM 493 O  O     . HOH F 3 .  ? 8.771   -10.730 -3.216  1.00 28.28 ? 215 HOH A O     1 
HETATM 494 O  O     . HOH F 3 .  ? 6.677   -10.505 -3.857  1.00 26.51 ? 219 HOH A O     1 
HETATM 495 O  O     . HOH F 3 .  ? -2.108  -0.335  -8.844  1.00 28.03 ? 221 HOH A O     1 
HETATM 496 O  O     . HOH F 3 .  ? -0.171  1.374   -12.082 1.00 23.16 ? 224 HOH A O     1 
HETATM 497 O  O     . HOH F 3 .  ? 7.481   0.433   2.940   1.00 26.94 ? 226 HOH A O     1 
HETATM 498 O  O     . HOH F 3 .  ? -6.540  -0.027  -13.179 1.00 29.53 ? 231 HOH A O     1 
HETATM 499 O  O     . HOH F 3 .  ? 6.338   -8.789  -7.153  1.00 30.52 ? 234 HOH A O     1 
HETATM 500 O  O     . HOH F 3 .  ? -0.463  3.932   -11.936 1.00 29.59 ? 238 HOH A O     1 
HETATM 501 O  O     . HOH F 3 .  ? 6.304   2.432   12.973  1.00 30.83 ? 240 HOH A O     1 
HETATM 502 O  O     . HOH F 3 .  ? -6.486  -0.208  -15.020 1.00 28.95 ? 244 HOH A O     1 
HETATM 503 O  O     . HOH F 3 .  ? 0.158   -2.167  -10.177 1.00 25.34 ? 254 HOH A O     1 
HETATM 504 O  O     . HOH F 3 .  ? 10.900  3.224   3.445   1.00 31.42 ? 255 HOH A O     1 
HETATM 505 O  O     . HOH F 3 .  ? -4.709  6.803   -16.568 1.00 28.77 ? 257 HOH A O     1 
HETATM 506 O  O     . HOH F 3 .  ? 3.840   11.159  -7.559  1.00 27.76 ? 258 HOH A O     1 
HETATM 507 O  O     . HOH F 3 .  ? -0.622  6.002   9.739   1.00 27.15 ? 261 HOH A O     1 
HETATM 508 O  O     . HOH F 3 .  ? -8.314  -4.348  -16.528 1.00 27.51 ? 267 HOH A O     1 
HETATM 509 O  O     . HOH F 3 .  ? 1.463   3.773   13.658  1.00 29.48 ? 268 HOH A O     1 
HETATM 510 O  O     . HOH F 3 .  ? -5.716  -3.602  -14.608 1.00 28.29 ? 269 HOH A O     1 
HETATM 511 O  O     . HOH F 3 .  ? 3.383   0.056   -6.729  1.00 30.02 ? 271 HOH A O     1 
HETATM 512 O  O     . HOH F 3 .  ? -3.799  10.201  -10.237 1.00 28.95 ? 272 HOH A O     1 
HETATM 513 O  O     . HOH F 3 .  ? -6.377  7.226   -16.794 1.00 30.25 ? 273 HOH A O     1 
HETATM 514 O  O     . HOH F 3 .  ? -4.528  -6.820  -1.114  1.00 29.19 ? 274 HOH A O     1 
HETATM 515 O  O     . HOH F 3 .  ? 7.502   5.788   4.468   1.00 28.16 ? 275 HOH A O     1 
HETATM 516 O  O     . HOH F 3 .  ? -1.658  -9.527  -11.230 1.00 26.77 ? 277 HOH A O     1 
HETATM 517 O  O     . HOH F 3 .  ? -8.576  -8.436  -11.591 1.00 29.82 ? 278 HOH A O     1 
HETATM 518 O  O     . HOH F 3 .  ? -0.789  5.314   -14.145 1.00 28.65 ? 279 HOH A O     1 
HETATM 519 O  O     . HOH F 3 .  ? 0.562   -4.786  -6.115  1.00 26.17 ? 281 HOH A O     1 
HETATM 520 O  O     . HOH F 3 .  ? 4.017   -6.193  6.388   1.00 30.74 ? 282 HOH A O     1 
HETATM 521 O  O     . HOH F 3 .  ? -0.068  -8.378  0.116   1.00 27.96 ? 284 HOH A O     1 
HETATM 522 O  O     . HOH F 3 .  ? 5.074   10.426  7.309   1.00 26.99 ? 287 HOH A O     1 
HETATM 523 O  O     . HOH F 3 .  ? -2.574  1.645   -15.499 1.00 27.92 ? 290 HOH A O     1 
HETATM 524 O  O     . HOH F 3 .  ? 5.395   -9.824  -7.681  1.00 25.08 ? 291 HOH A O     1 
HETATM 525 O  O     . HOH G 3 .  ? -6.582  5.023   -4.599  1.00 9.58  ? 24  HOH B O     1 
HETATM 526 O  O     . HOH G 3 .  ? -7.089  0.176   4.560   1.00 14.63 ? 110 HOH B O     1 
HETATM 527 O  O     . HOH G 3 .  ? -3.794  -8.896  0.768   1.00 12.84 ? 113 HOH B O     1 
HETATM 528 O  O     . HOH G 3 .  ? -4.694  -0.990  4.894   1.00 12.79 ? 115 HOH B O     1 
HETATM 529 O  O     . HOH G 3 .  ? -1.294  3.901   1.422   1.00 15.70 ? 116 HOH B O     1 
HETATM 530 O  O     . HOH G 3 .  ? -12.520 -3.716  0.993   1.00 17.16 ? 119 HOH B O     1 
HETATM 531 O  O     . HOH G 3 .  ? 9.490   11.999  1.374   1.00 21.42 ? 123 HOH B O     1 
HETATM 532 O  O     . HOH G 3 .  ? -10.247 -9.534  -1.560  1.00 27.89 ? 127 HOH B O     1 
HETATM 533 O  O     . HOH G 3 .  ? -1.145  10.396  -5.169  1.00 18.37 ? 128 HOH B O     1 
HETATM 534 O  O     . HOH G 3 .  ? 13.616  3.365   -6.303  1.00 25.00 ? 129 HOH B O     1 
HETATM 535 O  O     . HOH G 3 .  ? -2.145  -3.078  13.130  1.00 25.37 ? 131 HOH B O     1 
HETATM 536 O  O     . HOH G 3 .  ? 3.713   2.490   -5.522  1.00 20.28 ? 133 HOH B O     1 
HETATM 537 O  O     . HOH G 3 .  ? -1.508  6.230   2.022   1.00 15.41 ? 135 HOH B O     1 
HETATM 538 O  O     . HOH G 3 .  ? -5.280  -2.616  9.373   1.00 26.31 ? 136 HOH B O     1 
HETATM 539 O  O     . HOH G 3 .  ? -6.094  -6.209  -1.162  1.00 17.51 ? 137 HOH B O     1 
HETATM 540 O  O     . HOH G 3 .  ? 2.394   -10.918 17.324  1.00 19.58 ? 138 HOH B O     1 
HETATM 541 O  O     . HOH G 3 .  ? 5.699   -9.835  16.681  1.00 22.57 ? 140 HOH B O     1 
HETATM 542 O  O     . HOH G 3 .  ? -6.940  -3.824  -2.794  1.00 29.79 ? 142 HOH B O     1 
HETATM 543 O  O     . HOH G 3 .  ? -3.416  -2.985  10.009  1.00 20.41 ? 144 HOH B O     1 
HETATM 544 O  O     . HOH G 3 .  ? -7.071  -12.186 8.000   1.00 27.66 ? 153 HOH B O     1 
HETATM 545 O  O     . HOH G 3 .  ? -3.019  0.828   5.676   1.00 24.28 ? 155 HOH B O     1 
HETATM 546 O  O     . HOH G 3 .  ? 5.073   6.745   -0.409  1.00 25.01 ? 157 HOH B O     1 
HETATM 547 O  O     . HOH G 3 .  ? -10.130 5.357   4.016   1.00 25.81 ? 159 HOH B O     1 
HETATM 548 O  O     . HOH G 3 .  ? 13.308  8.059   -6.310  1.00 29.04 ? 160 HOH B O     1 
HETATM 549 O  O     . HOH G 3 .  ? 9.878   9.612   2.240   1.00 29.13 ? 162 HOH B O     1 
HETATM 550 O  O     . HOH G 3 .  ? 2.925   1.894   -4.014  1.00 29.81 ? 165 HOH B O     1 
HETATM 551 O  O     . HOH G 3 .  ? -11.194 -8.724  5.421   1.00 28.82 ? 168 HOH B O     1 
HETATM 552 O  O     . HOH G 3 .  ? -0.191  6.667   3.979   1.00 28.55 ? 170 HOH B O     1 
HETATM 553 O  O     . HOH G 3 .  ? -6.449  -10.266 0.908   1.00 19.21 ? 172 HOH B O     1 
HETATM 554 O  O     . HOH G 3 .  ? 0.886   -12.722 13.788  1.00 25.83 ? 173 HOH B O     1 
HETATM 555 O  O     . HOH G 3 .  ? -5.188  12.524  -0.043  1.00 21.74 ? 174 HOH B O     1 
HETATM 556 O  O     . HOH G 3 .  ? -6.364  -1.238  6.924   1.00 27.96 ? 175 HOH B O     1 
HETATM 557 O  O     . HOH G 3 .  ? -5.952  10.782  3.001   1.00 26.90 ? 177 HOH B O     1 
HETATM 558 O  O     . HOH G 3 .  ? -8.044  -8.286  -0.028  1.00 15.72 ? 178 HOH B O     1 
HETATM 559 O  O     . HOH G 3 .  ? 3.418   6.581   -0.321  1.00 26.75 ? 188 HOH B O     1 
HETATM 560 O  O     . HOH G 3 .  ? 1.508   2.424   -0.574  1.00 24.60 ? 191 HOH B O     1 
HETATM 561 O  O     . HOH G 3 .  ? 6.926   3.774   -13.133 1.00 28.25 ? 192 HOH B O     1 
HETATM 562 O  O     . HOH G 3 .  ? -0.118  -7.637  4.835   1.00 29.14 ? 193 HOH B O     1 
HETATM 563 O  O     . HOH G 3 .  ? -12.034 -9.786  -1.336  1.00 28.26 ? 197 HOH B O     1 
HETATM 564 O  O     . HOH G 3 .  ? -11.013 -10.384 5.730   1.00 28.68 ? 200 HOH B O     1 
HETATM 565 O  O     . HOH G 3 .  ? -5.980  -5.047  10.505  1.00 29.67 ? 201 HOH B O     1 
HETATM 566 O  O     . HOH G 3 .  ? -1.541  0.111   4.031   1.00 20.82 ? 202 HOH B O     1 
HETATM 567 O  O     . HOH G 3 .  ? -8.653  -10.171 6.988   1.00 30.36 ? 203 HOH B O     1 
HETATM 568 O  O     . HOH G 3 .  ? 4.624   4.392   -2.938  1.00 20.24 ? 204 HOH B O     1 
HETATM 569 O  O     . HOH G 3 .  ? -7.087  -3.354  6.908   1.00 25.37 ? 206 HOH B O     1 
HETATM 570 O  O     . HOH G 3 .  ? 2.007   10.822  3.611   1.00 30.77 ? 207 HOH B O     1 
HETATM 571 O  O     . HOH G 3 .  ? -3.455  -5.845  12.448  1.00 26.94 ? 208 HOH B O     1 
HETATM 572 O  O     . HOH G 3 .  ? -11.431 -4.708  6.988   1.00 26.47 ? 210 HOH B O     1 
HETATM 573 O  O     . HOH G 3 .  ? -7.427  -2.765  3.723   1.00 30.51 ? 213 HOH B O     1 
HETATM 574 O  O     . HOH G 3 .  ? -9.273  -10.728 8.613   1.00 23.92 ? 214 HOH B O     1 
HETATM 575 O  O     . HOH G 3 .  ? -6.964  -4.412  1.000   1.00 30.09 ? 216 HOH B O     1 
HETATM 576 O  O     . HOH G 3 .  ? -13.375 -9.384  1.290   1.00 28.68 ? 217 HOH B O     1 
HETATM 577 O  O     . HOH G 3 .  ? -4.127  -7.526  4.742   1.00 30.38 ? 218 HOH B O     1 
HETATM 578 O  O     . HOH G 3 .  ? -3.384  5.225   2.540   1.00 28.71 ? 220 HOH B O     1 
HETATM 579 O  O     . HOH G 3 .  ? -13.912 -6.384  2.498   1.00 29.57 ? 222 HOH B O     1 
HETATM 580 O  O     . HOH G 3 .  ? -0.085  -6.040  4.803   1.00 28.83 ? 223 HOH B O     1 
HETATM 581 O  O     . HOH G 3 .  ? 0.837   1.045   -0.562  1.00 26.72 ? 225 HOH B O     1 
HETATM 582 O  O     . HOH G 3 .  ? -11.490 -4.576  3.252   1.00 30.94 ? 227 HOH B O     1 
HETATM 583 O  O     . HOH G 3 .  ? -13.985 -9.233  -1.708  1.00 27.23 ? 228 HOH B O     1 
HETATM 584 O  O     . HOH G 3 .  ? -13.834 -6.222  -0.020  1.00 32.69 ? 229 HOH B O     1 
HETATM 585 O  O     . HOH G 3 .  ? 7.919   3.629   -11.084 1.00 29.06 ? 230 HOH B O     1 
HETATM 586 O  O     . HOH G 3 .  ? 6.244   3.066   -4.582  1.00 24.76 ? 232 HOH B O     1 
HETATM 587 O  O     . HOH G 3 .  ? 2.232   12.913  0.144   1.00 30.79 ? 233 HOH B O     1 
HETATM 588 O  O     . HOH G 3 .  ? -12.699 -9.087  5.034   1.00 28.83 ? 235 HOH B O     1 
HETATM 589 O  O     . HOH G 3 .  ? 2.009   13.141  2.514   1.00 29.31 ? 236 HOH B O     1 
HETATM 590 O  O     . HOH G 3 .  ? -4.787  3.602   -3.826  1.00 28.83 ? 237 HOH B O     1 
HETATM 591 O  O     . HOH G 3 .  ? 10.820  10.043  0.327   1.00 27.32 ? 239 HOH B O     1 
HETATM 592 O  O     . HOH G 3 .  ? -13.803 -7.186  4.886   1.00 29.77 ? 241 HOH B O     1 
HETATM 593 O  O     . HOH G 3 .  ? -4.477  -3.941  8.449   1.00 29.60 ? 242 HOH B O     1 
HETATM 594 O  O     . HOH G 3 .  ? -4.651  -4.433  12.196  1.00 28.21 ? 243 HOH B O     1 
HETATM 595 O  O     . HOH G 3 .  ? 8.574   3.865   -4.226  1.00 28.42 ? 245 HOH B O     1 
HETATM 596 O  O     . HOH G 3 .  ? 4.623   10.872  2.421   1.00 26.52 ? 246 HOH B O     1 
HETATM 597 O  O     . HOH G 3 .  ? -9.229  -7.786  10.597  1.00 27.46 ? 247 HOH B O     1 
HETATM 598 O  O     . HOH G 3 .  ? 3.593   6.851   2.089   1.00 28.38 ? 248 HOH B O     1 
HETATM 599 O  O     . HOH G 3 .  ? 14.535  4.446   -4.435  1.00 28.63 ? 249 HOH B O     1 
HETATM 600 O  O     . HOH G 3 .  ? -6.373  -10.672 13.299  1.00 21.06 ? 250 HOH B O     1 
HETATM 601 O  O     . HOH G 3 .  ? -1.886  13.828  1.882   1.00 25.48 ? 251 HOH B O     1 
HETATM 602 O  O     . HOH G 3 .  ? -1.071  -6.116  13.917  1.00 27.01 ? 252 HOH B O     1 
HETATM 603 O  O     . HOH G 3 .  ? -5.103  -11.994 13.433  1.00 33.60 ? 253 HOH B O     1 
HETATM 604 O  O     . HOH G 3 .  ? 5.413   -1.152  14.445  1.00 27.95 ? 256 HOH B O     1 
HETATM 605 O  O     . HOH G 3 .  ? -9.495  -2.439  7.362   1.00 29.44 ? 259 HOH B O     1 
HETATM 606 O  O     . HOH G 3 .  ? -13.177 -4.532  3.672   1.00 26.28 ? 260 HOH B O     1 
HETATM 607 O  O     . HOH G 3 .  ? -3.251  12.750  2.522   1.00 28.68 ? 262 HOH B O     1 
HETATM 608 O  O     . HOH G 3 .  ? 9.793   2.962   -9.354  1.00 27.31 ? 263 HOH B O     1 
HETATM 609 O  O     . HOH G 3 .  ? -14.412 -10.264 2.871   1.00 26.67 ? 264 HOH B O     1 
HETATM 610 O  O     . HOH G 3 .  ? 7.329   8.224   3.522   1.00 29.77 ? 265 HOH B O     1 
HETATM 611 O  O     . HOH G 3 .  ? -10.996 -0.432  2.910   1.00 29.66 ? 266 HOH B O     1 
HETATM 612 O  O     . HOH G 3 .  ? 11.766  7.771   3.087   1.00 30.86 ? 270 HOH B O     1 
HETATM 613 O  O     . HOH G 3 .  ? -5.671  -2.873  6.207   1.00 30.52 ? 276 HOH B O     1 
HETATM 614 O  O     . HOH G 3 .  ? -11.153 4.355   0.345   1.00 29.42 ? 280 HOH B O     1 
HETATM 615 O  O     . HOH G 3 .  ? -14.446 -10.706 -2.235  1.00 26.76 ? 285 HOH B O     1 
HETATM 616 O  O     . HOH G 3 .  ? -7.032  1.059   -2.273  1.00 29.15 ? 286 HOH B O     1 
HETATM 617 O  O     . HOH G 3 .  ? 5.483   7.677   -1.999  1.00 29.88 ? 288 HOH B O     1 
HETATM 618 O  O     . HOH G 3 .  ? -5.957  -3.925  5.166   1.00 26.33 ? 289 HOH B O     1 
HETATM 619 O  O     . HOH G 3 .  ? -7.078  -7.486  -0.886  1.00 26.75 ? 292 HOH B O     1 
# 
